data_8V5A
#
_entry.id   8V5A
#
_cell.length_a   1.00
_cell.length_b   1.00
_cell.length_c   1.00
_cell.angle_alpha   90.00
_cell.angle_beta   90.00
_cell.angle_gamma   90.00
#
_symmetry.space_group_name_H-M   'P 1'
#
loop_
_entity.id
_entity.type
_entity.pdbx_description
1 polymer 'Fusion glycoprotein F0'
2 polymer 'Camelid nanobody 4C06'
#
loop_
_entity_poly.entity_id
_entity_poly.type
_entity_poly.pdbx_seq_one_letter_code
_entity_poly.pdbx_strand_id
1 'polypeptide(L)'
;MPISILLIITTMIMASHCQIDITKLQHVGVLVNSPKGMKIPQNFETRYLILSLIPKIEDSNSCGDQQIKQYKRLLDRLII
PLYDGLRLMKDVIVTNQESNENTDPRTERFFGGVIGTIALGVATSAQITAAVALVEAKQARSDIEKLKEAIRDTNKAVQS
VQSSVGPPIVAIKSVQDYVNKEIVPSIARLGCEAAGLQLGIALTQHYSELTNIFGDNIGSLIEKGIKLQGIASLYRTNIT
EIFTTSTVDKYDIYDLLFTESIKVRVIDVDLNDYSITLQVRLPLLTRLLNTQIYKVDSISYNIQNREWYIPLPSHIMTKG
AFLGGADVKECIEAPSSYICPSDPGFVLNHEMESCLSGNISQCPRTTVTSDIVPRYAFVNGGVVANCITTTCTCNGIGNR
INQPPDQGVKIITHKECNTIGINGMLFNTNKEGTLAFYTPDDITLNNSVALNPIDISIELNKAKSDLEEVKEWIRRVNQK
LDSIGSGEPEA
;
A,B,C
2 'polypeptide(L)'
;EVQLVESGGGLVQPGGSLRLSCSASGSLSTIKALGWYRRAPGRERELVASITSAGETNYADSAKGRFTVSTDNAKNTVDL
RMNSLKPEDTAVYYCYAESFVLNIYWGQGTQVTVSSG
;
Y,W,U
#
# COMPACT_ATOMS: atom_id res chain seq x y z
N GLN A 19 -11.53 29.94 17.32
CA GLN A 19 -11.07 28.60 17.63
C GLN A 19 -12.23 27.60 17.64
N ILE A 20 -11.92 26.35 17.95
CA ILE A 20 -12.94 25.30 17.92
C ILE A 20 -13.96 25.54 19.02
N ASP A 21 -15.23 25.34 18.67
CA ASP A 21 -16.34 25.40 19.63
C ASP A 21 -16.74 23.98 20.03
N ILE A 22 -15.81 23.34 20.76
CA ILE A 22 -15.91 21.92 21.10
C ILE A 22 -17.27 21.57 21.71
N THR A 23 -17.78 22.39 22.61
CA THR A 23 -19.06 22.09 23.26
C THR A 23 -20.22 22.04 22.28
N LYS A 24 -20.22 22.86 21.24
CA LYS A 24 -21.31 22.84 20.26
C LYS A 24 -21.10 21.76 19.22
N LEU A 25 -19.86 21.47 18.87
CA LEU A 25 -19.56 20.40 17.92
C LEU A 25 -20.02 19.06 18.42
N GLN A 26 -20.07 18.85 19.74
CA GLN A 26 -20.59 17.60 20.29
C GLN A 26 -22.04 17.35 19.87
N HIS A 27 -22.83 18.41 19.64
CA HIS A 27 -24.23 18.23 19.29
C HIS A 27 -24.45 17.63 17.91
N VAL A 28 -23.41 17.51 17.10
CA VAL A 28 -23.47 16.82 15.82
C VAL A 28 -22.55 15.60 15.81
N GLY A 29 -22.20 15.12 16.99
CA GLY A 29 -21.33 13.97 17.13
C GLY A 29 -19.89 14.20 16.75
N VAL A 30 -19.46 15.44 16.60
CA VAL A 30 -18.07 15.76 16.29
C VAL A 30 -17.35 15.96 17.62
N LEU A 31 -16.44 15.06 17.96
CA LEU A 31 -15.79 15.01 19.25
C LEU A 31 -14.32 15.42 19.13
N VAL A 32 -14.09 16.73 19.16
CA VAL A 32 -12.75 17.28 19.12
C VAL A 32 -12.05 17.02 20.45
N ASN A 33 -10.86 16.41 20.40
CA ASN A 33 -10.28 15.85 21.60
C ASN A 33 -8.76 15.86 21.48
N SER A 34 -8.10 15.59 22.60
CA SER A 34 -6.66 15.39 22.75
C SER A 34 -5.79 16.47 22.12
N PRO A 35 -5.82 17.71 22.64
CA PRO A 35 -4.91 18.74 22.12
C PRO A 35 -3.46 18.39 22.42
N LYS A 36 -2.63 18.41 21.38
CA LYS A 36 -1.21 18.18 21.53
C LYS A 36 -0.46 19.29 20.81
N GLY A 37 0.68 19.68 21.36
CA GLY A 37 1.51 20.67 20.71
C GLY A 37 2.16 20.07 19.47
N MET A 38 3.00 20.87 18.82
CA MET A 38 3.66 20.41 17.62
C MET A 38 5.12 20.83 17.61
N LYS A 39 5.99 19.92 17.25
CA LYS A 39 7.42 20.16 17.21
C LYS A 39 7.89 20.09 15.76
N ILE A 40 8.65 21.09 15.34
CA ILE A 40 9.16 21.13 13.98
C ILE A 40 10.67 21.28 14.03
N PRO A 41 11.42 20.57 13.19
CA PRO A 41 12.85 20.81 13.12
C PRO A 41 13.13 22.12 12.40
N GLN A 42 13.43 23.15 13.19
CA GLN A 42 13.81 24.44 12.61
C GLN A 42 15.08 24.33 11.80
N ASN A 43 15.95 23.37 12.13
CA ASN A 43 17.21 23.21 11.44
C ASN A 43 17.64 21.76 11.55
N PHE A 44 18.60 21.38 10.72
CA PHE A 44 19.18 20.05 10.74
C PHE A 44 20.69 20.14 10.85
N GLU A 45 21.26 19.41 11.80
CA GLU A 45 22.69 19.16 11.85
C GLU A 45 23.05 18.08 10.84
N THR A 46 23.93 18.41 9.89
CA THR A 46 24.32 17.40 8.92
C THR A 46 25.49 16.57 9.38
N ARG A 47 25.49 15.32 8.95
CA ARG A 47 26.55 14.34 9.18
C ARG A 47 26.61 13.48 7.95
N TYR A 48 27.77 12.89 7.70
CA TYR A 48 27.98 12.08 6.52
C TYR A 48 28.20 10.63 6.89
N LEU A 49 27.63 9.75 6.08
CA LEU A 49 27.67 8.32 6.29
C LEU A 49 28.07 7.70 4.97
N ILE A 50 29.14 6.91 4.96
CA ILE A 50 29.64 6.29 3.75
C ILE A 50 29.43 4.79 3.84
N LEU A 51 28.51 4.28 3.02
CA LEU A 51 28.24 2.85 2.91
C LEU A 51 29.25 2.26 1.95
N SER A 52 30.27 1.59 2.48
CA SER A 52 31.27 0.91 1.67
C SER A 52 30.82 -0.53 1.46
N LEU A 53 30.26 -0.81 0.30
CA LEU A 53 29.43 -2.00 0.11
C LEU A 53 30.24 -3.29 -0.02
N ILE A 54 31.54 -3.21 -0.20
CA ILE A 54 32.39 -4.39 -0.36
C ILE A 54 33.15 -4.65 0.92
N PRO A 55 33.02 -5.83 1.54
CA PRO A 55 33.84 -6.16 2.70
C PRO A 55 35.21 -6.66 2.31
N LYS A 56 36.20 -6.30 3.12
CA LYS A 56 37.56 -6.80 2.90
C LYS A 56 37.69 -8.21 3.45
N ILE A 57 38.46 -9.04 2.77
CA ILE A 57 38.71 -10.40 3.20
C ILE A 57 40.18 -10.51 3.60
N GLU A 58 40.46 -11.49 4.45
CA GLU A 58 41.80 -11.69 5.00
C GLU A 58 42.34 -13.08 4.75
N ASP A 59 41.79 -13.80 3.77
CA ASP A 59 42.23 -15.16 3.48
C ASP A 59 43.67 -15.22 2.96
N SER A 60 44.22 -14.10 2.51
CA SER A 60 45.57 -13.99 1.95
C SER A 60 45.78 -14.85 0.71
N ASN A 61 44.69 -15.33 0.09
CA ASN A 61 44.82 -16.14 -1.11
C ASN A 61 43.69 -15.91 -2.11
N SER A 62 42.84 -14.91 -1.88
CA SER A 62 41.72 -14.57 -2.77
C SER A 62 40.72 -15.71 -2.91
N CYS A 63 40.45 -16.41 -1.81
CA CYS A 63 39.42 -17.45 -1.85
C CYS A 63 38.03 -16.84 -1.99
N GLY A 64 37.76 -15.77 -1.25
CA GLY A 64 36.46 -15.13 -1.28
C GLY A 64 36.16 -14.33 -2.53
N ASP A 65 37.16 -14.09 -3.37
CA ASP A 65 36.99 -13.28 -4.58
C ASP A 65 35.85 -13.77 -5.47
N GLN A 66 35.64 -15.08 -5.56
CA GLN A 66 34.59 -15.59 -6.43
C GLN A 66 33.20 -15.13 -6.01
N GLN A 67 32.93 -15.09 -4.71
CA GLN A 67 31.62 -14.62 -4.26
C GLN A 67 31.54 -13.11 -4.24
N ILE A 68 32.68 -12.46 -4.03
CA ILE A 68 32.74 -11.00 -4.14
C ILE A 68 32.43 -10.55 -5.55
N LYS A 69 32.99 -11.23 -6.55
CA LYS A 69 32.71 -10.85 -7.94
C LYS A 69 31.22 -10.98 -8.27
N GLN A 70 30.59 -12.09 -7.90
CA GLN A 70 29.16 -12.22 -8.19
C GLN A 70 28.33 -11.24 -7.38
N TYR A 71 28.77 -10.88 -6.17
CA TYR A 71 28.03 -9.89 -5.39
C TYR A 71 28.16 -8.50 -5.99
N LYS A 72 29.36 -8.13 -6.47
CA LYS A 72 29.54 -6.94 -7.29
C LYS A 72 28.63 -6.96 -8.50
N ARG A 73 28.51 -8.11 -9.15
CA ARG A 73 27.60 -8.28 -10.28
C ARG A 73 26.13 -8.19 -9.88
N LEU A 74 25.81 -8.37 -8.60
CA LEU A 74 24.47 -8.05 -8.14
C LEU A 74 24.31 -6.59 -7.79
N LEU A 75 25.28 -6.00 -7.09
CA LEU A 75 25.22 -4.58 -6.72
C LEU A 75 24.98 -3.68 -7.92
N ASP A 76 25.56 -4.04 -9.08
CA ASP A 76 25.28 -3.33 -10.32
C ASP A 76 23.78 -3.11 -10.53
N ARG A 77 22.94 -4.08 -10.17
CA ARG A 77 21.51 -3.95 -10.44
C ARG A 77 20.85 -2.86 -9.61
N LEU A 78 21.55 -2.28 -8.65
CA LEU A 78 21.02 -1.24 -7.78
C LEU A 78 21.90 -0.01 -7.79
N ILE A 79 23.21 -0.19 -7.82
CA ILE A 79 24.13 0.93 -7.76
C ILE A 79 24.18 1.66 -9.08
N ILE A 80 24.06 0.97 -10.21
CA ILE A 80 24.06 1.66 -11.51
C ILE A 80 22.76 2.45 -11.68
N PRO A 81 21.56 1.88 -11.44
CA PRO A 81 20.38 2.76 -11.42
C PRO A 81 20.46 3.93 -10.45
N LEU A 82 21.05 3.72 -9.27
CA LEU A 82 21.18 4.80 -8.31
C LEU A 82 22.14 5.89 -8.79
N TYR A 83 23.25 5.49 -9.41
CA TYR A 83 24.19 6.46 -9.97
C TYR A 83 23.58 7.23 -11.13
N ASP A 84 22.93 6.51 -12.05
CA ASP A 84 22.27 7.17 -13.17
C ASP A 84 21.15 8.10 -12.71
N GLY A 85 20.45 7.76 -11.63
CA GLY A 85 19.51 8.69 -11.03
C GLY A 85 20.17 9.92 -10.45
N LEU A 86 21.28 9.73 -9.73
CA LEU A 86 21.97 10.87 -9.13
C LEU A 86 22.55 11.82 -10.15
N ARG A 87 23.01 11.32 -11.29
CA ARG A 87 23.56 12.20 -12.33
C ARG A 87 22.51 13.16 -12.88
N LEU A 88 21.23 12.79 -12.86
CA LEU A 88 20.19 13.75 -13.22
C LEU A 88 20.10 14.92 -12.25
N MET A 89 20.52 14.74 -11.00
CA MET A 89 20.57 15.86 -10.07
C MET A 89 21.72 16.80 -10.34
N LYS A 90 22.59 16.49 -11.30
CA LYS A 90 23.49 17.48 -11.87
C LYS A 90 22.74 18.34 -12.88
N ASP A 91 21.77 19.12 -12.37
CA ASP A 91 21.01 20.07 -13.16
C ASP A 91 21.28 21.51 -12.76
N VAL A 92 22.22 21.73 -11.85
CA VAL A 92 22.87 23.02 -11.63
C VAL A 92 24.30 22.90 -12.16
N ILE A 93 24.68 23.78 -13.07
CA ILE A 93 25.95 23.66 -13.77
C ILE A 93 26.93 24.63 -13.14
N VAL A 94 28.10 24.12 -12.76
CA VAL A 94 29.18 24.96 -12.26
C VAL A 94 30.50 24.48 -12.87
N THR A 107 30.06 34.43 -7.22
CA THR A 107 30.15 33.03 -7.59
C THR A 107 29.82 32.14 -6.40
N GLU A 108 29.78 30.83 -6.65
CA GLU A 108 29.95 29.84 -5.60
C GLU A 108 31.19 30.18 -4.79
N ARG A 109 31.22 29.72 -3.52
CA ARG A 109 32.24 29.99 -2.50
C ARG A 109 32.15 31.39 -1.93
N PHE A 110 31.11 32.17 -2.26
CA PHE A 110 30.91 33.49 -1.69
C PHE A 110 29.48 33.62 -1.19
N PHE A 111 29.34 34.19 0.01
CA PHE A 111 28.04 34.30 0.67
C PHE A 111 27.10 35.21 -0.12
N GLY A 112 25.95 34.67 -0.48
CA GLY A 112 25.04 35.35 -1.38
C GLY A 112 25.51 35.42 -2.81
N GLY A 113 26.49 34.61 -3.17
CA GLY A 113 26.87 34.47 -4.57
C GLY A 113 26.01 33.49 -5.31
N VAL A 114 26.26 33.42 -6.62
CA VAL A 114 25.47 32.58 -7.51
C VAL A 114 25.75 31.12 -7.21
N ILE A 115 24.70 30.32 -7.03
CA ILE A 115 24.88 28.90 -6.75
C ILE A 115 25.43 28.20 -7.98
N GLY A 116 24.88 28.50 -9.14
CA GLY A 116 25.40 27.95 -10.37
C GLY A 116 24.50 28.35 -11.53
N THR A 117 24.88 27.90 -12.71
CA THR A 117 24.11 28.14 -13.91
C THR A 117 23.02 27.09 -14.04
N ILE A 118 21.87 27.51 -14.54
CA ILE A 118 20.78 26.57 -14.78
C ILE A 118 21.21 25.64 -15.89
N ALA A 119 20.48 24.56 -16.11
CA ALA A 119 20.79 23.61 -17.17
C ALA A 119 19.67 23.57 -18.19
N LEU A 120 20.01 23.08 -19.38
CA LEU A 120 19.04 22.85 -20.45
C LEU A 120 18.17 21.63 -20.14
N GLY A 121 17.08 21.85 -19.45
CA GLY A 121 16.10 20.81 -19.23
C GLY A 121 14.96 21.38 -18.44
N VAL A 122 14.17 20.53 -17.81
CA VAL A 122 13.18 20.97 -16.84
C VAL A 122 13.55 20.35 -15.49
N ALA A 123 13.57 21.17 -14.45
CA ALA A 123 13.75 20.70 -13.09
C ALA A 123 12.72 21.38 -12.20
N THR A 124 11.91 20.59 -11.51
CA THR A 124 10.92 21.15 -10.60
C THR A 124 11.59 21.61 -9.31
N SER A 125 10.83 22.34 -8.50
CA SER A 125 11.37 22.88 -7.25
C SER A 125 11.93 21.80 -6.34
N ALA A 126 11.35 20.60 -6.34
CA ALA A 126 11.93 19.50 -5.58
C ALA A 126 13.30 19.09 -6.12
N GLN A 127 13.41 19.00 -7.44
CA GLN A 127 14.71 18.70 -8.05
C GLN A 127 15.70 19.82 -7.80
N ILE A 128 15.27 21.06 -7.90
CA ILE A 128 16.16 22.19 -7.63
C ILE A 128 16.65 22.17 -6.19
N THR A 129 15.76 21.89 -5.25
CA THR A 129 16.17 21.77 -3.85
C THR A 129 17.16 20.64 -3.64
N ALA A 130 16.96 19.51 -4.33
CA ALA A 130 17.92 18.42 -4.20
C ALA A 130 19.27 18.75 -4.85
N ALA A 131 19.24 19.43 -6.00
CA ALA A 131 20.49 19.87 -6.62
C ALA A 131 21.24 20.88 -5.77
N VAL A 132 20.52 21.79 -5.11
CA VAL A 132 21.14 22.74 -4.20
C VAL A 132 21.75 22.01 -3.00
N ALA A 133 21.06 20.99 -2.48
CA ALA A 133 21.64 20.21 -1.40
C ALA A 133 22.88 19.47 -1.86
N LEU A 134 22.88 18.95 -3.08
CA LEU A 134 24.07 18.30 -3.63
C LEU A 134 25.24 19.27 -3.80
N VAL A 135 24.98 20.48 -4.29
CA VAL A 135 26.08 21.42 -4.47
C VAL A 135 26.54 21.98 -3.14
N GLU A 136 25.74 21.87 -2.10
CA GLU A 136 26.23 22.20 -0.77
C GLU A 136 27.20 21.15 -0.23
N ALA A 137 26.86 19.87 -0.40
CA ALA A 137 27.70 18.75 -0.03
C ALA A 137 28.92 18.53 -0.92
N LYS A 138 28.93 19.07 -2.14
CA LYS A 138 30.02 18.80 -3.09
C LYS A 138 31.41 19.14 -2.57
N GLN A 139 31.54 20.09 -1.66
CA GLN A 139 32.83 20.40 -1.04
C GLN A 139 33.40 19.24 -0.22
N ALA A 140 32.58 18.28 0.20
CA ALA A 140 33.09 17.09 0.87
C ALA A 140 33.95 16.24 -0.02
N ARG A 141 33.82 16.36 -1.34
CA ARG A 141 34.36 15.38 -2.26
C ARG A 141 35.88 15.30 -2.20
N SER A 142 36.57 16.39 -1.89
CA SER A 142 38.00 16.29 -1.63
C SER A 142 38.30 15.56 -0.32
N ASP A 143 37.45 15.72 0.69
CA ASP A 143 37.64 14.92 1.90
C ASP A 143 37.20 13.49 1.66
N ILE A 144 36.27 13.30 0.74
CA ILE A 144 35.90 11.94 0.33
C ILE A 144 37.10 11.25 -0.29
N GLU A 145 37.78 11.93 -1.21
CA GLU A 145 38.99 11.39 -1.83
C GLU A 145 40.07 11.09 -0.80
N LYS A 146 40.17 11.94 0.23
CA LYS A 146 41.12 11.67 1.30
C LYS A 146 40.74 10.44 2.13
N LEU A 147 39.45 10.31 2.46
CA LEU A 147 38.99 9.23 3.32
C LEU A 147 38.99 7.87 2.62
N LYS A 148 38.54 7.81 1.35
CA LYS A 148 38.49 6.52 0.66
C LYS A 148 39.84 5.84 0.62
N GLU A 149 40.92 6.61 0.63
CA GLU A 149 42.25 6.01 0.72
C GLU A 149 42.40 5.20 2.00
N ALA A 150 41.74 5.64 3.08
CA ALA A 150 41.75 4.84 4.31
C ALA A 150 40.76 3.69 4.24
N ILE A 151 39.49 3.99 3.93
CA ILE A 151 38.44 2.97 3.94
C ILE A 151 38.65 1.86 2.91
N ARG A 152 39.41 2.12 1.84
CA ARG A 152 39.80 1.05 0.95
C ARG A 152 40.64 -0.02 1.63
N ASP A 153 41.43 0.36 2.64
CA ASP A 153 42.36 -0.55 3.27
C ASP A 153 41.83 -1.17 4.56
N THR A 154 41.07 -0.43 5.36
CA THR A 154 40.69 -0.91 6.67
C THR A 154 39.71 -2.07 6.60
N ASN A 155 39.76 -2.91 7.65
CA ASN A 155 38.85 -4.02 7.88
C ASN A 155 37.73 -3.67 8.85
N LYS A 156 37.89 -2.63 9.65
CA LYS A 156 36.96 -2.33 10.73
C LYS A 156 35.58 -1.95 10.20
N ALA A 157 34.54 -2.42 10.90
CA ALA A 157 33.20 -2.40 10.32
C ALA A 157 32.61 -1.00 10.34
N VAL A 158 32.77 -0.29 11.45
CA VAL A 158 32.31 1.09 11.57
C VAL A 158 33.49 1.93 12.03
N GLN A 159 33.78 2.97 11.27
CA GLN A 159 34.98 3.77 11.44
C GLN A 159 34.57 5.23 11.32
N SER A 160 35.20 6.11 12.09
CA SER A 160 34.97 7.54 11.98
C SER A 160 36.30 8.24 11.73
N VAL A 161 36.26 9.25 10.88
CA VAL A 161 37.45 10.00 10.47
C VAL A 161 37.19 11.48 10.75
N GLN A 162 38.15 12.13 11.39
CA GLN A 162 38.02 13.55 11.67
C GLN A 162 38.53 14.36 10.48
N SER A 163 38.22 15.64 10.48
CA SER A 163 38.67 16.52 9.39
C SER A 163 38.81 17.94 9.94
N SER A 164 39.17 18.86 9.04
CA SER A 164 39.14 20.28 9.38
C SER A 164 37.72 20.81 9.54
N VAL A 165 36.77 20.23 8.81
CA VAL A 165 35.36 20.46 9.10
C VAL A 165 34.99 19.84 10.44
N GLY A 166 34.01 20.46 11.10
CA GLY A 166 33.67 20.17 12.47
C GLY A 166 33.36 18.73 12.81
N PRO A 167 32.37 18.13 12.16
CA PRO A 167 31.92 16.80 12.60
C PRO A 167 32.79 15.70 12.03
N PRO A 168 32.98 14.62 12.77
CA PRO A 168 33.51 13.38 12.19
C PRO A 168 32.62 12.83 11.09
N ILE A 169 33.25 12.26 10.07
CA ILE A 169 32.58 11.52 9.02
C ILE A 169 32.77 10.03 9.26
N VAL A 170 31.70 9.27 9.12
CA VAL A 170 31.70 7.86 9.51
C VAL A 170 31.50 6.99 8.27
N ALA A 171 32.15 5.83 8.28
CA ALA A 171 32.08 4.87 7.19
C ALA A 171 31.70 3.51 7.73
N ILE A 172 30.80 2.83 7.05
CA ILE A 172 30.38 1.49 7.41
C ILE A 172 30.76 0.53 6.29
N LYS A 173 31.58 -0.47 6.62
CA LYS A 173 32.00 -1.50 5.69
C LYS A 173 31.08 -2.70 5.91
N SER A 174 30.28 -3.02 4.89
CA SER A 174 28.99 -3.69 5.04
C SER A 174 28.92 -4.84 6.04
N VAL A 175 29.69 -5.91 5.82
CA VAL A 175 29.54 -7.11 6.63
C VAL A 175 30.82 -7.49 7.37
N GLN A 176 31.67 -6.50 7.68
CA GLN A 176 33.01 -6.81 8.18
C GLN A 176 32.99 -7.58 9.49
N ASP A 177 32.04 -7.29 10.40
CA ASP A 177 31.99 -8.08 11.63
C ASP A 177 31.84 -9.56 11.33
N TYR A 178 30.86 -9.90 10.50
CA TYR A 178 30.66 -11.28 10.09
C TYR A 178 31.87 -11.86 9.37
N VAL A 179 32.50 -11.07 8.50
CA VAL A 179 33.67 -11.55 7.76
C VAL A 179 34.85 -11.86 8.67
N ASN A 180 35.26 -10.88 9.48
CA ASN A 180 36.43 -11.09 10.33
C ASN A 180 36.17 -12.06 11.48
N LYS A 181 34.99 -12.03 12.09
CA LYS A 181 34.73 -12.91 13.22
C LYS A 181 34.25 -14.31 12.85
N GLU A 182 33.73 -14.51 11.64
CA GLU A 182 33.22 -15.82 11.27
C GLU A 182 33.88 -16.40 10.04
N ILE A 183 34.01 -15.63 8.97
CA ILE A 183 34.56 -16.14 7.72
C ILE A 183 36.07 -16.24 7.78
N VAL A 184 36.73 -15.28 8.43
CA VAL A 184 38.19 -15.37 8.61
C VAL A 184 38.56 -16.60 9.42
N PRO A 185 37.86 -16.98 10.49
CA PRO A 185 38.17 -18.27 11.12
C PRO A 185 37.82 -19.46 10.22
N SER A 186 36.65 -19.42 9.59
CA SER A 186 36.16 -20.54 8.79
C SER A 186 37.06 -20.86 7.59
N ILE A 187 37.74 -19.87 7.00
CA ILE A 187 38.62 -20.18 5.87
C ILE A 187 39.73 -21.14 6.30
N ALA A 188 40.20 -21.02 7.55
CA ALA A 188 41.19 -21.96 8.07
C ALA A 188 40.53 -23.24 8.56
N ARG A 189 39.46 -23.12 9.35
CA ARG A 189 38.81 -24.27 9.96
C ARG A 189 38.06 -25.14 8.96
N LEU A 190 37.35 -24.55 8.00
CA LEU A 190 36.54 -25.33 7.05
C LEU A 190 37.02 -25.25 5.61
N GLY A 191 37.93 -24.35 5.29
CA GLY A 191 38.44 -24.22 3.94
C GLY A 191 37.62 -23.32 3.04
N CYS A 192 38.15 -23.16 1.82
CA CYS A 192 37.57 -22.26 0.83
C CYS A 192 36.14 -22.61 0.45
N GLU A 193 35.78 -23.90 0.46
CA GLU A 193 34.44 -24.32 0.08
C GLU A 193 33.34 -23.76 0.99
N ALA A 194 33.43 -24.05 2.29
CA ALA A 194 32.42 -23.52 3.21
C ALA A 194 32.53 -22.02 3.38
N ALA A 195 33.76 -21.48 3.45
CA ALA A 195 33.91 -20.04 3.56
C ALA A 195 33.25 -19.34 2.38
N GLY A 196 33.45 -19.90 1.18
CA GLY A 196 32.83 -19.37 -0.01
C GLY A 196 31.32 -19.41 0.05
N LEU A 197 30.75 -20.53 0.50
CA LEU A 197 29.28 -20.58 0.60
C LEU A 197 28.78 -19.58 1.63
N GLN A 198 29.49 -19.44 2.76
CA GLN A 198 29.08 -18.49 3.78
C GLN A 198 29.07 -17.07 3.23
N LEU A 199 30.09 -16.71 2.46
CA LEU A 199 30.11 -15.42 1.80
C LEU A 199 28.95 -15.28 0.83
N GLY A 200 28.75 -16.27 -0.03
CA GLY A 200 27.65 -16.20 -0.99
C GLY A 200 26.32 -15.94 -0.32
N ILE A 201 26.01 -16.70 0.73
CA ILE A 201 24.74 -16.54 1.43
C ILE A 201 24.65 -15.16 2.08
N ALA A 202 25.68 -14.77 2.84
CA ALA A 202 25.61 -13.52 3.58
C ALA A 202 25.53 -12.32 2.64
N LEU A 203 26.32 -12.32 1.57
CA LEU A 203 26.34 -11.21 0.63
C LEU A 203 25.05 -11.14 -0.18
N THR A 204 24.50 -12.26 -0.63
CA THR A 204 23.24 -12.17 -1.36
C THR A 204 22.07 -11.80 -0.44
N GLN A 205 22.12 -12.19 0.84
CA GLN A 205 21.16 -11.65 1.80
C GLN A 205 21.32 -10.13 1.92
N HIS A 206 22.56 -9.66 2.04
CA HIS A 206 22.80 -8.23 2.12
C HIS A 206 22.34 -7.51 0.87
N TYR A 207 22.46 -8.16 -0.29
CA TYR A 207 21.86 -7.64 -1.51
C TYR A 207 20.34 -7.54 -1.42
N SER A 208 19.68 -8.54 -0.84
CA SER A 208 18.23 -8.41 -0.72
C SER A 208 17.85 -7.27 0.24
N GLU A 209 18.63 -7.07 1.28
CA GLU A 209 18.39 -5.94 2.19
C GLU A 209 18.63 -4.60 1.49
N LEU A 210 19.77 -4.47 0.82
CA LEU A 210 20.06 -3.27 0.04
C LEU A 210 18.98 -3.01 -1.01
N THR A 211 18.50 -4.06 -1.66
CA THR A 211 17.45 -3.91 -2.66
C THR A 211 16.16 -3.42 -2.02
N ASN A 212 15.88 -3.87 -0.80
CA ASN A 212 14.71 -3.37 -0.08
C ASN A 212 14.88 -1.91 0.29
N ILE A 213 16.11 -1.44 0.45
CA ILE A 213 16.34 -0.03 0.81
C ILE A 213 16.40 0.88 -0.41
N PHE A 214 17.12 0.49 -1.46
CA PHE A 214 17.54 1.34 -2.55
C PHE A 214 16.77 1.14 -3.85
N GLY A 215 15.97 0.08 -3.97
CA GLY A 215 15.48 -0.31 -5.27
C GLY A 215 14.18 0.33 -5.74
N ASP A 216 13.28 0.63 -4.82
CA ASP A 216 11.98 1.19 -5.17
C ASP A 216 12.01 2.70 -5.31
N ASN A 217 11.28 3.21 -6.32
CA ASN A 217 11.03 4.64 -6.51
C ASN A 217 12.33 5.46 -6.60
N ILE A 218 13.26 4.97 -7.42
CA ILE A 218 14.65 5.44 -7.40
C ILE A 218 14.74 6.95 -7.60
N GLY A 219 13.92 7.51 -8.48
CA GLY A 219 13.94 8.96 -8.65
C GLY A 219 13.47 9.72 -7.43
N SER A 220 12.42 9.25 -6.76
CA SER A 220 12.01 9.85 -5.50
C SER A 220 13.05 9.64 -4.42
N LEU A 221 13.65 8.46 -4.41
CA LEU A 221 14.71 8.13 -3.46
C LEU A 221 15.92 9.02 -3.62
N ILE A 222 16.21 9.46 -4.84
CA ILE A 222 17.29 10.42 -5.05
C ILE A 222 16.83 11.82 -4.66
N GLU A 223 15.63 12.20 -5.10
CA GLU A 223 15.11 13.54 -4.84
C GLU A 223 14.86 13.77 -3.35
N LYS A 224 14.15 12.85 -2.69
CA LYS A 224 13.72 13.05 -1.32
C LYS A 224 14.57 12.32 -0.30
N GLY A 225 15.35 11.33 -0.71
CA GLY A 225 16.20 10.61 0.20
C GLY A 225 15.57 9.34 0.75
N ILE A 226 16.38 8.67 1.56
CA ILE A 226 16.06 7.39 2.20
C ILE A 226 15.87 7.59 3.69
N LYS A 227 14.84 6.97 4.25
CA LYS A 227 14.61 7.06 5.69
C LYS A 227 15.79 6.45 6.44
N LEU A 228 16.30 7.20 7.43
CA LEU A 228 17.42 6.73 8.23
C LEU A 228 17.10 5.44 8.99
N GLN A 229 15.83 5.24 9.32
CA GLN A 229 15.39 4.00 9.96
C GLN A 229 15.87 2.76 9.22
N GLY A 230 15.71 2.74 7.89
CA GLY A 230 16.09 1.57 7.13
C GLY A 230 17.59 1.29 7.12
N ILE A 231 18.40 2.32 6.89
CA ILE A 231 19.85 2.15 6.89
C ILE A 231 20.36 1.73 8.27
N ALA A 232 19.79 2.31 9.32
CA ALA A 232 20.17 1.88 10.66
C ALA A 232 19.77 0.42 10.89
N SER A 233 18.61 0.01 10.37
CA SER A 233 18.24 -1.39 10.49
C SER A 233 19.18 -2.28 9.69
N LEU A 234 19.71 -1.77 8.58
CA LEU A 234 20.74 -2.51 7.85
C LEU A 234 21.98 -2.72 8.70
N TYR A 235 22.32 -1.76 9.56
CA TYR A 235 23.68 -1.76 10.09
C TYR A 235 23.73 -1.53 11.60
N ARG A 236 22.60 -1.76 12.30
CA ARG A 236 22.45 -1.62 13.74
C ARG A 236 23.08 -0.35 14.29
N THR A 237 23.06 0.73 13.50
CA THR A 237 23.86 1.91 13.79
C THR A 237 23.33 2.60 15.03
N ASN A 238 24.19 2.76 16.04
CA ASN A 238 23.85 3.55 17.22
C ASN A 238 23.99 5.02 16.88
N ILE A 239 22.93 5.54 16.24
CA ILE A 239 22.91 6.89 15.67
C ILE A 239 23.39 7.93 16.67
N THR A 240 22.89 7.87 17.90
CA THR A 240 23.31 8.86 18.90
C THR A 240 24.78 8.69 19.24
N GLU A 241 25.26 7.44 19.28
CA GLU A 241 26.67 7.19 19.55
C GLU A 241 27.54 7.53 18.35
N ILE A 242 27.05 7.30 17.14
CA ILE A 242 27.82 7.55 15.94
C ILE A 242 27.89 9.03 15.60
N PHE A 243 26.82 9.77 15.86
CA PHE A 243 26.68 11.14 15.39
C PHE A 243 26.65 12.20 16.49
N THR A 244 26.32 11.83 17.73
CA THR A 244 26.28 12.81 18.81
C THR A 244 26.91 12.26 20.08
N ASP A 252 14.89 11.76 24.21
CA ASP A 252 13.63 11.06 24.43
C ASP A 252 13.37 10.06 23.32
N ILE A 253 12.58 9.03 23.62
CA ILE A 253 12.41 7.92 22.68
C ILE A 253 11.71 8.41 21.42
N TYR A 254 10.75 9.32 21.57
CA TYR A 254 10.01 9.85 20.43
C TYR A 254 10.87 10.75 19.57
N ASP A 255 11.79 11.49 20.18
CA ASP A 255 12.73 12.28 19.39
C ASP A 255 13.64 11.38 18.56
N LEU A 256 14.03 10.24 19.13
CA LEU A 256 14.84 9.28 18.40
C LEU A 256 14.04 8.64 17.27
N LEU A 257 12.78 8.30 17.51
CA LEU A 257 11.92 7.80 16.46
C LEU A 257 11.77 8.81 15.32
N PHE A 258 11.64 10.08 15.67
CA PHE A 258 11.56 11.12 14.64
C PHE A 258 12.84 11.23 13.85
N THR A 259 13.99 11.18 14.54
CA THR A 259 15.28 11.18 13.87
C THR A 259 15.42 9.98 12.94
N GLU A 260 14.80 8.85 13.29
CA GLU A 260 14.77 7.72 12.36
C GLU A 260 13.87 7.99 11.17
N SER A 261 12.77 8.71 11.36
CA SER A 261 11.80 8.88 10.29
C SER A 261 12.26 9.83 9.19
N ILE A 262 13.14 10.77 9.49
CA ILE A 262 13.58 11.72 8.47
C ILE A 262 14.58 11.08 7.51
N LYS A 263 14.63 11.65 6.31
CA LYS A 263 15.28 11.07 5.14
C LYS A 263 16.70 11.57 4.93
N VAL A 264 17.63 10.64 4.81
CA VAL A 264 19.02 10.94 4.50
C VAL A 264 19.17 10.98 3.00
N ARG A 265 19.87 12.00 2.49
CA ARG A 265 19.98 12.18 1.05
C ARG A 265 21.26 11.54 0.55
N VAL A 266 21.14 10.81 -0.56
CA VAL A 266 22.31 10.29 -1.26
C VAL A 266 23.05 11.44 -1.91
N ILE A 267 24.33 11.60 -1.59
CA ILE A 267 25.13 12.68 -2.14
C ILE A 267 26.18 12.20 -3.12
N ASP A 268 26.58 10.93 -3.06
CA ASP A 268 27.52 10.39 -4.03
C ASP A 268 27.28 8.90 -4.15
N VAL A 269 27.63 8.33 -5.31
CA VAL A 269 27.61 6.90 -5.56
C VAL A 269 28.83 6.53 -6.38
N ASP A 270 29.78 5.82 -5.77
CA ASP A 270 31.00 5.40 -6.46
C ASP A 270 30.77 4.07 -7.17
N LEU A 271 30.69 4.10 -8.50
CA LEU A 271 30.48 2.86 -9.24
C LEU A 271 31.70 1.95 -9.24
N ASN A 272 32.91 2.51 -9.10
CA ASN A 272 34.08 1.65 -9.08
C ASN A 272 34.38 1.08 -7.71
N ASP A 273 34.22 1.86 -6.65
CA ASP A 273 34.50 1.38 -5.31
C ASP A 273 33.27 0.80 -4.62
N TYR A 274 32.13 0.81 -5.29
CA TYR A 274 30.85 0.35 -4.76
C TYR A 274 30.57 0.96 -3.39
N SER A 275 30.50 2.28 -3.39
CA SER A 275 30.37 3.08 -2.17
C SER A 275 29.27 4.10 -2.36
N ILE A 276 28.39 4.24 -1.37
CA ILE A 276 27.32 5.22 -1.37
C ILE A 276 27.55 6.18 -0.22
N THR A 277 27.62 7.48 -0.51
CA THR A 277 27.82 8.50 0.50
C THR A 277 26.50 9.21 0.80
N LEU A 278 26.17 9.32 2.08
CA LEU A 278 24.87 9.75 2.57
C LEU A 278 25.01 10.97 3.47
N GLN A 279 24.04 11.86 3.41
CA GLN A 279 23.96 13.00 4.32
C GLN A 279 22.88 12.72 5.35
N VAL A 280 23.31 12.47 6.59
CA VAL A 280 22.37 12.33 7.69
C VAL A 280 22.08 13.71 8.22
N ARG A 281 20.86 13.91 8.72
CA ARG A 281 20.32 15.24 8.98
C ARG A 281 19.75 15.26 10.40
N LEU A 282 20.58 15.56 11.37
CA LEU A 282 20.13 15.53 12.75
C LEU A 282 19.23 16.71 13.07
N PRO A 283 17.94 16.51 13.34
CA PRO A 283 17.02 17.65 13.52
C PRO A 283 17.27 18.40 14.81
N LEU A 284 17.20 19.72 14.73
CA LEU A 284 17.07 20.59 15.89
C LEU A 284 15.59 20.93 16.10
N LEU A 285 14.93 20.16 16.97
CA LEU A 285 13.50 20.32 17.23
C LEU A 285 13.21 21.49 18.16
N THR A 286 12.23 22.32 17.79
CA THR A 286 11.68 23.33 18.66
C THR A 286 10.19 23.11 18.85
N ARG A 287 9.72 23.23 20.09
CA ARG A 287 8.29 23.30 20.35
C ARG A 287 7.74 24.59 19.76
N LEU A 288 6.85 24.45 18.79
CA LEU A 288 6.23 25.63 18.20
C LEU A 288 5.18 26.19 19.15
N LEU A 289 5.23 27.50 19.39
CA LEU A 289 4.32 28.15 20.32
C LEU A 289 2.93 28.34 19.71
N ASN A 290 1.94 28.38 20.59
CA ASN A 290 0.55 28.71 20.24
C ASN A 290 0.00 27.82 19.14
N THR A 291 0.40 26.56 19.12
CA THR A 291 -0.18 25.61 18.19
C THR A 291 -0.69 24.42 18.98
N GLN A 292 -1.85 23.93 18.57
CA GLN A 292 -2.41 22.70 19.10
C GLN A 292 -2.94 21.90 17.93
N ILE A 293 -2.72 20.60 17.96
CA ILE A 293 -3.34 19.67 17.02
C ILE A 293 -4.39 18.90 17.81
N TYR A 294 -5.62 18.90 17.32
CA TYR A 294 -6.72 18.19 17.94
C TYR A 294 -7.20 17.03 17.08
N LYS A 295 -7.49 15.92 17.72
CA LYS A 295 -8.13 14.80 17.05
C LYS A 295 -9.60 15.10 16.98
N VAL A 296 -10.26 14.69 15.90
CA VAL A 296 -11.70 14.85 15.80
C VAL A 296 -12.26 13.50 15.38
N ASP A 297 -13.18 12.98 16.17
CA ASP A 297 -13.88 11.74 15.90
C ASP A 297 -15.34 12.04 15.70
N SER A 298 -15.88 11.61 14.57
CA SER A 298 -17.28 11.84 14.22
C SER A 298 -18.08 10.56 14.44
N ILE A 299 -19.06 10.63 15.34
CA ILE A 299 -19.97 9.52 15.57
C ILE A 299 -21.15 9.69 14.63
N SER A 300 -21.96 8.65 14.48
CA SER A 300 -23.15 8.73 13.64
C SER A 300 -24.18 9.68 14.22
N TYR A 301 -24.81 10.43 13.34
CA TYR A 301 -25.81 11.43 13.68
C TYR A 301 -27.10 11.05 12.98
N ASN A 302 -28.17 10.90 13.76
CA ASN A 302 -29.46 10.49 13.22
C ASN A 302 -30.21 11.64 12.55
N ILE A 303 -30.65 11.42 11.30
CA ILE A 303 -31.70 12.20 10.67
C ILE A 303 -32.79 11.22 10.26
N GLN A 304 -33.94 11.32 10.90
CA GLN A 304 -35.15 10.56 10.59
C GLN A 304 -34.86 9.07 10.44
N ASN A 305 -34.27 8.49 11.48
CA ASN A 305 -33.88 7.08 11.56
C ASN A 305 -32.90 6.66 10.48
N ARG A 306 -32.13 7.59 9.91
CA ARG A 306 -31.02 7.24 9.04
C ARG A 306 -29.75 7.83 9.63
N GLU A 307 -28.64 7.12 9.49
CA GLU A 307 -27.38 7.51 10.10
C GLU A 307 -26.53 8.37 9.19
N TRP A 308 -26.10 9.52 9.70
CA TRP A 308 -25.25 10.46 8.99
C TRP A 308 -24.08 10.82 9.89
N TYR A 309 -23.04 11.40 9.29
CA TYR A 309 -21.90 11.87 10.07
C TYR A 309 -21.27 13.05 9.35
N ILE A 310 -20.45 13.80 10.08
CA ILE A 310 -19.70 14.92 9.53
C ILE A 310 -18.31 14.42 9.14
N PRO A 311 -17.94 14.38 7.86
CA PRO A 311 -16.67 13.80 7.40
C PRO A 311 -15.46 14.73 7.50
N LEU A 312 -15.24 15.28 8.68
CA LEU A 312 -14.09 16.13 8.95
C LEU A 312 -12.78 15.36 8.82
N PRO A 313 -11.66 16.05 8.58
CA PRO A 313 -10.37 15.37 8.53
C PRO A 313 -10.03 14.82 9.91
N SER A 314 -9.21 13.77 9.94
CA SER A 314 -8.93 13.10 11.20
C SER A 314 -8.28 14.01 12.24
N HIS A 315 -7.51 15.01 11.83
CA HIS A 315 -6.88 15.94 12.76
C HIS A 315 -7.07 17.37 12.29
N ILE A 316 -7.20 18.27 13.25
CA ILE A 316 -7.31 19.70 12.98
C ILE A 316 -6.30 20.41 13.87
N MET A 317 -5.89 21.59 13.45
CA MET A 317 -4.86 22.33 14.16
C MET A 317 -5.25 23.80 14.26
N THR A 318 -4.80 24.45 15.33
CA THR A 318 -4.86 25.90 15.44
C THR A 318 -3.46 26.48 15.49
N LYS A 319 -3.35 27.70 14.96
CA LYS A 319 -2.14 28.51 15.05
C LYS A 319 -2.61 29.92 15.37
N GLY A 320 -2.70 30.23 16.66
CA GLY A 320 -3.35 31.45 17.09
C GLY A 320 -4.78 31.54 16.59
N ALA A 321 -5.02 32.45 15.65
CA ALA A 321 -6.32 32.60 15.04
C ALA A 321 -6.59 31.58 13.94
N PHE A 322 -5.55 30.94 13.42
CA PHE A 322 -5.72 30.01 12.31
C PHE A 322 -6.43 28.74 12.77
N LEU A 323 -7.16 28.12 11.84
CA LEU A 323 -7.83 26.85 12.08
C LEU A 323 -7.83 26.08 10.77
N GLY A 324 -7.29 24.86 10.79
CA GLY A 324 -7.22 24.07 9.58
C GLY A 324 -7.01 22.62 9.93
N GLY A 325 -6.87 21.79 8.91
CA GLY A 325 -6.51 20.40 9.13
C GLY A 325 -5.04 20.22 9.38
N ALA A 326 -4.67 19.01 9.79
CA ALA A 326 -3.28 18.63 9.98
C ALA A 326 -3.04 17.25 9.42
N ASP A 327 -2.09 17.14 8.48
CA ASP A 327 -1.72 15.85 7.88
C ASP A 327 -0.65 15.16 8.73
N VAL A 328 -1.08 14.71 9.91
CA VAL A 328 -0.21 14.08 10.89
C VAL A 328 0.33 12.72 10.46
N LYS A 329 -0.13 12.18 9.32
CA LYS A 329 0.29 10.85 8.86
C LYS A 329 1.81 10.65 8.83
N GLU A 330 2.58 11.69 8.51
CA GLU A 330 4.03 11.56 8.46
C GLU A 330 4.71 11.95 9.76
N CYS A 331 3.95 12.37 10.77
CA CYS A 331 4.49 12.83 12.04
C CYS A 331 4.58 11.71 13.05
N ILE A 332 5.35 11.97 14.11
CA ILE A 332 5.52 11.04 15.23
C ILE A 332 4.65 11.57 16.36
N GLU A 333 3.71 10.75 16.81
CA GLU A 333 2.79 11.13 17.87
C GLU A 333 3.38 10.82 19.24
N ALA A 334 4.07 11.80 19.82
CA ALA A 334 4.57 11.65 21.16
C ALA A 334 3.39 11.83 22.12
N PRO A 335 3.53 11.51 23.40
CA PRO A 335 2.38 11.65 24.30
C PRO A 335 1.95 13.09 24.53
N SER A 336 2.85 14.06 24.41
CA SER A 336 2.51 15.45 24.64
C SER A 336 2.52 16.32 23.40
N SER A 337 3.12 15.88 22.30
CA SER A 337 3.18 16.69 21.11
C SER A 337 3.40 15.81 19.90
N TYR A 338 3.08 16.36 18.74
CA TYR A 338 3.32 15.66 17.48
C TYR A 338 4.61 16.23 16.92
N ILE A 339 5.56 15.37 16.61
CA ILE A 339 6.82 15.81 16.02
C ILE A 339 6.67 15.63 14.52
N CYS A 340 6.71 16.73 13.78
CA CYS A 340 6.47 16.65 12.35
C CYS A 340 7.68 17.15 11.57
N PRO A 341 7.93 16.62 10.37
CA PRO A 341 9.07 17.12 9.58
C PRO A 341 8.83 18.53 9.07
N SER A 342 7.58 18.93 8.94
CA SER A 342 7.19 20.25 8.48
C SER A 342 5.77 20.47 8.95
N ASP A 343 5.35 21.74 8.97
CA ASP A 343 3.99 22.08 9.38
C ASP A 343 2.98 21.32 8.52
N PRO A 344 2.22 20.40 9.10
CA PRO A 344 1.29 19.58 8.32
C PRO A 344 -0.01 20.27 7.99
N GLY A 345 -0.16 21.52 8.39
CA GLY A 345 -1.46 22.17 8.27
C GLY A 345 -1.83 22.46 6.82
N PHE A 346 -3.09 22.22 6.52
CA PHE A 346 -3.68 22.59 5.25
C PHE A 346 -5.00 23.28 5.55
N VAL A 347 -5.23 24.42 4.89
CA VAL A 347 -6.41 25.22 5.14
C VAL A 347 -7.66 24.47 4.70
N LEU A 348 -8.69 24.51 5.54
CA LEU A 348 -9.95 23.86 5.21
C LEU A 348 -10.67 24.74 4.21
N ASN A 349 -10.84 24.21 3.00
CA ASN A 349 -11.42 24.97 1.90
C ASN A 349 -12.92 25.16 2.02
N HIS A 350 -13.60 24.33 2.78
CA HIS A 350 -15.04 24.35 2.76
C HIS A 350 -15.58 25.15 3.92
N GLU A 351 -16.89 25.07 4.13
CA GLU A 351 -17.55 25.57 5.32
C GLU A 351 -17.13 24.80 6.56
N MET A 352 -16.26 23.80 6.38
CA MET A 352 -15.72 23.02 7.49
C MET A 352 -15.06 23.93 8.51
N GLU A 353 -14.44 25.02 8.07
CA GLU A 353 -13.86 25.96 9.02
C GLU A 353 -14.97 26.63 9.82
N SER A 354 -16.05 27.04 9.15
CA SER A 354 -17.18 27.64 9.86
C SER A 354 -17.83 26.61 10.78
N CYS A 355 -17.95 25.36 10.31
CA CYS A 355 -18.48 24.29 11.15
C CYS A 355 -17.67 24.14 12.43
N LEU A 356 -16.36 23.97 12.29
CA LEU A 356 -15.49 23.81 13.45
C LEU A 356 -15.47 25.05 14.34
N SER A 357 -15.68 26.23 13.77
CA SER A 357 -15.71 27.44 14.57
C SER A 357 -17.00 27.59 15.37
N GLY A 358 -17.92 26.63 15.27
CA GLY A 358 -19.17 26.66 15.99
C GLY A 358 -20.39 27.06 15.20
N ASN A 359 -20.25 27.34 13.90
CA ASN A 359 -21.40 27.64 13.06
C ASN A 359 -21.93 26.29 12.57
N ILE A 360 -22.45 25.55 13.55
CA ILE A 360 -22.88 24.15 13.41
C ILE A 360 -23.83 23.93 12.24
N SER A 361 -24.69 24.89 11.93
CA SER A 361 -25.64 24.71 10.83
C SER A 361 -24.98 24.47 9.47
N GLN A 362 -23.71 24.81 9.30
CA GLN A 362 -23.01 24.58 8.04
C GLN A 362 -22.24 23.27 7.98
N CYS A 363 -22.27 22.44 9.01
CA CYS A 363 -21.51 21.20 8.93
C CYS A 363 -22.05 20.28 7.82
N PRO A 364 -21.18 19.73 6.98
CA PRO A 364 -21.55 18.84 5.88
C PRO A 364 -21.91 17.44 6.34
N ARG A 365 -23.14 17.02 6.07
CA ARG A 365 -23.55 15.66 6.37
C ARG A 365 -23.09 14.70 5.27
N THR A 366 -22.86 13.46 5.68
CA THR A 366 -22.66 12.37 4.72
C THR A 366 -23.22 11.12 5.37
N THR A 367 -23.62 10.16 4.56
CA THR A 367 -24.23 8.95 5.11
C THR A 367 -23.18 7.98 5.60
N VAL A 368 -23.51 7.28 6.68
CA VAL A 368 -22.63 6.24 7.19
C VAL A 368 -22.62 5.09 6.19
N THR A 369 -21.46 4.42 6.08
CA THR A 369 -21.33 3.28 5.19
C THR A 369 -21.17 1.95 5.90
N SER A 370 -20.52 1.93 7.06
CA SER A 370 -20.14 0.67 7.67
C SER A 370 -19.92 0.89 9.17
N ASP A 371 -19.43 -0.14 9.85
CA ASP A 371 -19.10 -0.10 11.26
C ASP A 371 -17.86 0.74 11.58
N ILE A 372 -17.22 1.34 10.57
CA ILE A 372 -16.03 2.14 10.83
C ILE A 372 -16.40 3.44 11.54
N VAL A 373 -17.60 3.96 11.29
CA VAL A 373 -18.10 5.13 12.01
C VAL A 373 -18.66 4.72 13.36
N PRO A 374 -18.10 5.24 14.45
CA PRO A 374 -18.60 4.85 15.78
C PRO A 374 -20.01 5.33 16.03
N ARG A 375 -20.81 4.47 16.62
CA ARG A 375 -22.19 4.80 16.95
C ARG A 375 -22.31 5.50 18.29
N TYR A 376 -21.26 5.49 19.10
CA TYR A 376 -21.26 6.08 20.42
C TYR A 376 -19.84 6.35 20.85
N ALA A 377 -19.70 7.23 21.83
CA ALA A 377 -18.39 7.51 22.39
C ALA A 377 -18.53 8.03 23.81
N PHE A 378 -17.53 7.73 24.64
CA PHE A 378 -17.45 8.36 25.95
C PHE A 378 -16.91 9.75 25.73
N VAL A 379 -17.47 10.74 26.41
CA VAL A 379 -17.01 12.12 26.23
C VAL A 379 -17.08 12.83 27.57
N ASN A 380 -15.91 13.26 28.07
CA ASN A 380 -15.78 14.10 29.26
C ASN A 380 -16.55 13.53 30.45
N GLY A 381 -16.52 12.23 30.60
CA GLY A 381 -17.17 11.59 31.73
C GLY A 381 -18.59 11.17 31.48
N GLY A 382 -19.19 11.58 30.37
CA GLY A 382 -20.53 11.16 30.01
C GLY A 382 -20.49 10.45 28.69
N VAL A 383 -21.62 10.29 28.03
CA VAL A 383 -21.68 9.58 26.75
C VAL A 383 -22.42 10.43 25.73
N VAL A 384 -21.92 10.43 24.50
CA VAL A 384 -22.56 11.07 23.37
C VAL A 384 -22.83 9.96 22.38
N ALA A 385 -24.10 9.71 22.08
CA ALA A 385 -24.45 8.61 21.20
C ALA A 385 -25.79 8.84 20.56
N ASN A 386 -26.00 8.22 19.41
CA ASN A 386 -27.34 8.25 18.80
C ASN A 386 -28.02 6.96 19.22
N CYS A 387 -28.90 7.06 20.20
CA CYS A 387 -29.64 6.00 20.83
C CYS A 387 -30.68 5.35 19.93
N ILE A 388 -30.76 5.71 18.65
CA ILE A 388 -31.66 5.04 17.73
C ILE A 388 -31.03 3.72 17.25
N THR A 389 -29.71 3.69 17.13
CA THR A 389 -28.98 2.51 16.70
C THR A 389 -28.01 2.08 17.80
N THR A 390 -28.42 2.24 19.05
CA THR A 390 -27.64 1.88 20.23
C THR A 390 -28.62 1.84 21.38
N THR A 391 -28.63 0.72 22.10
CA THR A 391 -29.52 0.58 23.24
C THR A 391 -28.94 1.33 24.43
N CYS A 392 -29.29 2.61 24.53
CA CYS A 392 -28.85 3.45 25.62
C CYS A 392 -29.80 3.26 26.79
N THR A 393 -29.26 3.07 27.98
CA THR A 393 -30.08 2.86 29.17
C THR A 393 -29.54 3.79 30.26
N CYS A 394 -30.43 4.28 31.12
CA CYS A 394 -30.03 5.32 32.07
C CYS A 394 -29.52 4.81 33.41
N ASN A 395 -30.32 4.02 34.12
CA ASN A 395 -29.91 3.51 35.43
C ASN A 395 -30.08 2.00 35.54
N GLY A 396 -30.07 1.30 34.42
CA GLY A 396 -30.27 -0.13 34.40
C GLY A 396 -30.71 -0.54 33.01
N ILE A 397 -30.38 -1.77 32.62
CA ILE A 397 -30.62 -2.25 31.28
C ILE A 397 -32.11 -2.24 30.88
N GLY A 398 -33.02 -1.97 31.81
CA GLY A 398 -34.42 -1.89 31.46
C GLY A 398 -34.97 -0.51 31.14
N ASN A 399 -34.26 0.54 31.55
CA ASN A 399 -34.69 1.92 31.33
C ASN A 399 -34.00 2.50 30.11
N ARG A 400 -34.55 2.25 28.93
CA ARG A 400 -33.97 2.76 27.69
C ARG A 400 -34.10 4.27 27.57
N ILE A 401 -33.01 4.92 27.16
CA ILE A 401 -32.97 6.36 26.93
C ILE A 401 -33.39 6.59 25.49
N ASN A 402 -34.69 6.79 25.27
CA ASN A 402 -35.17 7.08 23.93
C ASN A 402 -34.87 8.52 23.54
N GLN A 403 -34.57 8.73 22.26
CA GLN A 403 -34.39 10.08 21.76
C GLN A 403 -35.42 10.31 20.68
N PRO A 404 -35.98 11.51 20.57
CA PRO A 404 -36.97 11.75 19.53
C PRO A 404 -36.34 11.66 18.16
N PRO A 405 -37.12 11.26 17.14
CA PRO A 405 -36.55 11.09 15.79
C PRO A 405 -35.89 12.33 15.22
N ASP A 406 -36.15 13.52 15.76
CA ASP A 406 -35.58 14.75 15.22
C ASP A 406 -34.32 15.18 15.94
N GLN A 407 -33.91 14.47 16.98
CA GLN A 407 -32.65 14.71 17.67
C GLN A 407 -31.62 13.73 17.12
N GLY A 408 -30.44 14.24 16.78
CA GLY A 408 -29.43 13.42 16.16
C GLY A 408 -28.51 12.62 17.07
N VAL A 409 -28.12 13.18 18.20
CA VAL A 409 -27.29 12.49 19.17
C VAL A 409 -27.86 12.76 20.55
N LYS A 410 -27.68 11.80 21.45
CA LYS A 410 -28.11 11.95 22.83
C LYS A 410 -26.87 12.15 23.68
N ILE A 411 -26.87 13.22 24.45
CA ILE A 411 -25.76 13.57 25.32
C ILE A 411 -26.21 13.26 26.74
N ILE A 412 -25.58 12.25 27.34
CA ILE A 412 -25.97 11.71 28.63
C ILE A 412 -24.95 12.08 29.70
N THR A 413 -25.21 13.17 30.39
CA THR A 413 -24.39 13.65 31.48
C THR A 413 -24.69 12.90 32.77
N HIS A 414 -23.72 12.93 33.68
CA HIS A 414 -23.88 12.34 35.00
C HIS A 414 -25.04 12.93 35.80
N LYS A 415 -25.50 14.13 35.45
CA LYS A 415 -26.68 14.67 36.10
C LYS A 415 -27.93 13.93 35.65
N GLU A 416 -27.93 13.44 34.41
CA GLU A 416 -29.04 12.67 33.86
C GLU A 416 -29.05 11.22 34.33
N CYS A 417 -27.92 10.54 34.18
CA CYS A 417 -27.82 9.11 34.46
C CYS A 417 -26.60 8.80 35.30
N ASN A 418 -26.81 8.04 36.37
CA ASN A 418 -25.70 7.62 37.23
C ASN A 418 -24.95 6.44 36.64
N THR A 419 -25.64 5.48 36.01
CA THR A 419 -25.01 4.29 35.44
C THR A 419 -25.54 3.98 34.03
N ILE A 420 -25.01 4.71 33.05
CA ILE A 420 -25.41 4.50 31.66
C ILE A 420 -24.96 3.14 31.15
N GLY A 421 -25.88 2.40 30.54
CA GLY A 421 -25.59 1.14 29.89
C GLY A 421 -25.72 1.28 28.39
N ILE A 422 -24.67 1.00 27.63
CA ILE A 422 -24.70 1.08 26.17
C ILE A 422 -24.50 -0.31 25.59
N ASN A 423 -25.52 -0.79 24.86
CA ASN A 423 -25.54 -2.14 24.32
C ASN A 423 -25.28 -3.19 25.39
N GLY A 424 -25.86 -2.98 26.57
CA GLY A 424 -25.71 -3.84 27.70
C GLY A 424 -24.53 -3.56 28.59
N MET A 425 -23.51 -2.87 28.09
CA MET A 425 -22.31 -2.57 28.84
C MET A 425 -22.64 -1.49 29.85
N LEU A 426 -22.67 -1.83 31.14
CA LEU A 426 -22.95 -0.84 32.17
C LEU A 426 -21.68 -0.13 32.61
N PHE A 427 -21.73 1.19 32.60
CA PHE A 427 -20.66 2.08 33.03
C PHE A 427 -21.21 3.15 33.94
N ASN A 428 -20.46 3.50 34.98
CA ASN A 428 -20.83 4.65 35.79
C ASN A 428 -20.39 5.91 35.07
N THR A 429 -21.22 6.93 35.11
CA THR A 429 -20.78 8.23 34.58
C THR A 429 -19.91 8.91 35.62
N ASN A 430 -18.98 9.72 35.14
CA ASN A 430 -18.00 10.33 36.03
C ASN A 430 -18.62 11.55 36.71
N LYS A 431 -18.65 11.54 38.05
CA LYS A 431 -19.21 12.64 38.82
C LYS A 431 -18.43 13.94 38.67
N GLU A 432 -17.18 13.90 38.23
CA GLU A 432 -16.42 15.10 37.95
C GLU A 432 -16.31 15.37 36.46
N GLY A 433 -17.15 14.72 35.67
CA GLY A 433 -17.15 14.94 34.24
C GLY A 433 -17.64 16.33 33.89
N THR A 434 -17.04 16.92 32.87
CA THR A 434 -17.35 18.26 32.41
C THR A 434 -18.28 18.27 31.21
N LEU A 435 -18.90 17.14 30.87
CA LEU A 435 -19.81 17.06 29.73
C LEU A 435 -21.02 17.95 29.96
N ALA A 436 -21.07 19.08 29.25
CA ALA A 436 -22.16 20.04 29.38
C ALA A 436 -23.50 19.43 28.99
N PHE A 437 -24.52 19.71 29.79
CA PHE A 437 -25.89 19.26 29.52
C PHE A 437 -26.47 19.90 28.26
N TYR A 438 -27.12 19.05 27.44
CA TYR A 438 -27.68 19.45 26.14
C TYR A 438 -29.19 19.56 26.17
N THR A 439 -29.68 20.79 26.12
CA THR A 439 -31.07 21.13 25.79
C THR A 439 -31.24 21.05 24.28
N PRO A 440 -32.03 20.09 23.77
CA PRO A 440 -32.03 19.84 22.33
C PRO A 440 -32.68 20.98 21.55
N ASP A 441 -32.31 21.07 20.28
CA ASP A 441 -32.68 22.22 19.45
C ASP A 441 -32.87 21.75 18.02
N ASP A 442 -33.54 22.60 17.24
CA ASP A 442 -33.81 22.35 15.83
C ASP A 442 -32.57 22.56 14.95
N ILE A 443 -31.54 21.74 15.21
CA ILE A 443 -30.32 21.79 14.40
C ILE A 443 -30.63 21.21 13.03
N THR A 444 -30.67 22.05 12.00
CA THR A 444 -30.91 21.63 10.63
C THR A 444 -29.62 21.74 9.85
N LEU A 445 -29.18 20.62 9.27
CA LEU A 445 -27.92 20.53 8.53
C LEU A 445 -28.25 20.40 7.04
N ASN A 446 -28.40 21.54 6.35
CA ASN A 446 -28.75 21.54 4.94
C ASN A 446 -27.63 21.05 4.02
N ASN A 447 -26.37 21.10 4.46
CA ASN A 447 -25.23 20.72 3.61
C ASN A 447 -25.05 19.21 3.49
N SER A 448 -26.02 18.57 2.84
CA SER A 448 -25.90 17.14 2.57
C SER A 448 -24.82 16.94 1.51
N VAL A 449 -23.87 16.04 1.80
CA VAL A 449 -22.70 15.85 0.95
C VAL A 449 -22.45 14.35 0.76
N ALA A 450 -21.94 13.98 -0.41
CA ALA A 450 -21.61 12.60 -0.74
C ALA A 450 -20.11 12.45 -0.90
N LEU A 451 -19.58 11.33 -0.41
CA LEU A 451 -18.17 10.96 -0.58
C LEU A 451 -17.92 10.03 -1.76
N ASN A 452 -18.96 9.48 -2.37
CA ASN A 452 -18.78 8.48 -3.40
C ASN A 452 -19.09 9.06 -4.76
N PRO A 453 -18.16 8.96 -5.72
CA PRO A 453 -18.43 9.41 -7.09
C PRO A 453 -19.72 8.87 -7.69
N ILE A 454 -20.15 7.67 -7.33
CA ILE A 454 -21.40 7.14 -7.84
C ILE A 454 -22.56 8.00 -7.37
N ASP A 455 -22.60 8.34 -6.08
CA ASP A 455 -23.68 9.18 -5.56
C ASP A 455 -23.72 10.53 -6.27
N ILE A 456 -22.56 11.15 -6.44
CA ILE A 456 -22.50 12.45 -7.10
C ILE A 456 -22.95 12.35 -8.54
N SER A 457 -22.48 11.33 -9.26
CA SER A 457 -22.91 11.12 -10.63
C SER A 457 -24.41 10.88 -10.74
N ILE A 458 -24.97 10.08 -9.83
CA ILE A 458 -26.41 9.79 -9.85
C ILE A 458 -27.22 11.06 -9.62
N GLU A 459 -26.87 11.83 -8.60
CA GLU A 459 -27.66 13.04 -8.34
C GLU A 459 -27.35 14.16 -9.32
N LEU A 460 -26.18 14.17 -9.94
CA LEU A 460 -25.94 15.08 -11.05
C LEU A 460 -26.73 14.70 -12.29
N ASN A 461 -26.88 13.40 -12.56
CA ASN A 461 -27.77 12.99 -13.64
C ASN A 461 -29.22 13.38 -13.35
N LYS A 462 -29.65 13.27 -12.10
CA LYS A 462 -30.99 13.75 -11.74
C LYS A 462 -31.13 15.26 -11.92
N ALA A 463 -30.11 16.02 -11.50
CA ALA A 463 -30.10 17.46 -11.73
C ALA A 463 -30.14 17.80 -13.21
N LYS A 464 -29.32 17.11 -14.03
CA LYS A 464 -29.31 17.35 -15.46
C LYS A 464 -30.66 17.03 -16.10
N SER A 465 -31.33 15.97 -15.63
CA SER A 465 -32.66 15.67 -16.15
C SER A 465 -33.67 16.75 -15.77
N ASP A 466 -33.59 17.26 -14.54
CA ASP A 466 -34.44 18.37 -14.15
C ASP A 466 -34.13 19.62 -14.99
N LEU A 467 -32.85 19.84 -15.28
CA LEU A 467 -32.46 20.97 -16.11
C LEU A 467 -33.02 20.83 -17.52
N GLU A 468 -33.02 19.63 -18.06
CA GLU A 468 -33.64 19.40 -19.37
C GLU A 468 -35.13 19.66 -19.32
N GLU A 469 -35.79 19.25 -18.24
CA GLU A 469 -37.21 19.57 -18.08
C GLU A 469 -37.43 21.08 -18.05
N VAL A 470 -36.56 21.81 -17.35
CA VAL A 470 -36.68 23.26 -17.28
C VAL A 470 -36.47 23.87 -18.67
N LYS A 471 -35.50 23.35 -19.42
CA LYS A 471 -35.26 23.87 -20.77
C LYS A 471 -36.44 23.63 -21.69
N GLU A 472 -37.08 22.45 -21.56
CA GLU A 472 -38.25 22.17 -22.37
C GLU A 472 -39.37 23.14 -22.03
N TRP A 473 -39.59 23.35 -20.73
CA TRP A 473 -40.61 24.32 -20.33
C TRP A 473 -40.30 25.70 -20.91
N ILE A 474 -39.01 26.09 -20.90
CA ILE A 474 -38.62 27.41 -21.40
C ILE A 474 -38.91 27.52 -22.89
N ARG A 475 -38.59 26.47 -23.65
CA ARG A 475 -38.90 26.50 -25.08
C ARG A 475 -40.41 26.62 -25.32
N ARG A 476 -41.21 25.87 -24.56
CA ARG A 476 -42.66 25.95 -24.72
C ARG A 476 -43.20 27.33 -24.37
N VAL A 477 -42.70 27.92 -23.28
CA VAL A 477 -43.21 29.23 -22.88
C VAL A 477 -42.77 30.29 -23.89
N ASN A 478 -41.54 30.19 -24.42
CA ASN A 478 -41.09 31.14 -25.41
C ASN A 478 -41.96 31.05 -26.66
N GLN A 479 -42.30 29.84 -27.07
CA GLN A 479 -43.21 29.66 -28.21
C GLN A 479 -44.56 30.29 -27.93
N LYS A 480 -45.08 30.11 -26.71
CA LYS A 480 -46.34 30.73 -26.34
C LYS A 480 -46.23 32.25 -26.37
N LEU A 481 -45.09 32.79 -25.93
CA LEU A 481 -44.89 34.24 -26.00
C LEU A 481 -44.91 34.72 -27.44
N ASP A 482 -44.29 33.94 -28.34
CA ASP A 482 -44.31 34.33 -29.75
C ASP A 482 -45.75 34.32 -30.28
N SER A 483 -46.53 33.30 -29.89
CA SER A 483 -47.91 33.24 -30.36
C SER A 483 -48.75 34.40 -29.82
N ILE A 484 -48.59 34.75 -28.54
CA ILE A 484 -49.35 35.86 -27.98
C ILE A 484 -48.94 37.18 -28.65
N GLY A 485 -47.63 37.36 -28.90
CA GLY A 485 -47.19 38.56 -29.57
C GLY A 485 -47.73 38.67 -30.98
N SER A 486 -47.77 37.56 -31.71
CA SER A 486 -48.32 37.57 -33.06
C SER A 486 -49.81 37.91 -33.04
N GLY A 487 -50.55 37.38 -32.07
CA GLY A 487 -51.97 37.66 -31.94
C GLY A 487 -52.28 39.09 -31.57
N GLU B 1 29.20 21.64 3.68
CA GLU B 1 30.11 21.95 4.76
C GLU B 1 30.45 23.43 4.75
N VAL B 2 30.51 24.06 5.90
CA VAL B 2 30.96 25.44 5.96
C VAL B 2 31.89 25.49 7.16
N GLN B 3 33.12 25.95 6.96
CA GLN B 3 33.99 26.14 8.10
C GLN B 3 33.65 27.48 8.70
N LEU B 4 33.35 27.49 9.99
CA LEU B 4 33.15 28.74 10.71
C LEU B 4 34.30 28.85 11.69
N VAL B 5 34.93 30.00 11.76
CA VAL B 5 36.04 30.22 12.70
C VAL B 5 35.76 31.49 13.50
N GLU B 6 35.28 31.32 14.72
CA GLU B 6 34.98 32.44 15.60
C GLU B 6 36.28 33.06 16.11
N SER B 7 36.22 34.36 16.43
CA SER B 7 37.38 35.04 17.00
C SER B 7 36.93 36.33 17.67
N GLY B 8 37.82 36.87 18.51
CA GLY B 8 37.59 38.14 19.16
C GLY B 8 37.00 38.11 20.55
N GLY B 9 36.79 36.94 21.14
CA GLY B 9 36.26 36.86 22.49
C GLY B 9 37.29 37.18 23.55
N GLY B 10 37.04 36.66 24.74
CA GLY B 10 37.91 36.83 25.89
C GLY B 10 37.25 37.61 27.02
N LEU B 11 38.07 37.98 28.00
CA LEU B 11 37.60 38.83 29.09
C LEU B 11 37.61 40.30 28.66
N VAL B 12 36.62 41.04 29.15
CA VAL B 12 36.51 42.48 28.89
C VAL B 12 35.85 43.14 30.10
N GLN B 13 36.13 44.43 30.29
CA GLN B 13 35.52 45.17 31.38
C GLN B 13 34.02 45.35 31.13
N PRO B 14 33.20 45.31 32.18
CA PRO B 14 31.76 45.52 32.01
C PRO B 14 31.44 46.94 31.55
N GLY B 15 30.37 47.06 30.76
CA GLY B 15 30.06 48.28 30.05
C GLY B 15 30.91 48.56 28.84
N GLY B 16 31.86 47.68 28.52
CA GLY B 16 32.73 47.87 27.39
C GLY B 16 32.10 47.41 26.09
N SER B 17 32.87 47.56 25.02
CA SER B 17 32.45 47.17 23.69
C SER B 17 33.45 46.17 23.11
N LEU B 18 32.94 45.25 22.32
CA LEU B 18 33.78 44.20 21.76
C LEU B 18 33.26 43.85 20.38
N ARG B 19 34.14 43.39 19.51
CA ARG B 19 33.76 42.96 18.17
C ARG B 19 34.18 41.50 17.95
N LEU B 20 33.21 40.66 17.63
CA LEU B 20 33.41 39.24 17.39
C LEU B 20 33.36 39.04 15.88
N SER B 21 34.42 38.46 15.33
CA SER B 21 34.52 38.27 13.89
C SER B 21 34.65 36.80 13.56
N CYS B 22 33.68 36.30 12.80
CA CYS B 22 33.62 34.92 12.35
C CYS B 22 34.02 34.84 10.89
N SER B 23 34.96 33.97 10.57
CA SER B 23 35.37 33.75 9.20
C SER B 23 34.69 32.50 8.69
N ALA B 24 34.01 32.61 7.56
CA ALA B 24 33.29 31.50 6.95
C ALA B 24 33.95 31.11 5.65
N SER B 25 33.96 29.82 5.35
CA SER B 25 34.51 29.34 4.09
C SER B 25 33.79 28.07 3.69
N GLY B 26 33.83 27.79 2.39
CA GLY B 26 33.12 26.67 1.81
C GLY B 26 32.07 27.13 0.80
N SER B 27 31.04 26.31 0.61
CA SER B 27 29.98 26.58 -0.35
C SER B 27 28.97 27.60 0.19
N LEU B 28 29.49 28.77 0.51
CA LEU B 28 28.70 29.87 1.06
C LEU B 28 27.63 30.40 0.11
N SER B 29 27.73 30.15 -1.19
CA SER B 29 26.64 30.50 -2.09
C SER B 29 25.35 29.76 -1.79
N THR B 30 25.41 28.65 -1.08
CA THR B 30 24.23 27.91 -0.66
C THR B 30 23.74 28.31 0.74
N ILE B 31 24.44 29.22 1.42
CA ILE B 31 24.09 29.67 2.76
C ILE B 31 23.01 30.74 2.74
N LYS B 32 21.88 30.45 3.39
CA LYS B 32 20.78 31.41 3.50
C LYS B 32 21.09 32.54 4.47
N ALA B 33 21.58 32.22 5.65
CA ALA B 33 21.88 33.21 6.65
C ALA B 33 23.13 32.88 7.45
N LEU B 34 23.84 33.92 7.84
CA LEU B 34 25.01 33.85 8.71
C LEU B 34 24.66 34.66 9.94
N GLY B 35 25.12 34.22 11.10
CA GLY B 35 24.80 34.96 12.30
C GLY B 35 25.49 34.39 13.52
N TRP B 36 24.93 34.72 14.69
CA TRP B 36 25.52 34.27 15.93
C TRP B 36 24.47 33.73 16.89
N TYR B 37 24.84 32.68 17.62
CA TYR B 37 24.06 32.12 18.71
C TYR B 37 24.88 32.26 19.98
N ARG B 38 24.20 32.25 21.13
CA ARG B 38 24.89 32.25 22.41
C ARG B 38 24.31 31.16 23.29
N ARG B 39 25.16 30.60 24.16
CA ARG B 39 24.73 29.60 25.13
C ARG B 39 25.24 30.05 26.50
N ALA B 40 24.32 30.59 27.31
CA ALA B 40 24.62 30.87 28.70
C ALA B 40 24.51 29.59 29.53
N PRO B 41 25.14 29.56 30.70
CA PRO B 41 25.03 28.37 31.56
C PRO B 41 23.59 28.00 31.88
N GLY B 42 23.30 26.71 31.76
CA GLY B 42 22.03 26.16 32.19
C GLY B 42 20.85 26.44 31.28
N ARG B 43 21.08 26.94 30.06
CA ARG B 43 20.00 27.16 29.12
C ARG B 43 20.48 26.86 27.72
N GLU B 44 19.52 26.64 26.82
CA GLU B 44 19.83 26.28 25.44
C GLU B 44 20.43 27.45 24.67
N ARG B 45 20.96 27.14 23.49
CA ARG B 45 21.50 28.16 22.59
C ARG B 45 20.44 29.15 22.11
N GLU B 46 20.51 30.38 22.58
CA GLU B 46 19.64 31.46 22.13
C GLU B 46 20.24 32.14 20.91
N LEU B 47 19.37 32.53 19.98
CA LEU B 47 19.78 33.35 18.85
C LEU B 47 20.22 34.74 19.32
N VAL B 48 21.25 35.28 18.67
CA VAL B 48 21.76 36.61 18.97
C VAL B 48 21.48 37.56 17.83
N ALA B 49 22.02 37.27 16.65
CA ALA B 49 21.80 38.11 15.48
C ALA B 49 22.00 37.23 14.25
N SER B 50 21.37 37.61 13.15
CA SER B 50 21.59 36.90 11.90
C SER B 50 21.44 37.87 10.74
N ILE B 51 22.23 37.65 9.70
CA ILE B 51 22.15 38.41 8.46
C ILE B 51 21.75 37.43 7.36
N THR B 52 20.63 37.71 6.70
CA THR B 52 20.34 37.02 5.45
C THR B 52 21.15 37.62 4.31
N SER B 53 21.35 36.83 3.26
CA SER B 53 22.08 37.28 2.08
C SER B 53 21.44 38.53 1.48
N ALA B 54 20.13 38.71 1.68
CA ALA B 54 19.44 39.91 1.23
C ALA B 54 19.78 41.13 2.07
N GLY B 55 20.51 40.97 3.17
CA GLY B 55 20.76 42.05 4.09
C GLY B 55 19.78 42.13 5.24
N GLU B 56 18.60 41.52 5.10
CA GLU B 56 17.60 41.52 6.16
C GLU B 56 18.18 40.92 7.43
N THR B 57 18.02 41.63 8.53
CA THR B 57 18.62 41.27 9.79
C THR B 57 17.55 41.19 10.87
N ASN B 58 17.70 40.23 11.79
CA ASN B 58 16.77 40.10 12.90
C ASN B 58 17.57 39.83 14.15
N TYR B 59 16.94 40.07 15.30
CA TYR B 59 17.54 39.93 16.62
C TYR B 59 16.48 39.43 17.59
N ALA B 60 16.95 38.83 18.69
CA ALA B 60 16.06 38.47 19.78
C ALA B 60 15.68 39.73 20.58
N ASP B 61 14.62 39.62 21.37
CA ASP B 61 14.14 40.77 22.14
C ASP B 61 15.20 41.29 23.09
N SER B 62 16.10 40.41 23.55
CA SER B 62 17.23 40.82 24.37
C SER B 62 18.28 41.57 23.56
N ALA B 63 18.23 41.46 22.23
CA ALA B 63 19.26 42.03 21.37
C ALA B 63 18.80 43.13 20.43
N LYS B 64 17.49 43.29 20.19
CA LYS B 64 16.99 44.27 19.25
C LYS B 64 17.50 45.68 19.54
N GLY B 65 18.15 46.29 18.55
CA GLY B 65 18.71 47.63 18.70
C GLY B 65 19.97 47.72 19.55
N ARG B 66 20.05 46.83 20.56
CA ARG B 66 21.20 46.82 21.46
C ARG B 66 22.48 46.42 20.76
N PHE B 67 22.46 45.30 20.04
CA PHE B 67 23.64 44.81 19.34
C PHE B 67 23.57 45.21 17.86
N THR B 68 24.69 45.04 17.17
CA THR B 68 24.67 45.17 15.72
C THR B 68 25.60 44.11 15.11
N VAL B 69 25.18 43.60 13.95
CA VAL B 69 25.89 42.56 13.22
C VAL B 69 26.24 43.07 11.82
N SER B 70 27.35 42.59 11.28
CA SER B 70 27.85 43.11 10.01
C SER B 70 28.62 42.01 9.29
N THR B 71 28.78 42.19 7.98
CA THR B 71 29.58 41.31 7.14
C THR B 71 30.49 42.13 6.25
N ASP B 72 31.55 41.48 5.78
CA ASP B 72 32.38 42.00 4.70
C ASP B 72 32.43 40.90 3.64
N ASN B 73 31.45 40.94 2.73
CA ASN B 73 31.22 39.81 1.84
C ASN B 73 32.36 39.59 0.85
N ALA B 74 33.24 40.58 0.68
CA ALA B 74 34.43 40.39 -0.13
C ALA B 74 35.38 39.36 0.45
N LYS B 75 35.26 39.06 1.75
CA LYS B 75 36.13 38.08 2.40
C LYS B 75 35.36 37.04 3.20
N ASN B 76 34.04 36.98 3.04
CA ASN B 76 33.17 36.01 3.72
C ASN B 76 33.25 36.07 5.24
N THR B 77 33.44 37.25 5.81
CA THR B 77 33.48 37.38 7.26
C THR B 77 32.18 37.96 7.77
N VAL B 78 31.69 37.44 8.88
CA VAL B 78 30.50 37.95 9.54
C VAL B 78 30.92 38.42 10.93
N ASP B 79 30.69 39.70 11.21
CA ASP B 79 31.10 40.29 12.47
C ASP B 79 29.90 40.77 13.29
N LEU B 80 29.90 40.41 14.56
CA LEU B 80 28.92 40.88 15.53
C LEU B 80 29.63 41.91 16.38
N ARG B 81 29.06 43.11 16.50
CA ARG B 81 29.66 44.15 17.30
C ARG B 81 28.90 44.22 18.61
N MET B 82 29.60 43.95 19.70
CA MET B 82 29.02 43.93 21.03
C MET B 82 29.27 45.30 21.68
N ASN B 83 28.26 45.81 22.39
CA ASN B 83 28.38 47.06 23.12
C ASN B 83 27.56 47.03 24.41
N SER B 84 27.93 47.90 25.35
CA SER B 84 27.27 47.99 26.67
C SER B 84 27.17 46.66 27.40
N LEU B 85 28.24 45.87 27.33
CA LEU B 85 28.30 44.53 27.90
C LEU B 85 27.87 44.48 29.37
N LYS B 86 27.00 43.52 29.66
CA LYS B 86 26.43 43.25 30.95
C LYS B 86 26.91 41.90 31.48
N PRO B 87 26.88 41.69 32.80
CA PRO B 87 27.01 40.32 33.31
C PRO B 87 26.03 39.33 32.71
N GLU B 88 24.82 39.77 32.39
CA GLU B 88 23.83 38.92 31.71
C GLU B 88 24.23 38.50 30.30
N ASP B 89 25.22 39.14 29.69
CA ASP B 89 25.63 38.78 28.34
C ASP B 89 26.74 37.73 28.28
N THR B 90 27.34 37.33 29.40
CA THR B 90 28.41 36.35 29.33
C THR B 90 27.85 34.98 28.92
N ALA B 91 28.45 34.42 27.86
CA ALA B 91 28.04 33.14 27.30
C ALA B 91 29.09 32.74 26.27
N VAL B 92 29.00 31.50 25.81
CA VAL B 92 29.77 31.06 24.66
C VAL B 92 28.98 31.46 23.41
N TYR B 93 29.58 32.28 22.57
CA TYR B 93 28.93 32.73 21.35
C TYR B 93 29.32 31.82 20.20
N TYR B 94 28.32 31.26 19.54
CA TYR B 94 28.52 30.31 18.45
C TYR B 94 28.11 30.97 17.15
N CYS B 95 29.05 31.10 16.22
CA CYS B 95 28.73 31.57 14.90
C CYS B 95 27.99 30.47 14.17
N TYR B 96 27.09 30.84 13.25
CA TYR B 96 26.38 29.82 12.50
C TYR B 96 26.16 30.25 11.07
N ALA B 97 26.01 29.25 10.20
CA ALA B 97 25.64 29.42 8.81
C ALA B 97 24.46 28.51 8.56
N GLU B 98 23.36 29.04 8.04
CA GLU B 98 22.17 28.26 7.77
C GLU B 98 21.92 28.18 6.27
N SER B 99 21.80 26.97 5.77
CA SER B 99 21.55 26.70 4.37
C SER B 99 20.10 26.98 3.99
N PHE B 100 19.88 27.20 2.69
CA PHE B 100 18.53 27.24 2.13
C PHE B 100 17.72 25.97 2.40
N VAL B 101 18.38 24.83 2.55
CA VAL B 101 17.71 23.57 2.88
C VAL B 101 17.64 23.38 4.39
N LEU B 102 17.92 24.46 5.13
CA LEU B 102 17.86 24.52 6.59
C LEU B 102 18.89 23.64 7.29
N ASN B 103 20.01 23.32 6.66
CA ASN B 103 21.08 22.72 7.42
C ASN B 103 21.77 23.85 8.17
N ILE B 104 22.27 23.54 9.36
CA ILE B 104 22.96 24.53 10.16
C ILE B 104 24.38 24.07 10.46
N TYR B 105 25.31 25.02 10.43
CA TYR B 105 26.73 24.79 10.66
C TYR B 105 27.17 25.70 11.79
N TRP B 106 28.07 25.21 12.64
CA TRP B 106 28.47 25.95 13.83
C TRP B 106 29.97 26.11 13.94
N GLY B 107 30.39 27.24 14.50
CA GLY B 107 31.77 27.43 14.86
C GLY B 107 32.07 26.72 16.16
N GLN B 108 33.33 26.77 16.57
CA GLN B 108 33.70 26.16 17.84
C GLN B 108 33.22 26.98 19.03
N GLY B 109 32.90 28.24 18.81
CA GLY B 109 32.39 29.12 19.84
C GLY B 109 33.49 29.77 20.63
N THR B 110 33.29 31.04 20.99
CA THR B 110 34.25 31.83 21.73
C THR B 110 33.68 32.21 23.09
N GLN B 111 34.50 32.09 24.13
CA GLN B 111 34.06 32.45 25.47
C GLN B 111 34.04 33.96 25.60
N VAL B 112 32.92 34.50 26.09
CA VAL B 112 32.79 35.92 26.38
C VAL B 112 32.46 36.07 27.87
N THR B 113 33.25 36.87 28.57
CA THR B 113 33.10 37.06 30.00
C THR B 113 33.44 38.50 30.36
N VAL B 114 32.93 38.93 31.50
CA VAL B 114 33.05 40.32 31.96
C VAL B 114 33.53 40.31 33.40
N SER B 115 34.30 41.34 33.76
CA SER B 115 34.81 41.45 35.12
C SER B 115 33.67 41.59 36.12
N SER B 116 33.91 41.11 37.35
CA SER B 116 32.92 41.25 38.41
C SER B 116 32.78 42.68 38.89
N GLY B 117 33.79 43.52 38.66
CA GLY B 117 33.73 44.92 39.06
C GLY B 117 34.99 45.69 38.73
N GLN C 19 0.52 17.04 -32.20
CA GLN C 19 1.41 16.70 -31.11
C GLN C 19 1.40 17.79 -30.05
N ILE C 20 2.23 17.61 -29.01
CA ILE C 20 2.26 18.55 -27.90
C ILE C 20 2.78 19.90 -28.36
N ASP C 21 2.13 20.96 -27.89
CA ASP C 21 2.58 22.33 -28.13
C ASP C 21 3.32 22.84 -26.88
N ILE C 22 4.48 22.24 -26.65
CA ILE C 22 5.25 22.45 -25.42
C ILE C 22 5.47 23.92 -25.12
N THR C 23 5.79 24.73 -26.13
CA THR C 23 6.04 26.15 -25.91
C THR C 23 4.82 26.90 -25.37
N LYS C 24 3.62 26.52 -25.79
CA LYS C 24 2.42 27.18 -25.30
C LYS C 24 1.97 26.63 -23.96
N LEU C 25 2.17 25.34 -23.74
CA LEU C 25 1.83 24.72 -22.47
C LEU C 25 2.60 25.33 -21.31
N GLN C 26 3.80 25.84 -21.56
CA GLN C 26 4.55 26.53 -20.51
C GLN C 26 3.81 27.72 -19.95
N HIS C 27 2.97 28.38 -20.75
CA HIS C 27 2.27 29.57 -20.29
C HIS C 27 1.21 29.28 -19.24
N VAL C 28 0.89 28.01 -18.99
CA VAL C 28 0.00 27.62 -17.91
C VAL C 28 0.74 26.76 -16.88
N GLY C 29 2.07 26.85 -16.88
CA GLY C 29 2.87 26.08 -15.96
C GLY C 29 2.93 24.60 -16.24
N VAL C 30 2.51 24.14 -17.41
CA VAL C 30 2.58 22.73 -17.77
C VAL C 30 3.90 22.53 -18.51
N LEU C 31 4.82 21.81 -17.90
CA LEU C 31 6.18 21.65 -18.38
C LEU C 31 6.41 20.24 -18.91
N VAL C 32 6.04 20.04 -20.17
CA VAL C 32 6.25 18.77 -20.84
C VAL C 32 7.73 18.57 -21.15
N ASN C 33 8.30 17.46 -20.71
CA ASN C 33 9.75 17.33 -20.67
C ASN C 33 10.14 15.87 -20.84
N SER C 34 11.43 15.65 -21.05
CA SER C 34 12.10 14.36 -21.10
C SER C 34 11.45 13.33 -22.01
N PRO C 35 11.45 13.54 -23.33
CA PRO C 35 10.92 12.52 -24.23
C PRO C 35 11.79 11.27 -24.20
N LYS C 36 11.15 10.12 -23.99
CA LYS C 36 11.82 8.83 -24.01
C LYS C 36 11.05 7.88 -24.89
N GLY C 37 11.77 7.01 -25.59
CA GLY C 37 11.11 6.01 -26.40
C GLY C 37 10.47 4.96 -25.51
N MET C 38 9.89 3.96 -26.15
CA MET C 38 9.23 2.91 -25.39
C MET C 38 9.54 1.55 -25.99
N LYS C 39 9.85 0.59 -25.11
CA LYS C 39 10.20 -0.76 -25.52
C LYS C 39 9.11 -1.70 -25.03
N ILE C 40 8.63 -2.57 -25.91
CA ILE C 40 7.60 -3.52 -25.57
C ILE C 40 8.09 -4.92 -25.92
N PRO C 41 7.86 -5.92 -25.08
CA PRO C 41 8.18 -7.29 -25.46
C PRO C 41 7.18 -7.80 -26.48
N GLN C 42 7.59 -7.79 -27.75
CA GLN C 42 6.74 -8.34 -28.79
C GLN C 42 6.50 -9.83 -28.58
N ASN C 43 7.42 -10.53 -27.92
CA ASN C 43 7.28 -11.95 -27.71
C ASN C 43 8.05 -12.32 -26.45
N PHE C 44 7.78 -13.51 -25.93
CA PHE C 44 8.47 -14.05 -24.77
C PHE C 44 9.03 -15.42 -25.09
N GLU C 45 10.31 -15.60 -24.81
CA GLU C 45 10.90 -16.93 -24.78
C GLU C 45 10.53 -17.64 -23.49
N THR C 46 9.88 -18.78 -23.58
CA THR C 46 9.53 -19.51 -22.37
C THR C 46 10.62 -20.44 -21.90
N ARG C 47 10.69 -20.60 -20.58
CA ARG C 47 11.60 -21.50 -19.90
C ARG C 47 10.85 -22.01 -18.68
N TYR C 48 11.24 -23.18 -18.20
CA TYR C 48 10.56 -23.80 -17.08
C TYR C 48 11.48 -23.88 -15.88
N LEU C 49 10.91 -23.63 -14.71
CA LEU C 49 11.62 -23.60 -13.45
C LEU C 49 10.81 -24.45 -12.48
N ILE C 50 11.45 -25.45 -11.88
CA ILE C 50 10.78 -26.35 -10.96
C ILE C 50 11.34 -26.12 -9.56
N LEU C 51 10.51 -25.55 -8.70
CA LEU C 51 10.83 -25.35 -7.29
C LEU C 51 10.53 -26.64 -6.54
N SER C 52 11.58 -27.40 -6.23
CA SER C 52 11.44 -28.63 -5.46
C SER C 52 11.64 -28.28 -3.99
N LEU C 53 10.53 -28.17 -3.26
CA LEU C 53 10.53 -27.46 -1.98
C LEU C 53 11.14 -28.27 -0.84
N ILE C 54 11.39 -29.56 -1.02
CA ILE C 54 11.95 -30.41 0.03
C ILE C 54 13.42 -30.66 -0.27
N PRO C 55 14.33 -30.33 0.65
CA PRO C 55 15.74 -30.68 0.45
C PRO C 55 16.03 -32.11 0.87
N LYS C 56 16.94 -32.74 0.14
CA LYS C 56 17.36 -34.09 0.50
C LYS C 56 18.41 -34.01 1.61
N ILE C 57 18.36 -34.99 2.51
CA ILE C 57 19.31 -35.08 3.61
C ILE C 57 20.18 -36.30 3.39
N GLU C 58 21.37 -36.27 3.97
CA GLU C 58 22.36 -37.33 3.79
C GLU C 58 22.82 -37.93 5.11
N ASP C 59 22.05 -37.76 6.19
CA ASP C 59 22.43 -38.29 7.49
C ASP C 59 22.48 -39.81 7.54
N SER C 60 21.86 -40.49 6.57
CA SER C 60 21.78 -41.95 6.48
C SER C 60 21.07 -42.58 7.66
N ASN C 61 20.34 -41.79 8.46
CA ASN C 61 19.64 -42.34 9.61
C ASN C 61 18.31 -41.64 9.88
N SER C 62 17.86 -40.75 8.98
CA SER C 62 16.60 -40.02 9.11
C SER C 62 16.56 -39.13 10.35
N CYS C 63 17.68 -38.50 10.67
CA CYS C 63 17.69 -37.55 11.78
C CYS C 63 16.89 -36.30 11.45
N GLY C 64 17.05 -35.78 10.23
CA GLY C 64 16.36 -34.57 9.82
C GLY C 64 14.89 -34.73 9.53
N ASP C 65 14.40 -35.96 9.46
CA ASP C 65 13.00 -36.23 9.13
C ASP C 65 12.01 -35.49 10.03
N GLN C 66 12.34 -35.33 11.32
CA GLN C 66 11.42 -34.65 12.23
C GLN C 66 11.16 -33.20 11.83
N GLN C 67 12.20 -32.48 11.40
CA GLN C 67 11.99 -31.11 10.98
C GLN C 67 11.44 -31.02 9.57
N ILE C 68 11.75 -32.02 8.74
CA ILE C 68 11.16 -32.10 7.41
C ILE C 68 9.66 -32.30 7.50
N LYS C 69 9.21 -33.18 8.40
CA LYS C 69 7.79 -33.41 8.56
C LYS C 69 7.05 -32.15 8.98
N GLN C 70 7.56 -31.42 9.98
CA GLN C 70 6.88 -30.20 10.37
C GLN C 70 6.96 -29.12 9.29
N TYR C 71 8.02 -29.10 8.50
CA TYR C 71 8.11 -28.14 7.41
C TYR C 71 7.12 -28.46 6.30
N LYS C 72 6.98 -29.75 5.96
CA LYS C 72 5.89 -30.21 5.10
C LYS C 72 4.53 -29.78 5.65
N ARG C 73 4.35 -29.91 6.96
CA ARG C 73 3.12 -29.46 7.62
C ARG C 73 2.96 -27.95 7.59
N LEU C 74 4.03 -27.19 7.37
CA LEU C 74 3.88 -25.77 7.09
C LEU C 74 3.60 -25.49 5.62
N LEU C 75 4.32 -26.15 4.71
CA LEU C 75 4.10 -25.97 3.27
C LEU C 75 2.65 -26.16 2.88
N ASP C 76 1.97 -27.10 3.51
CA ASP C 76 0.53 -27.29 3.31
C ASP C 76 -0.23 -25.96 3.38
N ARG C 77 0.17 -25.05 4.26
CA ARG C 77 -0.58 -23.82 4.42
C ARG C 77 -0.47 -22.89 3.21
N LEU C 78 0.38 -23.20 2.26
CA LEU C 78 0.60 -22.40 1.06
C LEU C 78 0.42 -23.22 -0.20
N ILE C 79 0.90 -24.45 -0.19
CA ILE C 79 0.86 -25.29 -1.37
C ILE C 79 -0.56 -25.81 -1.62
N ILE C 80 -1.32 -26.10 -0.57
CA ILE C 80 -2.70 -26.55 -0.78
C ILE C 80 -3.56 -25.40 -1.29
N PRO C 81 -3.54 -24.19 -0.69
CA PRO C 81 -4.23 -23.08 -1.36
C PRO C 81 -3.78 -22.81 -2.78
N LEU C 82 -2.48 -22.95 -3.07
CA LEU C 82 -1.99 -22.72 -4.42
C LEU C 82 -2.49 -23.78 -5.39
N TYR C 83 -2.52 -25.04 -4.96
CA TYR C 83 -3.05 -26.12 -5.79
C TYR C 83 -4.55 -25.95 -6.04
N ASP C 84 -5.30 -25.68 -4.98
CA ASP C 84 -6.73 -25.45 -5.13
C ASP C 84 -7.03 -24.24 -6.00
N GLY C 85 -6.19 -23.21 -5.95
CA GLY C 85 -6.33 -22.11 -6.91
C GLY C 85 -6.03 -22.51 -8.34
N LEU C 86 -4.98 -23.30 -8.55
CA LEU C 86 -4.63 -23.72 -9.90
C LEU C 86 -5.68 -24.64 -10.52
N ARG C 87 -6.35 -25.47 -9.73
CA ARG C 87 -7.38 -26.34 -10.28
C ARG C 87 -8.57 -25.56 -10.85
N LEU C 88 -8.83 -24.35 -10.34
CA LEU C 88 -9.83 -23.50 -10.99
C LEU C 88 -9.44 -23.08 -12.39
N MET C 89 -8.14 -23.02 -12.70
CA MET C 89 -7.72 -22.73 -14.06
C MET C 89 -7.93 -23.91 -14.99
N LYS C 90 -8.36 -25.06 -14.49
CA LYS C 90 -8.91 -26.10 -15.35
C LYS C 90 -10.36 -25.76 -15.71
N ASP C 91 -10.50 -24.66 -16.47
CA ASP C 91 -11.79 -24.24 -17.00
C ASP C 91 -11.88 -24.34 -18.51
N VAL C 92 -10.85 -24.90 -19.15
CA VAL C 92 -10.90 -25.42 -20.51
C VAL C 92 -10.85 -26.94 -20.40
N ILE C 93 -11.84 -27.62 -20.96
CA ILE C 93 -11.99 -29.05 -20.80
C ILE C 93 -11.46 -29.75 -22.03
N VAL C 94 -10.55 -30.71 -21.84
CA VAL C 94 -10.09 -31.54 -22.93
C VAL C 94 -10.00 -32.98 -22.45
N THR C 107 -8.81 -30.54 -33.58
CA THR C 107 -8.59 -30.75 -32.15
C THR C 107 -7.35 -30.03 -31.68
N GLU C 108 -7.11 -30.09 -30.37
CA GLU C 108 -5.77 -29.88 -29.82
C GLU C 108 -4.77 -30.76 -30.57
N ARG C 109 -3.50 -30.33 -30.58
CA ARG C 109 -2.37 -30.93 -31.30
C ARG C 109 -2.39 -30.63 -32.80
N PHE C 110 -3.31 -29.79 -33.27
CA PHE C 110 -3.37 -29.38 -34.67
C PHE C 110 -3.44 -27.86 -34.77
N PHE C 111 -2.64 -27.31 -35.68
CA PHE C 111 -2.54 -25.85 -35.85
C PHE C 111 -3.87 -25.26 -36.30
N GLY C 112 -4.37 -24.31 -35.53
CA GLY C 112 -5.70 -23.78 -35.74
C GLY C 112 -6.81 -24.72 -35.38
N GLY C 113 -6.52 -25.76 -34.63
CA GLY C 113 -7.55 -26.62 -34.09
C GLY C 113 -8.13 -26.08 -32.81
N VAL C 114 -9.17 -26.78 -32.34
CA VAL C 114 -9.90 -26.36 -31.15
C VAL C 114 -9.02 -26.53 -29.93
N ILE C 115 -8.93 -25.47 -29.10
CA ILE C 115 -8.11 -25.56 -27.89
C ILE C 115 -8.74 -26.50 -26.90
N GLY C 116 -10.05 -26.41 -26.72
CA GLY C 116 -10.76 -27.33 -25.86
C GLY C 116 -12.20 -26.89 -25.73
N THR C 117 -12.94 -27.67 -24.96
CA THR C 117 -14.33 -27.37 -24.69
C THR C 117 -14.43 -26.39 -23.52
N ILE C 118 -15.40 -25.51 -23.58
CA ILE C 118 -15.62 -24.57 -22.50
C ILE C 118 -16.13 -25.38 -21.31
N ALA C 119 -16.16 -24.76 -20.13
CA ALA C 119 -16.64 -25.43 -18.94
C ALA C 119 -17.88 -24.74 -18.39
N LEU C 120 -18.63 -25.49 -17.58
CA LEU C 120 -19.80 -24.96 -16.89
C LEU C 120 -19.38 -24.05 -15.74
N GLY C 121 -19.22 -22.78 -16.03
CA GLY C 121 -18.96 -21.79 -15.01
C GLY C 121 -18.87 -20.45 -15.67
N VAL C 122 -18.27 -19.49 -14.97
CA VAL C 122 -17.90 -18.22 -15.58
C VAL C 122 -16.39 -18.08 -15.50
N ALA C 123 -15.77 -17.74 -16.62
CA ALA C 123 -14.35 -17.42 -16.67
C ALA C 123 -14.16 -16.14 -17.46
N THR C 124 -13.53 -15.14 -16.86
CA THR C 124 -13.27 -13.90 -17.55
C THR C 124 -12.09 -14.06 -18.49
N SER C 125 -11.90 -13.05 -19.36
CA SER C 125 -10.83 -13.11 -20.35
C SER C 125 -9.45 -13.31 -19.73
N ALA C 126 -9.21 -12.78 -18.53
CA ALA C 126 -7.95 -13.06 -17.83
C ALA C 126 -7.84 -14.53 -17.45
N GLN C 127 -8.92 -15.11 -16.93
CA GLN C 127 -8.92 -16.53 -16.61
C GLN C 127 -8.78 -17.37 -17.87
N ILE C 128 -9.45 -16.99 -18.95
CA ILE C 128 -9.34 -17.73 -20.20
C ILE C 128 -7.90 -17.68 -20.73
N THR C 129 -7.27 -16.51 -20.67
CA THR C 129 -5.87 -16.40 -21.09
C THR C 129 -4.96 -17.25 -20.24
N ALA C 130 -5.21 -17.32 -18.92
CA ALA C 130 -4.40 -18.18 -18.07
C ALA C 130 -4.64 -19.66 -18.33
N ALA C 131 -5.89 -20.05 -18.58
CA ALA C 131 -6.18 -21.43 -18.94
C ALA C 131 -5.55 -21.82 -20.27
N VAL C 132 -5.56 -20.92 -21.25
CA VAL C 132 -4.89 -21.17 -22.52
C VAL C 132 -3.38 -21.31 -22.33
N ALA C 133 -2.80 -20.48 -21.47
CA ALA C 133 -1.37 -20.64 -21.17
C ALA C 133 -1.09 -21.97 -20.48
N LEU C 134 -1.98 -22.41 -19.58
CA LEU C 134 -1.83 -23.72 -18.95
C LEU C 134 -1.94 -24.86 -19.95
N VAL C 135 -2.88 -24.80 -20.88
CA VAL C 135 -3.02 -25.89 -21.84
C VAL C 135 -1.91 -25.85 -22.87
N GLU C 136 -1.23 -24.72 -23.02
CA GLU C 136 -0.02 -24.72 -23.84
C GLU C 136 1.14 -25.43 -23.16
N ALA C 137 1.34 -25.17 -21.87
CA ALA C 137 2.35 -25.84 -21.05
C ALA C 137 2.05 -27.30 -20.71
N LYS C 138 0.79 -27.74 -20.81
CA LYS C 138 0.42 -29.08 -20.38
C LYS C 138 1.21 -30.20 -21.05
N GLN C 139 1.70 -29.99 -22.27
CA GLN C 139 2.56 -30.98 -22.92
C GLN C 139 3.89 -31.24 -22.20
N ALA C 140 4.32 -30.32 -21.34
CA ALA C 140 5.51 -30.56 -20.52
C ALA C 140 5.33 -31.69 -19.53
N ARG C 141 4.08 -32.02 -19.20
CA ARG C 141 3.81 -32.87 -18.04
C ARG C 141 4.39 -34.27 -18.17
N SER C 142 4.50 -34.79 -19.40
CA SER C 142 5.24 -36.05 -19.57
C SER C 142 6.74 -35.87 -19.37
N ASP C 143 7.30 -34.71 -19.75
CA ASP C 143 8.69 -34.46 -19.44
C ASP C 143 8.85 -34.15 -17.96
N ILE C 144 7.81 -33.60 -17.35
CA ILE C 144 7.81 -33.39 -15.91
C ILE C 144 7.92 -34.74 -15.20
N GLU C 145 7.09 -35.70 -15.61
CA GLU C 145 7.15 -37.05 -15.06
C GLU C 145 8.51 -37.69 -15.28
N LYS C 146 9.15 -37.42 -16.42
CA LYS C 146 10.49 -37.94 -16.66
C LYS C 146 11.52 -37.28 -15.74
N LEU C 147 11.44 -35.97 -15.57
CA LEU C 147 12.43 -35.23 -14.78
C LEU C 147 12.31 -35.48 -13.28
N LYS C 148 11.08 -35.52 -12.74
CA LYS C 148 10.93 -35.71 -11.30
C LYS C 148 11.58 -37.00 -10.82
N GLU C 149 11.66 -38.00 -11.68
CA GLU C 149 12.40 -39.21 -11.33
C GLU C 149 13.86 -38.89 -11.03
N ALA C 150 14.42 -37.90 -11.71
CA ALA C 150 15.78 -37.47 -11.38
C ALA C 150 15.80 -36.58 -10.15
N ILE C 151 15.02 -35.50 -10.16
CA ILE C 151 15.04 -34.51 -9.08
C ILE C 151 14.61 -35.08 -7.73
N ARG C 152 13.85 -36.17 -7.70
CA ARG C 152 13.57 -36.86 -6.46
C ARG C 152 14.83 -37.40 -5.80
N ASP C 153 15.83 -37.78 -6.60
CA ASP C 153 17.03 -38.44 -6.08
C ASP C 153 18.20 -37.48 -5.87
N THR C 154 18.37 -36.48 -6.73
CA THR C 154 19.58 -35.66 -6.68
C THR C 154 19.61 -34.77 -5.43
N ASN C 155 20.84 -34.46 -5.03
CA ASN C 155 21.13 -33.52 -3.94
C ASN C 155 21.49 -32.14 -4.44
N LYS C 156 21.87 -31.99 -5.71
CA LYS C 156 22.39 -30.74 -6.23
C LYS C 156 21.34 -29.64 -6.22
N ALA C 157 21.77 -28.42 -5.88
CA ALA C 157 20.82 -27.37 -5.53
C ALA C 157 20.14 -26.81 -6.76
N VAL C 158 20.91 -26.56 -7.83
CA VAL C 158 20.36 -26.09 -9.09
C VAL C 158 20.84 -27.02 -10.18
N GLN C 159 19.90 -27.56 -10.94
CA GLN C 159 20.15 -28.62 -11.90
C GLN C 159 19.38 -28.28 -13.16
N SER C 160 19.96 -28.59 -14.32
CA SER C 160 19.27 -28.40 -15.59
C SER C 160 19.24 -29.73 -16.34
N VAL C 161 18.11 -30.01 -16.97
CA VAL C 161 17.87 -31.25 -17.70
C VAL C 161 17.50 -30.91 -19.14
N GLN C 162 18.15 -31.58 -20.09
CA GLN C 162 17.84 -31.35 -21.49
C GLN C 162 16.67 -32.24 -21.90
N SER C 163 16.09 -31.96 -23.07
CA SER C 163 14.99 -32.75 -23.58
C SER C 163 15.00 -32.70 -25.10
N SER C 164 14.01 -33.34 -25.72
CA SER C 164 13.78 -33.19 -27.15
C SER C 164 13.26 -31.80 -27.50
N VAL C 165 12.52 -31.17 -26.59
CA VAL C 165 12.22 -29.76 -26.72
C VAL C 165 13.49 -28.93 -26.56
N GLY C 166 13.52 -27.78 -27.22
CA GLY C 166 14.71 -26.98 -27.38
C GLY C 166 15.42 -26.57 -26.10
N PRO C 167 14.75 -25.88 -25.19
CA PRO C 167 15.46 -25.31 -24.04
C PRO C 167 15.64 -26.33 -22.93
N PRO C 168 16.75 -26.25 -22.20
CA PRO C 168 16.87 -26.95 -20.92
C PRO C 168 15.81 -26.51 -19.92
N ILE C 169 15.33 -27.47 -19.13
CA ILE C 169 14.46 -27.21 -17.99
C ILE C 169 15.27 -27.31 -16.71
N VAL C 170 15.08 -26.35 -15.81
CA VAL C 170 15.92 -26.23 -14.63
C VAL C 170 15.09 -26.48 -13.38
N ALA C 171 15.73 -27.09 -12.38
CA ALA C 171 15.09 -27.41 -11.12
C ALA C 171 15.93 -26.88 -9.98
N ILE C 172 15.28 -26.27 -9.00
CA ILE C 172 15.96 -25.76 -7.81
C ILE C 172 15.44 -26.51 -6.59
N LYS C 173 16.36 -27.16 -5.88
CA LYS C 173 16.06 -27.89 -4.66
C LYS C 173 16.38 -26.96 -3.50
N SER C 174 15.34 -26.57 -2.74
CA SER C 174 15.29 -25.32 -2.00
C SER C 174 16.56 -24.90 -1.26
N VAL C 175 17.01 -25.70 -0.29
CA VAL C 175 18.09 -25.27 0.58
C VAL C 175 19.30 -26.21 0.53
N GLN C 176 19.49 -26.89 -0.61
CA GLN C 176 20.48 -27.96 -0.68
C GLN C 176 21.90 -27.48 -0.40
N ASP C 177 22.27 -26.28 -0.84
CA ASP C 177 23.62 -25.80 -0.52
C ASP C 177 23.84 -25.76 0.99
N TYR C 178 22.90 -25.15 1.72
CA TYR C 178 22.98 -25.11 3.16
C TYR C 178 22.97 -26.50 3.78
N VAL C 179 22.13 -27.39 3.26
CA VAL C 179 22.04 -28.75 3.81
C VAL C 179 23.34 -29.53 3.62
N ASN C 180 23.83 -29.63 2.39
CA ASN C 180 25.03 -30.42 2.15
C ASN C 180 26.30 -29.76 2.70
N LYS C 181 26.42 -28.45 2.62
CA LYS C 181 27.64 -27.80 3.09
C LYS C 181 27.66 -27.48 4.58
N GLU C 182 26.52 -27.43 5.25
CA GLU C 182 26.50 -27.09 6.66
C GLU C 182 25.86 -28.16 7.53
N ILE C 183 24.68 -28.65 7.15
CA ILE C 183 23.95 -29.60 7.98
C ILE C 183 24.54 -31.00 7.86
N VAL C 184 24.98 -31.39 6.66
CA VAL C 184 25.65 -32.68 6.49
C VAL C 184 26.93 -32.75 7.30
N PRO C 185 27.76 -31.71 7.40
CA PRO C 185 28.88 -31.79 8.35
C PRO C 185 28.41 -31.78 9.81
N SER C 186 27.46 -30.91 10.14
CA SER C 186 27.00 -30.75 11.51
C SER C 186 26.37 -32.01 12.10
N ILE C 187 25.73 -32.85 11.28
CA ILE C 187 25.15 -34.07 11.84
C ILE C 187 26.23 -34.95 12.45
N ALA C 188 27.42 -34.95 11.85
CA ALA C 188 28.54 -35.70 12.43
C ALA C 188 29.22 -34.92 13.54
N ARG C 189 29.51 -33.64 13.30
CA ARG C 189 30.24 -32.82 14.26
C ARG C 189 29.44 -32.46 15.51
N LEU C 190 28.16 -32.14 15.36
CA LEU C 190 27.35 -31.73 16.52
C LEU C 190 26.22 -32.69 16.87
N GLY C 191 25.91 -33.65 16.02
CA GLY C 191 24.85 -34.60 16.27
C GLY C 191 23.47 -34.15 15.85
N CYS C 192 22.53 -35.08 16.03
CA CYS C 192 21.15 -34.89 15.62
C CYS C 192 20.47 -33.69 16.26
N GLU C 193 20.83 -33.35 17.50
CA GLU C 193 20.19 -32.23 18.20
C GLU C 193 20.43 -30.88 17.51
N ALA C 194 21.70 -30.51 17.32
CA ALA C 194 21.99 -29.23 16.67
C ALA C 194 21.62 -29.27 15.19
N ALA C 195 21.89 -30.39 14.50
CA ALA C 195 21.53 -30.49 13.10
C ALA C 195 20.02 -30.29 12.94
N GLY C 196 19.24 -30.90 13.83
CA GLY C 196 17.81 -30.74 13.82
C GLY C 196 17.37 -29.30 14.04
N LEU C 197 17.99 -28.62 15.00
CA LEU C 197 17.61 -27.22 15.20
C LEU C 197 17.98 -26.37 13.99
N GLN C 198 19.15 -26.63 13.38
CA GLN C 198 19.57 -25.89 12.20
C GLN C 198 18.56 -26.07 11.09
N LEU C 199 18.10 -27.30 10.87
CA LEU C 199 17.06 -27.55 9.88
C LEU C 199 15.78 -26.81 10.23
N GLY C 200 15.33 -26.92 11.47
CA GLY C 200 14.11 -26.24 11.87
C GLY C 200 14.15 -24.75 11.57
N ILE C 201 15.24 -24.10 11.97
CA ILE C 201 15.37 -22.66 11.75
C ILE C 201 15.41 -22.33 10.26
N ALA C 202 16.27 -23.02 9.51
CA ALA C 202 16.45 -22.71 8.10
C ALA C 202 15.18 -22.95 7.30
N LEU C 203 14.49 -24.07 7.57
CA LEU C 203 13.29 -24.41 6.84
C LEU C 203 12.13 -23.50 7.21
N THR C 204 11.95 -23.15 8.48
CA THR C 204 10.87 -22.23 8.81
C THR C 204 11.15 -20.81 8.32
N GLN C 205 12.43 -20.41 8.23
CA GLN C 205 12.75 -19.17 7.52
C GLN C 205 12.36 -19.26 6.06
N HIS C 206 12.71 -20.38 5.41
CA HIS C 206 12.35 -20.57 4.01
C HIS C 206 10.84 -20.59 3.83
N TYR C 207 10.10 -21.12 4.81
CA TYR C 207 8.65 -20.97 4.82
C TYR C 207 8.20 -19.53 4.89
N SER C 208 8.84 -18.71 5.71
CA SER C 208 8.42 -17.31 5.73
C SER C 208 8.71 -16.60 4.41
N GLU C 209 9.82 -16.98 3.76
CA GLU C 209 10.12 -16.43 2.44
C GLU C 209 9.10 -16.89 1.39
N LEU C 210 8.85 -18.19 1.34
CA LEU C 210 7.83 -18.73 0.45
C LEU C 210 6.47 -18.10 0.71
N THR C 211 6.12 -17.88 1.98
CA THR C 211 4.84 -17.25 2.30
C THR C 211 4.80 -15.82 1.80
N ASN C 212 5.94 -15.13 1.85
CA ASN C 212 6.01 -13.78 1.29
C ASN C 212 5.85 -13.80 -0.23
N ILE C 213 6.23 -14.89 -0.87
CA ILE C 213 6.12 -14.97 -2.33
C ILE C 213 4.73 -15.46 -2.79
N PHE C 214 4.21 -16.51 -2.16
CA PHE C 214 3.07 -17.28 -2.65
C PHE C 214 1.76 -17.02 -1.92
N GLY C 215 1.78 -16.33 -0.79
CA GLY C 215 0.61 -16.33 0.08
C GLY C 215 -0.44 -15.28 -0.19
N ASP C 216 -0.05 -14.10 -0.67
CA ASP C 216 -0.99 -13.01 -0.89
C ASP C 216 -1.65 -13.09 -2.27
N ASN C 217 -2.94 -12.76 -2.30
CA ASN C 217 -3.71 -12.59 -3.54
C ASN C 217 -3.66 -13.83 -4.45
N ILE C 218 -3.89 -15.00 -3.84
CA ILE C 218 -3.58 -16.29 -4.47
C ILE C 218 -4.26 -16.44 -5.82
N GLY C 219 -5.52 -15.98 -5.94
CA GLY C 219 -6.18 -16.06 -7.23
C GLY C 219 -5.54 -15.18 -8.30
N SER C 220 -5.14 -13.97 -7.94
CA SER C 220 -4.39 -13.13 -8.87
C SER C 220 -3.03 -13.72 -9.17
N LEU C 221 -2.39 -14.28 -8.15
CA LEU C 221 -1.09 -14.93 -8.31
C LEU C 221 -1.16 -16.13 -9.24
N ILE C 222 -2.28 -16.83 -9.27
CA ILE C 222 -2.46 -17.90 -10.24
C ILE C 222 -2.77 -17.34 -11.62
N GLU C 223 -3.68 -16.37 -11.67
CA GLU C 223 -4.12 -15.78 -12.93
C GLU C 223 -2.99 -15.02 -13.62
N LYS C 224 -2.32 -14.14 -12.89
CA LYS C 224 -1.34 -13.24 -13.49
C LYS C 224 0.11 -13.67 -13.26
N GLY C 225 0.36 -14.54 -12.30
CA GLY C 225 1.69 -15.03 -12.04
C GLY C 225 2.43 -14.25 -10.96
N ILE C 226 3.64 -14.72 -10.71
CA ILE C 226 4.54 -14.19 -9.70
C ILE C 226 5.71 -13.49 -10.36
N LYS C 227 6.09 -12.33 -9.82
CA LYS C 227 7.24 -11.61 -10.36
C LYS C 227 8.51 -12.44 -10.22
N LEU C 228 9.26 -12.57 -11.31
CA LEU C 228 10.51 -13.33 -11.28
C LEU C 228 11.53 -12.77 -10.30
N GLN C 229 11.47 -11.46 -10.05
CA GLN C 229 12.32 -10.82 -9.04
C GLN C 229 12.28 -11.53 -7.70
N GLY C 230 11.08 -11.87 -7.22
CA GLY C 230 10.96 -12.50 -5.92
C GLY C 230 11.55 -13.90 -5.85
N ILE C 231 11.24 -14.73 -6.85
CA ILE C 231 11.78 -16.10 -6.87
C ILE C 231 13.30 -16.08 -7.02
N ALA C 232 13.83 -15.17 -7.83
CA ALA C 232 15.28 -15.07 -7.93
C ALA C 232 15.86 -14.61 -6.60
N SER C 233 15.18 -13.70 -5.89
CA SER C 233 15.67 -13.32 -4.58
C SER C 233 15.61 -14.49 -3.60
N LEU C 234 14.63 -15.38 -3.76
CA LEU C 234 14.60 -16.60 -2.97
C LEU C 234 15.82 -17.46 -3.21
N TYR C 235 16.34 -17.47 -4.45
CA TYR C 235 17.25 -18.55 -4.82
C TYR C 235 18.50 -18.05 -5.54
N ARG C 236 18.81 -16.77 -5.41
CA ARG C 236 19.98 -16.10 -6.00
C ARG C 236 20.21 -16.50 -7.46
N THR C 237 19.12 -16.76 -8.19
CA THR C 237 19.22 -17.40 -9.49
C THR C 237 19.88 -16.46 -10.49
N ASN C 238 20.98 -16.91 -11.09
CA ASN C 238 21.61 -16.16 -12.18
C ASN C 238 20.83 -16.41 -13.46
N ILE C 239 19.75 -15.65 -13.59
CA ILE C 239 18.74 -15.82 -14.65
C ILE C 239 19.41 -15.92 -16.02
N THR C 240 20.34 -15.01 -16.32
CA THR C 240 20.98 -15.05 -17.63
C THR C 240 21.83 -16.31 -17.77
N GLU C 241 22.47 -16.74 -16.68
CA GLU C 241 23.26 -17.96 -16.73
C GLU C 241 22.39 -19.21 -16.76
N ILE C 242 21.25 -19.17 -16.07
CA ILE C 242 20.36 -20.32 -15.99
C ILE C 242 19.56 -20.50 -17.28
N PHE C 243 19.15 -19.40 -17.92
CA PHE C 243 18.21 -19.45 -19.02
C PHE C 243 18.78 -19.02 -20.36
N THR C 244 19.88 -18.28 -20.40
CA THR C 244 20.45 -17.84 -21.66
C THR C 244 21.97 -17.98 -21.66
N ASP C 252 21.79 -5.28 -21.02
CA ASP C 252 21.83 -4.03 -20.27
C ASP C 252 21.13 -4.18 -18.93
N ILE C 253 21.50 -3.34 -17.97
CA ILE C 253 21.02 -3.51 -16.60
C ILE C 253 19.51 -3.31 -16.54
N TYR C 254 19.00 -2.36 -17.32
CA TYR C 254 17.58 -2.06 -17.33
C TYR C 254 16.78 -3.17 -17.99
N ASP C 255 17.35 -3.83 -19.01
CA ASP C 255 16.68 -4.97 -19.60
C ASP C 255 16.59 -6.11 -18.60
N LEU C 256 17.63 -6.28 -17.78
CA LEU C 256 17.61 -7.30 -16.74
C LEU C 256 16.58 -6.96 -15.67
N LEU C 257 16.50 -5.70 -15.26
CA LEU C 257 15.48 -5.26 -14.33
C LEU C 257 14.08 -5.52 -14.87
N PHE C 258 13.87 -5.28 -16.16
CA PHE C 258 12.57 -5.56 -16.76
C PHE C 258 12.28 -7.05 -16.76
N THR C 259 13.27 -7.87 -17.11
CA THR C 259 13.11 -9.32 -17.04
C THR C 259 12.78 -9.78 -15.64
N GLU C 260 13.28 -9.08 -14.62
CA GLU C 260 12.87 -9.39 -13.25
C GLU C 260 11.44 -8.97 -12.97
N SER C 261 10.99 -7.87 -13.57
CA SER C 261 9.67 -7.34 -13.25
C SER C 261 8.52 -8.15 -13.83
N ILE C 262 8.73 -8.88 -14.91
CA ILE C 262 7.65 -9.64 -15.51
C ILE C 262 7.36 -10.93 -14.73
N LYS C 263 6.12 -11.39 -14.87
CA LYS C 263 5.54 -12.41 -14.01
C LYS C 263 5.64 -13.81 -14.60
N VAL C 264 6.18 -14.73 -13.81
CA VAL C 264 6.26 -16.14 -14.16
C VAL C 264 4.97 -16.82 -13.72
N ARG C 265 4.40 -17.63 -14.58
CA ARG C 265 3.12 -18.26 -14.28
C ARG C 265 3.33 -19.63 -13.68
N VAL C 266 2.58 -19.91 -12.62
CA VAL C 266 2.55 -21.26 -12.04
C VAL C 266 1.80 -22.18 -13.00
N ILE C 267 2.46 -23.25 -13.42
CA ILE C 267 1.85 -24.19 -14.35
C ILE C 267 1.52 -25.54 -13.71
N ASP C 268 2.15 -25.90 -12.60
CA ASP C 268 1.81 -27.12 -11.89
C ASP C 268 2.17 -26.93 -10.42
N VAL C 269 1.48 -27.68 -9.56
CA VAL C 269 1.77 -27.75 -8.13
C VAL C 269 1.59 -29.19 -7.68
N ASP C 270 2.69 -29.86 -7.34
CA ASP C 270 2.64 -31.24 -6.88
C ASP C 270 2.43 -31.28 -5.37
N LEU C 271 1.23 -31.67 -4.94
CA LEU C 271 0.97 -31.75 -3.51
C LEU C 271 1.70 -32.90 -2.83
N ASN C 272 2.01 -33.96 -3.55
CA ASN C 272 2.72 -35.07 -2.90
C ASN C 272 4.23 -34.87 -2.86
N ASP C 273 4.82 -34.33 -3.93
CA ASP C 273 6.26 -34.12 -3.97
C ASP C 273 6.66 -32.72 -3.51
N TYR C 274 5.68 -31.90 -3.14
CA TYR C 274 5.90 -30.51 -2.71
C TYR C 274 6.78 -29.77 -3.71
N SER C 275 6.29 -29.69 -4.94
CA SER C 275 7.02 -29.14 -6.07
C SER C 275 6.11 -28.18 -6.82
N ILE C 276 6.64 -27.01 -7.16
CA ILE C 276 5.93 -26.00 -7.94
C ILE C 276 6.67 -25.80 -9.26
N THR C 277 5.96 -25.97 -10.38
CA THR C 277 6.54 -25.79 -11.70
C THR C 277 6.11 -24.44 -12.27
N LEU C 278 7.09 -23.69 -12.78
CA LEU C 278 6.92 -22.30 -13.17
C LEU C 278 7.32 -22.11 -14.63
N GLN C 279 6.62 -21.21 -15.31
CA GLN C 279 6.97 -20.81 -16.67
C GLN C 279 7.63 -19.44 -16.61
N VAL C 280 8.93 -19.40 -16.85
CA VAL C 280 9.64 -18.14 -16.96
C VAL C 280 9.51 -17.67 -18.40
N ARG C 281 9.47 -16.36 -18.60
CA ARG C 281 9.04 -15.75 -19.85
C ARG C 281 10.08 -14.73 -20.27
N LEU C 282 11.10 -15.14 -20.99
CA LEU C 282 12.17 -14.24 -21.35
C LEU C 282 11.71 -13.28 -22.45
N PRO C 283 11.60 -11.97 -22.19
CA PRO C 283 11.05 -11.05 -23.19
C PRO C 283 11.98 -10.83 -24.36
N LEU C 284 11.41 -10.78 -25.56
CA LEU C 284 12.07 -10.25 -26.75
C LEU C 284 11.65 -8.79 -26.93
N LEU C 285 12.46 -7.87 -26.42
CA LEU C 285 12.17 -6.44 -26.47
C LEU C 285 12.45 -5.82 -27.84
N THR C 286 11.50 -5.05 -28.36
CA THR C 286 11.72 -4.21 -29.52
C THR C 286 11.47 -2.75 -29.19
N ARG C 287 12.36 -1.88 -29.66
CA ARG C 287 12.09 -0.44 -29.63
C ARG C 287 10.92 -0.13 -30.55
N LEU C 288 9.83 0.35 -29.99
CA LEU C 288 8.69 0.72 -30.80
C LEU C 288 8.97 2.05 -31.50
N LEU C 289 8.73 2.09 -32.80
CA LEU C 289 9.00 3.27 -33.61
C LEU C 289 7.94 4.36 -33.41
N ASN C 290 8.37 5.60 -33.61
CA ASN C 290 7.50 6.77 -33.61
C ASN C 290 6.67 6.89 -32.34
N THR C 291 7.24 6.51 -31.22
CA THR C 291 6.58 6.71 -29.95
C THR C 291 7.53 7.47 -29.04
N GLN C 292 6.97 8.41 -28.28
CA GLN C 292 7.68 9.12 -27.24
C GLN C 292 6.78 9.19 -26.03
N ILE C 293 7.35 8.99 -24.85
CA ILE C 293 6.65 9.24 -23.60
C ILE C 293 7.28 10.49 -23.00
N TYR C 294 6.45 11.47 -22.68
CA TYR C 294 6.87 12.72 -22.08
C TYR C 294 6.38 12.85 -20.66
N LYS C 295 7.25 13.35 -19.79
CA LYS C 295 6.85 13.71 -18.44
C LYS C 295 6.21 15.07 -18.49
N VAL C 296 5.19 15.28 -17.67
CA VAL C 296 4.58 16.61 -17.60
C VAL C 296 4.51 16.97 -16.13
N ASP C 297 5.08 18.12 -15.78
CA ASP C 297 5.07 18.66 -14.45
C ASP C 297 4.30 19.97 -14.47
N SER C 298 3.29 20.07 -13.61
CA SER C 298 2.45 21.25 -13.53
C SER C 298 2.83 22.07 -12.31
N ILE C 299 3.27 23.30 -12.54
CA ILE C 299 3.57 24.24 -11.47
C ILE C 299 2.30 25.02 -11.15
N SER C 300 2.28 25.71 -10.03
CA SER C 300 1.13 26.52 -9.67
C SER C 300 0.94 27.70 -10.61
N TYR C 301 -0.30 27.97 -10.94
CA TYR C 301 -0.69 29.04 -11.85
C TYR C 301 -1.59 30.00 -11.09
N ASN C 302 -1.22 31.27 -11.07
CA ASN C 302 -1.96 32.28 -10.34
C ASN C 302 -3.21 32.74 -11.09
N ILE C 303 -4.35 32.71 -10.41
CA ILE C 303 -5.53 33.48 -10.79
C ILE C 303 -5.90 34.34 -9.59
N GLN C 304 -5.76 35.66 -9.76
CA GLN C 304 -6.16 36.67 -8.78
C GLN C 304 -5.66 36.35 -7.37
N ASN C 305 -4.34 36.15 -7.27
CA ASN C 305 -3.64 35.82 -6.03
C ASN C 305 -4.10 34.51 -5.40
N ARG C 306 -4.68 33.60 -6.17
CA ARG C 306 -4.95 32.26 -5.70
C ARG C 306 -4.23 31.29 -6.62
N GLU C 307 -3.73 30.19 -6.06
CA GLU C 307 -2.92 29.22 -6.79
C GLU C 307 -3.74 28.10 -7.39
N TRP C 308 -3.58 27.89 -8.69
CA TRP C 308 -4.25 26.84 -9.44
C TRP C 308 -3.21 26.07 -10.24
N TYR C 309 -3.59 24.89 -10.71
CA TYR C 309 -2.71 24.11 -11.57
C TYR C 309 -3.56 23.26 -12.50
N ILE C 310 -2.92 22.75 -13.55
CA ILE C 310 -3.56 21.86 -14.51
C ILE C 310 -3.26 20.42 -14.10
N PRO C 311 -4.24 19.63 -13.66
CA PRO C 311 -4.01 18.28 -13.14
C PRO C 311 -3.86 17.19 -14.20
N LEU C 312 -2.96 17.39 -15.14
CA LEU C 312 -2.66 16.42 -16.18
C LEU C 312 -2.05 15.14 -15.59
N PRO C 313 -2.15 14.01 -16.30
CA PRO C 313 -1.52 12.79 -15.81
C PRO C 313 0.00 12.95 -15.80
N SER C 314 0.67 12.19 -14.94
CA SER C 314 2.11 12.38 -14.78
C SER C 314 2.90 12.15 -16.07
N HIS C 315 2.43 11.28 -16.96
CA HIS C 315 3.12 11.02 -18.22
C HIS C 315 2.13 11.04 -19.38
N ILE C 316 2.60 11.50 -20.52
CA ILE C 316 1.81 11.52 -21.75
C ILE C 316 2.67 10.90 -22.84
N MET C 317 2.01 10.36 -23.86
CA MET C 317 2.70 9.65 -24.92
C MET C 317 2.12 10.06 -26.27
N THR C 318 2.97 10.02 -27.29
CA THR C 318 2.53 10.12 -28.67
C THR C 318 2.83 8.83 -29.42
N LYS C 319 1.96 8.53 -30.39
CA LYS C 319 2.13 7.44 -31.34
C LYS C 319 1.75 8.00 -32.70
N GLY C 320 2.75 8.54 -33.41
CA GLY C 320 2.46 9.30 -34.61
C GLY C 320 1.53 10.46 -34.34
N ALA C 321 0.30 10.36 -34.83
CA ALA C 321 -0.73 11.36 -34.60
C ALA C 321 -1.39 11.22 -33.25
N PHE C 322 -1.28 10.06 -32.61
CA PHE C 322 -1.96 9.82 -31.34
C PHE C 322 -1.34 10.65 -30.22
N LEU C 323 -2.17 10.99 -29.24
CA LEU C 323 -1.72 11.70 -28.04
C LEU C 323 -2.59 11.24 -26.88
N GLY C 324 -1.96 10.73 -25.83
CA GLY C 324 -2.70 10.24 -24.70
C GLY C 324 -1.80 10.16 -23.49
N GLY C 325 -2.35 9.67 -22.38
CA GLY C 325 -1.54 9.41 -21.22
C GLY C 325 -0.77 8.12 -21.32
N ALA C 326 0.14 7.91 -20.37
CA ALA C 326 0.91 6.68 -20.27
C ALA C 326 1.00 6.25 -18.81
N ASP C 327 0.52 5.03 -18.52
CA ASP C 327 0.59 4.47 -17.17
C ASP C 327 1.93 3.77 -16.95
N VAL C 328 2.98 4.59 -16.88
CA VAL C 328 4.36 4.12 -16.72
C VAL C 328 4.65 3.47 -15.38
N LYS C 329 3.70 3.48 -14.43
CA LYS C 329 3.92 2.93 -13.09
C LYS C 329 4.47 1.50 -13.11
N GLU C 330 4.06 0.65 -14.06
CA GLU C 330 4.53 -0.72 -14.12
C GLU C 330 5.76 -0.90 -15.01
N CYS C 331 6.24 0.17 -15.64
CA CYS C 331 7.36 0.12 -16.56
C CYS C 331 8.69 0.40 -15.87
N ILE C 332 9.77 0.05 -16.56
CA ILE C 332 11.13 0.29 -16.10
C ILE C 332 11.64 1.50 -16.86
N GLU C 333 12.01 2.54 -16.13
CA GLU C 333 12.51 3.78 -16.71
C GLU C 333 14.01 3.72 -16.97
N ALA C 334 14.38 3.28 -18.16
CA ALA C 334 15.78 3.28 -18.54
C ALA C 334 16.15 4.72 -18.88
N PRO C 335 17.44 5.04 -19.02
CA PRO C 335 17.79 6.45 -19.31
C PRO C 335 17.34 6.94 -20.67
N SER C 336 17.17 6.05 -21.65
CA SER C 336 16.77 6.45 -22.99
C SER C 336 15.37 6.01 -23.38
N SER C 337 14.76 5.06 -22.68
CA SER C 337 13.45 4.58 -23.06
C SER C 337 12.79 3.94 -21.85
N TYR C 338 11.47 3.83 -21.91
CA TYR C 338 10.70 3.16 -20.88
C TYR C 338 10.44 1.76 -21.39
N ILE C 339 10.79 0.75 -20.61
CA ILE C 339 10.52 -0.62 -20.98
C ILE C 339 9.23 -1.02 -20.29
N CYS C 340 8.21 -1.32 -21.08
CA CYS C 340 6.90 -1.61 -20.49
C CYS C 340 6.45 -3.01 -20.85
N PRO C 341 5.67 -3.67 -19.99
CA PRO C 341 5.18 -5.00 -20.33
C PRO C 341 4.15 -4.96 -21.44
N SER C 342 3.47 -3.84 -21.61
CA SER C 342 2.47 -3.63 -22.64
C SER C 342 2.33 -2.14 -22.82
N ASP C 343 1.75 -1.73 -23.95
CA ASP C 343 1.54 -0.32 -24.23
C ASP C 343 0.72 0.31 -23.11
N PRO C 344 1.32 1.23 -22.35
CA PRO C 344 0.63 1.81 -21.19
C PRO C 344 -0.33 2.92 -21.55
N GLY C 345 -0.50 3.22 -22.83
CA GLY C 345 -1.26 4.37 -23.23
C GLY C 345 -2.74 4.21 -22.97
N PHE C 346 -3.34 5.29 -22.48
CA PHE C 346 -4.78 5.38 -22.32
C PHE C 346 -5.19 6.73 -22.90
N VAL C 347 -6.26 6.71 -23.69
CA VAL C 347 -6.72 7.92 -24.37
C VAL C 347 -7.25 8.93 -23.36
N LEU C 348 -6.86 10.18 -23.55
CA LEU C 348 -7.33 11.24 -22.67
C LEU C 348 -8.77 11.55 -23.06
N ASN C 349 -9.69 11.29 -22.14
CA ASN C 349 -11.11 11.44 -22.41
C ASN C 349 -11.57 12.89 -22.42
N HIS C 350 -10.82 13.79 -21.81
CA HIS C 350 -11.34 15.13 -21.64
C HIS C 350 -10.78 16.05 -22.71
N GLU C 351 -11.01 17.35 -22.53
CA GLU C 351 -10.37 18.40 -23.31
C GLU C 351 -8.86 18.44 -23.05
N MET C 352 -8.37 17.55 -22.18
CA MET C 352 -6.95 17.45 -21.91
C MET C 352 -6.17 17.19 -23.18
N GLU C 353 -6.73 16.45 -24.13
CA GLU C 353 -6.06 16.26 -25.40
C GLU C 353 -5.97 17.58 -26.16
N SER C 354 -7.06 18.35 -26.17
CA SER C 354 -7.03 19.66 -26.81
C SER C 354 -6.06 20.59 -26.08
N CYS C 355 -6.07 20.54 -24.75
CA CYS C 355 -5.12 21.33 -23.95
C CYS C 355 -3.69 21.03 -24.35
N LEU C 356 -3.31 19.75 -24.31
CA LEU C 356 -1.96 19.34 -24.67
C LEU C 356 -1.63 19.65 -26.12
N SER C 357 -2.62 19.64 -27.01
CA SER C 357 -2.36 19.97 -28.41
C SER C 357 -2.15 21.45 -28.65
N GLY C 358 -2.18 22.27 -27.60
CA GLY C 358 -1.98 23.70 -27.70
C GLY C 358 -3.22 24.55 -27.65
N ASN C 359 -4.40 23.97 -27.49
CA ASN C 359 -5.63 24.75 -27.35
C ASN C 359 -5.74 25.06 -25.86
N ILE C 360 -4.79 25.89 -25.41
CA ILE C 360 -4.55 26.24 -24.01
C ILE C 360 -5.80 26.71 -23.28
N SER C 361 -6.71 27.41 -23.97
CA SER C 361 -7.91 27.91 -23.30
C SER C 361 -8.79 26.81 -22.70
N GLN C 362 -8.65 25.56 -23.14
CA GLN C 362 -9.44 24.46 -22.59
C GLN C 362 -8.77 23.71 -21.45
N CYS C 363 -7.58 24.10 -21.02
CA CYS C 363 -6.95 23.36 -19.93
C CYS C 363 -7.75 23.47 -18.63
N PRO C 364 -8.00 22.35 -17.95
CA PRO C 364 -8.77 22.31 -16.69
C PRO C 364 -7.98 22.80 -15.50
N ARG C 365 -8.47 23.86 -14.86
CA ARG C 365 -7.85 24.35 -13.63
C ARG C 365 -8.30 23.53 -12.44
N THR C 366 -7.44 23.43 -11.44
CA THR C 366 -7.80 22.92 -10.14
C THR C 366 -6.98 23.67 -9.11
N THR C 367 -7.47 23.76 -7.88
CA THR C 367 -6.76 24.51 -6.87
C THR C 367 -5.63 23.70 -6.26
N VAL C 368 -4.54 24.39 -5.92
CA VAL C 368 -3.43 23.75 -5.24
C VAL C 368 -3.89 23.37 -3.84
N THR C 369 -3.36 22.26 -3.32
CA THR C 369 -3.69 21.81 -1.99
C THR C 369 -2.53 21.91 -1.01
N SER C 370 -1.30 21.71 -1.46
CA SER C 370 -0.18 21.58 -0.54
C SER C 370 1.11 21.89 -1.27
N ASP C 371 2.24 21.67 -0.60
CA ASP C 371 3.56 21.86 -1.16
C ASP C 371 3.94 20.82 -2.21
N ILE C 372 3.06 19.86 -2.51
CA ILE C 372 3.38 18.85 -3.51
C ILE C 372 3.42 19.46 -4.91
N VAL C 373 2.61 20.49 -5.16
CA VAL C 373 2.65 21.21 -6.43
C VAL C 373 3.81 22.22 -6.42
N PRO C 374 4.75 22.09 -7.34
CA PRO C 374 5.89 23.01 -7.36
C PRO C 374 5.47 24.43 -7.72
N ARG C 375 6.03 25.39 -7.01
CA ARG C 375 5.74 26.79 -7.25
C ARG C 375 6.62 27.38 -8.33
N TYR C 376 7.68 26.69 -8.73
CA TYR C 376 8.62 27.17 -9.72
C TYR C 376 9.35 25.97 -10.31
N ALA C 377 9.95 26.20 -11.47
CA ALA C 377 10.77 25.18 -12.09
C ALA C 377 11.78 25.82 -13.03
N PHE C 378 12.94 25.18 -13.17
CA PHE C 378 13.88 25.57 -14.20
C PHE C 378 13.37 24.97 -15.50
N VAL C 379 13.41 25.74 -16.58
CA VAL C 379 12.92 25.26 -17.87
C VAL C 379 13.80 25.81 -18.97
N ASN C 380 14.46 24.90 -19.69
CA ASN C 380 15.24 25.20 -20.88
C ASN C 380 16.23 26.32 -20.67
N GLY C 381 16.85 26.36 -19.50
CA GLY C 381 17.84 27.36 -19.20
C GLY C 381 17.30 28.60 -18.53
N GLY C 382 16.00 28.76 -18.46
CA GLY C 382 15.41 29.89 -17.79
C GLY C 382 14.51 29.38 -16.68
N VAL C 383 13.62 30.20 -16.16
CA VAL C 383 12.74 29.81 -15.07
C VAL C 383 11.30 30.13 -15.42
N VAL C 384 10.39 29.23 -15.07
CA VAL C 384 8.96 29.43 -15.20
C VAL C 384 8.40 29.33 -13.80
N ALA C 385 7.82 30.42 -13.30
CA ALA C 385 7.34 30.42 -11.93
C ALA C 385 6.25 31.46 -11.76
N ASN C 386 5.39 31.24 -10.76
CA ASN C 386 4.42 32.27 -10.41
C ASN C 386 5.02 33.06 -9.25
N CYS C 387 5.55 34.21 -9.57
CA CYS C 387 6.24 35.13 -8.69
C CYS C 387 5.35 35.79 -7.65
N ILE C 388 4.07 35.40 -7.55
CA ILE C 388 3.22 35.92 -6.48
C ILE C 388 3.48 35.17 -5.19
N THR C 389 3.82 33.88 -5.29
CA THR C 389 4.12 33.03 -4.14
C THR C 389 5.55 32.52 -4.23
N THR C 390 6.44 33.35 -4.75
CA THR C 390 7.86 33.04 -4.91
C THR C 390 8.56 34.36 -5.12
N THR C 391 9.59 34.63 -4.33
CA THR C 391 10.34 35.87 -4.46
C THR C 391 11.30 35.75 -5.64
N CYS C 392 10.81 36.11 -6.82
CA CYS C 392 11.60 36.09 -8.03
C CYS C 392 12.37 37.39 -8.12
N THR C 393 13.67 37.31 -8.42
CA THR C 393 14.51 38.49 -8.52
C THR C 393 15.29 38.38 -9.81
N CYS C 394 15.58 39.52 -10.44
CA CYS C 394 16.16 39.48 -11.78
C CYS C 394 17.69 39.48 -11.83
N ASN C 395 18.32 40.47 -11.23
CA ASN C 395 19.79 40.56 -11.25
C ASN C 395 20.38 40.75 -9.85
N GLY C 396 19.65 40.34 -8.83
CA GLY C 396 20.08 40.52 -7.46
C GLY C 396 18.88 40.43 -6.55
N ILE C 397 19.09 39.99 -5.32
CA ILE C 397 18.00 39.74 -4.38
C ILE C 397 17.18 40.99 -4.06
N GLY C 398 17.59 42.16 -4.51
CA GLY C 398 16.80 43.36 -4.29
C GLY C 398 15.84 43.75 -5.39
N ASN C 399 16.05 43.24 -6.60
CA ASN C 399 15.21 43.57 -7.76
C ASN C 399 14.16 42.49 -7.99
N ARG C 400 13.04 42.60 -7.27
CA ARG C 400 11.97 41.61 -7.40
C ARG C 400 11.28 41.69 -8.76
N ILE C 401 11.05 40.53 -9.37
CA ILE C 401 10.34 40.42 -10.65
C ILE C 401 8.85 40.30 -10.33
N ASN C 402 8.16 41.44 -10.27
CA ASN C 402 6.74 41.41 -10.01
C ASN C 402 5.98 41.00 -11.27
N GLN C 403 4.88 40.26 -11.07
CA GLN C 403 4.02 39.92 -12.19
C GLN C 403 2.64 40.50 -11.90
N PRO C 404 1.93 41.00 -12.92
CA PRO C 404 0.62 41.55 -12.67
C PRO C 404 -0.34 40.48 -12.19
N PRO C 405 -1.34 40.83 -11.39
CA PRO C 405 -2.27 39.83 -10.85
C PRO C 405 -3.00 39.01 -11.89
N ASP C 406 -3.04 39.45 -13.15
CA ASP C 406 -3.77 38.73 -14.18
C ASP C 406 -2.89 37.80 -15.00
N GLN C 407 -1.59 37.78 -14.73
CA GLN C 407 -0.66 36.86 -15.36
C GLN C 407 -0.43 35.69 -14.41
N GLY C 408 -0.53 34.47 -14.92
CA GLY C 408 -0.44 33.31 -14.07
C GLY C 408 0.94 32.77 -13.75
N VAL C 409 1.85 32.81 -14.71
CA VAL C 409 3.23 32.37 -14.50
C VAL C 409 4.14 33.39 -15.13
N LYS C 410 5.33 33.54 -14.57
CA LYS C 410 6.34 34.43 -15.11
C LYS C 410 7.42 33.58 -15.74
N ILE C 411 7.71 33.85 -17.00
CA ILE C 411 8.71 33.13 -17.76
C ILE C 411 9.91 34.05 -17.91
N ILE C 412 11.00 33.66 -17.25
CA ILE C 412 12.19 34.48 -17.11
C ILE C 412 13.33 33.91 -17.95
N THR C 413 13.46 34.41 -19.17
CA THR C 413 14.50 34.02 -20.10
C THR C 413 15.79 34.76 -19.79
N HIS C 414 16.90 34.17 -20.25
CA HIS C 414 18.22 34.79 -20.13
C HIS C 414 18.32 36.16 -20.79
N LYS C 415 17.43 36.47 -21.74
CA LYS C 415 17.40 37.82 -22.30
C LYS C 415 16.87 38.82 -21.29
N GLU C 416 15.97 38.38 -20.42
CA GLU C 416 15.40 39.22 -19.37
C GLU C 416 16.33 39.37 -18.18
N CYS C 417 16.82 38.26 -17.63
CA CYS C 417 17.61 38.28 -16.42
C CYS C 417 18.86 37.43 -16.56
N ASN C 418 20.00 38.00 -16.19
CA ASN C 418 21.26 37.28 -16.23
C ASN C 418 21.42 36.35 -15.04
N THR C 419 21.00 36.78 -13.84
CA THR C 419 21.13 35.98 -12.62
C THR C 419 19.84 35.98 -11.79
N ILE C 420 18.89 35.14 -12.21
CA ILE C 420 17.63 35.01 -11.48
C ILE C 420 17.82 34.41 -10.10
N GLY C 421 17.25 35.05 -9.10
CA GLY C 421 17.23 34.55 -7.74
C GLY C 421 15.83 34.13 -7.35
N ILE C 422 15.61 32.88 -6.97
CA ILE C 422 14.30 32.40 -6.54
C ILE C 422 14.36 32.00 -5.07
N ASN C 423 13.57 32.69 -4.25
CA ASN C 423 13.58 32.51 -2.80
C ASN C 423 14.98 32.65 -2.22
N GLY C 424 15.73 33.62 -2.75
CA GLY C 424 17.09 33.87 -2.34
C GLY C 424 18.15 33.07 -3.06
N MET C 425 17.78 31.96 -3.66
CA MET C 425 18.73 31.10 -4.35
C MET C 425 19.13 31.77 -5.67
N LEU C 426 20.36 32.26 -5.76
CA LEU C 426 20.82 32.88 -7.00
C LEU C 426 21.35 31.85 -7.98
N PHE C 427 20.85 31.90 -9.20
CA PHE C 427 21.27 31.06 -10.31
C PHE C 427 21.48 31.90 -11.54
N ASN C 428 22.51 31.57 -12.31
CA ASN C 428 22.69 32.19 -13.62
C ASN C 428 21.75 31.53 -14.60
N THR C 429 21.14 32.33 -15.46
CA THR C 429 20.36 31.74 -16.55
C THR C 429 21.30 31.29 -17.65
N ASN C 430 20.90 30.26 -18.37
CA ASN C 430 21.78 29.66 -19.36
C ASN C 430 21.73 30.48 -20.65
N LYS C 431 22.89 30.98 -21.08
CA LYS C 431 22.98 31.78 -22.30
C LYS C 431 22.65 31.00 -23.57
N GLU C 432 22.69 29.68 -23.53
CA GLU C 432 22.25 28.87 -24.67
C GLU C 432 20.90 28.24 -24.43
N GLY C 433 20.16 28.76 -23.45
CA GLY C 433 18.83 28.24 -23.18
C GLY C 433 17.87 28.58 -24.29
N THR C 434 16.97 27.65 -24.58
CA THR C 434 15.97 27.79 -25.62
C THR C 434 14.61 28.24 -25.11
N LEU C 435 14.53 28.69 -23.86
CA LEU C 435 13.25 29.13 -23.29
C LEU C 435 12.74 30.35 -24.03
N ALA C 436 11.69 30.15 -24.85
CA ALA C 436 11.11 31.22 -25.64
C ALA C 436 10.54 32.33 -24.76
N PHE C 437 10.80 33.57 -25.15
CA PHE C 437 10.27 34.75 -24.48
C PHE C 437 8.76 34.85 -24.56
N TYR C 438 8.13 35.15 -23.42
CA TYR C 438 6.68 35.23 -23.27
C TYR C 438 6.16 36.65 -23.19
N THR C 439 5.51 37.11 -24.27
CA THR C 439 4.64 38.27 -24.28
C THR C 439 3.30 37.90 -23.67
N PRO C 440 2.94 38.45 -22.51
CA PRO C 440 1.77 37.95 -21.80
C PRO C 440 0.47 38.28 -22.52
N ASP C 441 -0.55 37.48 -22.22
CA ASP C 441 -1.81 37.54 -22.96
C ASP C 441 -2.95 37.21 -22.02
N ASP C 442 -4.17 37.56 -22.45
CA ASP C 442 -5.40 37.31 -21.70
C ASP C 442 -5.82 35.84 -21.77
N ILE C 443 -4.97 34.97 -21.23
CA ILE C 443 -5.29 33.54 -21.17
C ILE C 443 -6.38 33.35 -20.12
N THR C 444 -7.59 33.03 -20.56
CA THR C 444 -8.72 32.76 -19.67
C THR C 444 -9.01 31.27 -19.68
N LEU C 445 -8.98 30.65 -18.50
CA LEU C 445 -9.17 29.21 -18.33
C LEU C 445 -10.53 28.99 -17.67
N ASN C 446 -11.58 28.89 -18.48
CA ASN C 446 -12.93 28.72 -17.95
C ASN C 446 -13.19 27.34 -17.34
N ASN C 447 -12.42 26.32 -17.69
CA ASN C 447 -12.64 24.95 -17.21
C ASN C 447 -12.14 24.73 -15.78
N SER C 448 -12.79 25.41 -14.84
CA SER C 448 -12.48 25.20 -13.43
C SER C 448 -12.97 23.81 -13.03
N VAL C 449 -12.09 23.02 -12.42
CA VAL C 449 -12.37 21.63 -12.09
C VAL C 449 -11.91 21.32 -10.67
N ALA C 450 -12.62 20.43 -10.01
CA ALA C 450 -12.31 20.01 -8.64
C ALA C 450 -11.90 18.54 -8.65
N LEU C 451 -10.89 18.21 -7.84
CA LEU C 451 -10.45 16.84 -7.62
C LEU C 451 -11.05 16.18 -6.39
N ASN C 452 -11.74 16.93 -5.54
CA ASN C 452 -12.21 16.40 -4.27
C ASN C 452 -13.71 16.20 -4.32
N PRO C 453 -14.21 14.99 -4.03
CA PRO C 453 -15.65 14.77 -3.95
C PRO C 453 -16.40 15.75 -3.08
N ILE C 454 -15.79 16.28 -2.03
CA ILE C 454 -16.47 17.27 -1.19
C ILE C 454 -16.75 18.53 -2.00
N ASP C 455 -15.77 19.02 -2.75
CA ASP C 455 -15.96 20.22 -3.56
C ASP C 455 -17.08 20.01 -4.58
N ILE C 456 -17.08 18.87 -5.25
CA ILE C 456 -18.09 18.57 -6.26
C ILE C 456 -19.47 18.49 -5.61
N SER C 457 -19.57 17.78 -4.48
CA SER C 457 -20.84 17.70 -3.76
C SER C 457 -21.34 19.07 -3.31
N ILE C 458 -20.44 19.91 -2.80
CA ILE C 458 -20.83 21.23 -2.34
C ILE C 458 -21.35 22.09 -3.49
N GLU C 459 -20.62 22.12 -4.61
CA GLU C 459 -21.10 22.96 -5.70
C GLU C 459 -22.25 22.33 -6.47
N LEU C 460 -22.41 21.01 -6.42
CA LEU C 460 -23.63 20.40 -6.93
C LEU C 460 -24.83 20.70 -6.06
N ASN C 461 -24.66 20.74 -4.73
CA ASN C 461 -25.74 21.19 -3.87
C ASN C 461 -26.10 22.64 -4.14
N LYS C 462 -25.12 23.49 -4.40
CA LYS C 462 -25.42 24.88 -4.79
C LYS C 462 -26.15 24.94 -6.12
N ALA C 463 -25.74 24.13 -7.11
CA ALA C 463 -26.45 24.05 -8.37
C ALA C 463 -27.88 23.56 -8.19
N LYS C 464 -28.07 22.52 -7.38
CA LYS C 464 -29.41 22.00 -7.12
C LYS C 464 -30.29 23.03 -6.43
N SER C 465 -29.72 23.81 -5.52
CA SER C 465 -30.51 24.87 -4.88
C SER C 465 -30.90 25.95 -5.88
N ASP C 466 -29.98 26.32 -6.78
CA ASP C 466 -30.33 27.26 -7.84
C ASP C 466 -31.39 26.67 -8.76
N LEU C 467 -31.31 25.38 -9.03
CA LEU C 467 -32.32 24.72 -9.86
C LEU C 467 -33.68 24.74 -9.20
N GLU C 468 -33.72 24.54 -7.88
CA GLU C 468 -34.98 24.65 -7.15
C GLU C 468 -35.53 26.08 -7.21
N GLU C 469 -34.66 27.07 -7.11
CA GLU C 469 -35.10 28.46 -7.28
C GLU C 469 -35.69 28.68 -8.67
N VAL C 470 -35.05 28.12 -9.70
CA VAL C 470 -35.56 28.25 -11.06
C VAL C 470 -36.92 27.58 -11.19
N LYS C 471 -37.07 26.39 -10.58
CA LYS C 471 -38.35 25.70 -10.65
C LYS C 471 -39.45 26.47 -9.94
N GLU C 472 -39.13 27.10 -8.82
CA GLU C 472 -40.12 27.91 -8.12
C GLU C 472 -40.54 29.09 -8.99
N TRP C 473 -39.56 29.76 -9.61
CA TRP C 473 -39.90 30.85 -10.51
C TRP C 473 -40.80 30.36 -11.63
N ILE C 474 -40.51 29.16 -12.18
CA ILE C 474 -41.29 28.63 -13.29
C ILE C 474 -42.73 28.36 -12.85
N ARG C 475 -42.90 27.78 -11.66
CA ARG C 475 -44.25 27.58 -11.16
C ARG C 475 -45.00 28.90 -11.00
N ARG C 476 -44.34 29.92 -10.45
CA ARG C 476 -44.99 31.22 -10.29
C ARG C 476 -45.36 31.85 -11.62
N VAL C 477 -44.46 31.78 -12.61
CA VAL C 477 -44.76 32.39 -13.89
C VAL C 477 -45.87 31.63 -14.60
N ASN C 478 -45.88 30.29 -14.48
CA ASN C 478 -46.95 29.52 -15.10
C ASN C 478 -48.29 29.89 -14.48
N GLN C 479 -48.32 30.06 -13.16
CA GLN C 479 -49.55 30.50 -12.50
C GLN C 479 -49.98 31.87 -13.01
N LYS C 480 -49.01 32.79 -13.17
CA LYS C 480 -49.34 34.10 -13.72
C LYS C 480 -49.88 33.99 -15.15
N LEU C 481 -49.32 33.08 -15.94
CA LEU C 481 -49.83 32.87 -17.29
C LEU C 481 -51.27 32.38 -17.25
N ASP C 482 -51.57 31.48 -16.32
CA ASP C 482 -52.94 31.01 -16.19
C ASP C 482 -53.87 32.16 -15.82
N SER C 483 -53.44 33.02 -14.90
CA SER C 483 -54.27 34.15 -14.50
C SER C 483 -54.50 35.12 -15.66
N ILE C 484 -53.44 35.43 -16.43
CA ILE C 484 -53.62 36.34 -17.56
C ILE C 484 -54.53 35.73 -18.60
N GLY C 485 -54.39 34.42 -18.87
CA GLY C 485 -55.27 33.76 -19.83
C GLY C 485 -56.72 33.78 -19.38
N SER C 486 -56.96 33.55 -18.09
CA SER C 486 -58.32 33.60 -17.57
C SER C 486 -58.92 34.99 -17.72
N GLY C 487 -58.12 36.02 -17.44
CA GLY C 487 -58.58 37.40 -17.56
C GLY C 487 -58.87 37.82 -18.98
N GLU D 1 5.17 -25.81 -25.24
CA GLU D 1 6.31 -26.27 -26.02
C GLU D 1 5.88 -26.59 -27.42
N VAL D 2 6.67 -26.24 -28.42
CA VAL D 2 6.38 -26.64 -29.78
C VAL D 2 7.72 -27.08 -30.35
N GLN D 3 7.80 -28.29 -30.86
CA GLN D 3 9.01 -28.69 -31.54
C GLN D 3 8.95 -28.17 -32.95
N LEU D 4 9.96 -27.41 -33.35
CA LEU D 4 10.06 -26.98 -34.73
C LEU D 4 11.27 -27.68 -35.32
N VAL D 5 11.13 -28.25 -36.50
CA VAL D 5 12.25 -28.95 -37.15
C VAL D 5 12.38 -28.40 -38.57
N GLU D 6 13.35 -27.51 -38.77
CA GLU D 6 13.61 -26.93 -40.07
C GLU D 6 14.27 -27.95 -40.98
N SER D 7 14.07 -27.79 -42.30
CA SER D 7 14.69 -28.66 -43.27
C SER D 7 14.66 -28.01 -44.65
N GLY D 8 15.50 -28.54 -45.54
CA GLY D 8 15.53 -28.09 -46.92
C GLY D 8 16.55 -27.02 -47.28
N GLY D 9 17.42 -26.63 -46.36
CA GLY D 9 18.43 -25.64 -46.66
C GLY D 9 19.60 -26.22 -47.46
N GLY D 10 20.74 -25.55 -47.34
CA GLY D 10 21.97 -25.95 -48.00
C GLY D 10 22.44 -24.93 -49.02
N LEU D 11 23.45 -25.33 -49.79
CA LEU D 11 23.92 -24.51 -50.90
C LEU D 11 23.02 -24.67 -52.13
N VAL D 12 22.85 -23.58 -52.86
CA VAL D 12 22.08 -23.57 -54.10
C VAL D 12 22.65 -22.53 -55.04
N GLN D 13 22.45 -22.73 -56.34
CA GLN D 13 22.92 -21.76 -57.32
C GLN D 13 22.15 -20.46 -57.22
N PRO D 14 22.80 -19.31 -57.43
CA PRO D 14 22.07 -18.02 -57.38
C PRO D 14 21.07 -17.89 -58.51
N GLY D 15 19.98 -17.18 -58.21
CA GLY D 15 18.81 -17.15 -59.08
C GLY D 15 17.95 -18.38 -59.04
N GLY D 16 18.30 -19.38 -58.23
CA GLY D 16 17.54 -20.60 -58.15
C GLY D 16 16.37 -20.49 -57.19
N SER D 17 15.64 -21.60 -57.08
CA SER D 17 14.47 -21.69 -56.21
C SER D 17 14.69 -22.81 -55.22
N LEU D 18 14.15 -22.63 -54.01
CA LEU D 18 14.33 -23.62 -52.97
C LEU D 18 13.07 -23.62 -52.10
N ARG D 19 12.79 -24.77 -51.49
CA ARG D 19 11.64 -24.89 -50.58
C ARG D 19 12.12 -25.35 -49.22
N LEU D 20 11.81 -24.56 -48.20
CA LEU D 20 12.18 -24.83 -46.82
C LEU D 20 10.93 -25.33 -46.11
N SER D 21 11.01 -26.52 -45.52
CA SER D 21 9.86 -27.14 -44.87
C SER D 21 10.15 -27.36 -43.41
N CYS D 22 9.35 -26.73 -42.57
CA CYS D 22 9.44 -26.84 -41.11
C CYS D 22 8.32 -27.74 -40.60
N SER D 23 8.69 -28.73 -39.81
CA SER D 23 7.70 -29.61 -39.19
C SER D 23 7.48 -29.15 -37.76
N ALA D 24 6.22 -28.92 -37.40
CA ALA D 24 5.86 -28.47 -36.06
C ALA D 24 5.08 -29.56 -35.35
N SER D 25 5.29 -29.67 -34.04
CA SER D 25 4.56 -30.64 -33.25
C SER D 25 4.41 -30.11 -31.83
N GLY D 26 3.40 -30.61 -31.14
CA GLY D 26 3.06 -30.15 -29.81
C GLY D 26 1.66 -29.55 -29.76
N SER D 27 1.46 -28.65 -28.79
CA SER D 27 0.16 -28.01 -28.59
C SER D 27 -0.08 -26.88 -29.59
N LEU D 28 -0.06 -27.25 -30.87
CA LEU D 28 -0.24 -26.31 -31.97
C LEU D 28 -1.61 -25.66 -32.02
N SER D 29 -2.63 -26.22 -31.36
CA SER D 29 -3.90 -25.53 -31.24
C SER D 29 -3.82 -24.21 -30.49
N THR D 30 -2.77 -24.02 -29.70
CA THR D 30 -2.54 -22.77 -28.99
C THR D 30 -1.63 -21.81 -29.79
N ILE D 31 -1.14 -22.21 -30.95
CA ILE D 31 -0.25 -21.40 -31.77
C ILE D 31 -1.02 -20.40 -32.63
N LYS D 32 -0.73 -19.11 -32.43
CA LYS D 32 -1.36 -18.06 -33.23
C LYS D 32 -0.82 -18.00 -34.65
N ALA D 33 0.51 -18.02 -34.80
CA ALA D 33 1.12 -17.94 -36.12
C ALA D 33 2.36 -18.82 -36.22
N LEU D 34 2.56 -19.34 -37.42
CA LEU D 34 3.73 -20.12 -37.79
C LEU D 34 4.40 -19.35 -38.92
N GLY D 35 5.72 -19.37 -38.96
CA GLY D 35 6.39 -18.63 -40.01
C GLY D 35 7.88 -18.82 -39.98
N TRP D 36 8.60 -17.90 -40.61
CA TRP D 36 10.04 -17.99 -40.68
C TRP D 36 10.71 -16.67 -40.36
N TYR D 37 11.84 -16.74 -39.68
CA TYR D 37 12.72 -15.62 -39.43
C TYR D 37 14.06 -15.92 -40.09
N ARG D 38 14.84 -14.88 -40.37
CA ARG D 38 16.18 -15.05 -40.89
C ARG D 38 17.14 -14.19 -40.10
N ARG D 39 18.38 -14.67 -39.98
CA ARG D 39 19.46 -13.92 -39.33
C ARG D 39 20.65 -13.89 -40.27
N ALA D 40 20.85 -12.75 -40.92
CA ALA D 40 22.06 -12.53 -41.69
C ALA D 40 23.20 -12.12 -40.77
N PRO D 41 24.44 -12.28 -41.20
CA PRO D 41 25.58 -11.87 -40.36
C PRO D 41 25.50 -10.40 -39.94
N GLY D 42 25.77 -10.16 -38.66
CA GLY D 42 25.91 -8.83 -38.13
C GLY D 42 24.62 -8.07 -37.94
N ARG D 43 23.47 -8.73 -38.02
CA ARG D 43 22.20 -8.05 -37.78
C ARG D 43 21.24 -9.02 -37.09
N GLU D 44 20.21 -8.44 -36.46
CA GLU D 44 19.26 -9.22 -35.69
C GLU D 44 18.37 -10.06 -36.61
N ARG D 45 17.62 -10.99 -35.99
CA ARG D 45 16.66 -11.81 -36.70
C ARG D 45 15.53 -11.00 -37.32
N GLU D 46 15.52 -10.90 -38.65
CA GLU D 46 14.46 -10.26 -39.39
C GLU D 46 13.34 -11.26 -39.69
N LEU D 47 12.10 -10.79 -39.64
CA LEU D 47 10.97 -11.59 -40.07
C LEU D 47 11.01 -11.82 -41.58
N VAL D 48 10.62 -13.02 -42.00
CA VAL D 48 10.57 -13.39 -43.40
C VAL D 48 9.14 -13.54 -43.88
N ALA D 49 8.40 -14.47 -43.29
CA ALA D 49 7.01 -14.70 -43.63
C ALA D 49 6.32 -15.32 -42.43
N SER D 50 5.01 -15.12 -42.33
CA SER D 50 4.25 -15.79 -41.28
C SER D 50 2.84 -16.07 -41.77
N ILE D 51 2.29 -17.18 -41.31
CA ILE D 51 0.91 -17.56 -41.59
C ILE D 51 0.17 -17.58 -40.26
N THR D 52 -0.88 -16.78 -40.16
CA THR D 52 -1.81 -16.97 -39.06
C THR D 52 -2.75 -18.12 -39.35
N SER D 53 -3.31 -18.68 -38.26
CA SER D 53 -4.26 -19.79 -38.40
C SER D 53 -5.45 -19.42 -39.27
N ALA D 54 -5.78 -18.13 -39.34
CA ALA D 54 -6.83 -17.66 -40.22
C ALA D 54 -6.44 -17.67 -41.70
N GLY D 55 -5.17 -17.95 -42.01
CA GLY D 55 -4.66 -17.85 -43.34
C GLY D 55 -4.03 -16.53 -43.68
N GLU D 56 -4.33 -15.48 -42.92
CA GLU D 56 -3.74 -14.16 -43.15
C GLU D 56 -2.23 -14.24 -43.09
N THR D 57 -1.59 -13.69 -44.10
CA THR D 57 -0.15 -13.80 -44.27
C THR D 57 0.46 -12.41 -44.41
N ASN D 58 1.65 -12.22 -43.86
CA ASN D 58 2.34 -10.95 -43.99
C ASN D 58 3.80 -11.24 -44.25
N TYR D 59 4.50 -10.23 -44.78
CA TYR D 59 5.90 -10.30 -45.18
C TYR D 59 6.57 -8.97 -44.90
N ALA D 60 7.90 -9.02 -44.78
CA ALA D 60 8.67 -7.79 -44.69
C ALA D 60 8.78 -7.15 -46.08
N ASP D 61 9.15 -5.87 -46.11
CA ASP D 61 9.25 -5.16 -47.38
C ASP D 61 10.26 -5.80 -48.32
N SER D 62 11.26 -6.48 -47.77
CA SER D 62 12.22 -7.23 -48.57
C SER D 62 11.59 -8.50 -49.14
N ALA D 63 10.46 -8.94 -48.57
CA ALA D 63 9.86 -10.21 -48.94
C ALA D 63 8.48 -10.13 -49.60
N LYS D 64 7.79 -9.00 -49.50
CA LYS D 64 6.43 -8.87 -50.04
C LYS D 64 6.36 -9.24 -51.52
N GLY D 65 5.50 -10.21 -51.84
CA GLY D 65 5.34 -10.68 -53.21
C GLY D 65 6.48 -11.54 -53.74
N ARG D 66 7.68 -11.26 -53.27
CA ARG D 66 8.86 -11.99 -53.70
C ARG D 66 8.83 -13.44 -53.25
N PHE D 67 8.61 -13.68 -51.97
CA PHE D 67 8.57 -15.04 -51.42
C PHE D 67 7.12 -15.50 -51.29
N THR D 68 6.96 -16.80 -51.04
CA THR D 68 5.65 -17.31 -50.67
C THR D 68 5.81 -18.39 -49.60
N VAL D 69 4.85 -18.42 -48.67
CA VAL D 69 4.82 -19.34 -47.55
C VAL D 69 3.54 -20.17 -47.59
N SER D 70 3.61 -21.41 -47.12
CA SER D 70 2.49 -22.32 -47.23
C SER D 70 2.53 -23.30 -46.07
N THR D 71 1.37 -23.93 -45.82
CA THR D 71 1.24 -24.97 -44.80
C THR D 71 0.47 -26.14 -45.39
N ASP D 72 0.66 -27.30 -44.77
CA ASP D 72 -0.19 -28.47 -44.99
C ASP D 72 -0.70 -28.88 -43.61
N ASN D 73 -1.84 -28.32 -43.21
CA ASN D 73 -2.29 -28.42 -41.83
C ASN D 73 -2.68 -29.83 -41.45
N ALA D 74 -2.89 -30.72 -42.43
CA ALA D 74 -3.13 -32.13 -42.12
C ALA D 74 -1.91 -32.79 -41.48
N LYS D 75 -0.72 -32.21 -41.62
CA LYS D 75 0.48 -32.79 -41.04
C LYS D 75 1.30 -31.77 -40.23
N ASN D 76 0.73 -30.60 -39.95
CA ASN D 76 1.38 -29.53 -39.17
C ASN D 76 2.70 -29.07 -39.75
N THR D 77 2.85 -29.04 -41.07
CA THR D 77 4.07 -28.56 -41.68
C THR D 77 3.86 -27.16 -42.23
N VAL D 78 4.85 -26.29 -42.06
CA VAL D 78 4.84 -24.95 -42.60
C VAL D 78 6.02 -24.85 -43.55
N ASP D 79 5.73 -24.53 -44.82
CA ASP D 79 6.75 -24.45 -45.85
C ASP D 79 6.88 -23.04 -46.40
N LEU D 80 8.11 -22.58 -46.52
CA LEU D 80 8.45 -21.32 -47.15
C LEU D 80 9.07 -21.68 -48.49
N ARG D 81 8.54 -21.11 -49.56
CA ARG D 81 9.08 -21.38 -50.89
C ARG D 81 9.93 -20.19 -51.29
N MET D 82 11.22 -20.46 -51.50
CA MET D 82 12.19 -19.44 -51.86
C MET D 82 12.34 -19.44 -53.38
N ASN D 83 12.43 -18.25 -53.97
CA ASN D 83 12.64 -18.09 -55.40
C ASN D 83 13.51 -16.86 -55.69
N SER D 84 14.14 -16.87 -56.87
CA SER D 84 15.03 -15.78 -57.32
C SER D 84 16.11 -15.42 -56.30
N LEU D 85 16.70 -16.45 -55.69
CA LEU D 85 17.70 -16.28 -54.63
C LEU D 85 18.84 -15.35 -55.02
N LYS D 86 19.14 -14.43 -54.12
CA LYS D 86 20.18 -13.43 -54.23
C LYS D 86 21.28 -13.68 -53.21
N PRO D 87 22.49 -13.18 -53.45
CA PRO D 87 23.48 -13.11 -52.37
C PRO D 87 22.97 -12.41 -51.11
N GLU D 88 22.12 -11.39 -51.26
CA GLU D 88 21.51 -10.72 -50.12
C GLU D 88 20.58 -11.61 -49.30
N ASP D 89 20.15 -12.76 -49.82
CA ASP D 89 19.24 -13.62 -49.07
C ASP D 89 19.94 -14.67 -48.22
N THR D 90 21.26 -14.83 -48.31
CA THR D 90 21.92 -15.84 -47.49
C THR D 90 21.86 -15.47 -46.01
N ALA D 91 21.36 -16.41 -45.21
CA ALA D 91 21.19 -16.23 -43.77
C ALA D 91 20.78 -17.58 -43.19
N VAL D 92 20.80 -17.65 -41.86
CA VAL D 92 20.22 -18.79 -41.16
C VAL D 92 18.72 -18.50 -41.01
N TYR D 93 17.90 -19.37 -41.58
CA TYR D 93 16.45 -19.20 -41.50
C TYR D 93 15.92 -19.99 -40.32
N TYR D 94 15.20 -19.29 -39.44
CA TYR D 94 14.66 -19.87 -38.22
C TYR D 94 13.15 -19.95 -38.34
N CYS D 95 12.63 -21.16 -38.27
CA CYS D 95 11.19 -21.35 -38.23
C CYS D 95 10.69 -20.92 -36.85
N TYR D 96 9.48 -20.41 -36.79
CA TYR D 96 8.95 -20.02 -35.48
C TYR D 96 7.47 -20.33 -35.38
N ALA D 97 7.03 -20.51 -34.14
CA ALA D 97 5.63 -20.66 -33.77
C ALA D 97 5.33 -19.65 -32.69
N GLU D 98 4.32 -18.81 -32.88
CA GLU D 98 3.96 -17.79 -31.90
C GLU D 98 2.61 -18.11 -31.29
N SER D 99 2.57 -18.18 -29.96
CA SER D 99 1.37 -18.44 -29.22
C SER D 99 0.44 -17.23 -29.17
N PHE D 100 -0.85 -17.50 -28.91
CA PHE D 100 -1.80 -16.44 -28.58
C PHE D 100 -1.38 -15.58 -27.40
N VAL D 101 -0.62 -16.14 -26.46
CA VAL D 101 -0.11 -15.39 -25.31
C VAL D 101 1.25 -14.78 -25.64
N LEU D 102 1.60 -14.78 -26.93
CA LEU D 102 2.83 -14.20 -27.46
C LEU D 102 4.10 -14.90 -27.01
N ASN D 103 4.05 -16.17 -26.63
CA ASN D 103 5.30 -16.89 -26.48
C ASN D 103 5.77 -17.27 -27.87
N ILE D 104 7.09 -17.31 -28.04
CA ILE D 104 7.66 -17.65 -29.33
C ILE D 104 8.56 -18.88 -29.18
N TYR D 105 8.50 -19.76 -30.18
CA TYR D 105 9.27 -20.99 -30.21
C TYR D 105 10.07 -21.01 -31.50
N TRP D 106 11.29 -21.52 -31.45
CA TRP D 106 12.20 -21.47 -32.59
C TRP D 106 12.75 -22.84 -32.97
N GLY D 107 12.97 -23.03 -34.25
CA GLY D 107 13.68 -24.19 -34.74
C GLY D 107 15.17 -23.99 -34.54
N GLN D 108 15.94 -25.02 -34.89
CA GLN D 108 17.38 -24.90 -34.80
C GLN D 108 17.95 -24.03 -35.90
N GLY D 109 17.20 -23.81 -36.96
CA GLY D 109 17.61 -22.97 -38.07
C GLY D 109 18.44 -23.71 -39.09
N THR D 110 18.23 -23.39 -40.36
CA THR D 110 18.91 -24.03 -41.46
C THR D 110 19.76 -23.00 -42.21
N GLN D 111 20.99 -23.39 -42.54
CA GLN D 111 21.87 -22.49 -43.28
C GLN D 111 21.44 -22.43 -44.73
N VAL D 112 21.29 -21.22 -45.26
CA VAL D 112 20.99 -20.99 -46.66
C VAL D 112 22.11 -20.16 -47.26
N THR D 113 22.71 -20.64 -48.35
CA THR D 113 23.83 -19.97 -48.99
C THR D 113 23.74 -20.17 -50.49
N VAL D 114 24.41 -19.29 -51.22
CA VAL D 114 24.35 -19.24 -52.67
C VAL D 114 25.77 -19.16 -53.21
N SER D 115 25.98 -19.75 -54.39
CA SER D 115 27.29 -19.74 -55.02
C SER D 115 27.71 -18.31 -55.34
N SER D 116 29.03 -18.10 -55.34
CA SER D 116 29.58 -16.79 -55.70
C SER D 116 29.43 -16.49 -57.18
N GLY D 117 29.26 -17.51 -58.02
CA GLY D 117 29.10 -17.31 -59.44
C GLY D 117 28.95 -18.61 -60.20
N GLN E 19 -34.07 -11.89 -5.22
CA GLN E 19 -32.70 -12.35 -5.38
C GLN E 19 -32.15 -11.96 -6.75
N ILE E 20 -30.91 -12.36 -7.04
CA ILE E 20 -30.27 -11.98 -8.29
C ILE E 20 -30.98 -12.63 -9.47
N ASP E 21 -31.17 -11.86 -10.53
CA ASP E 21 -31.71 -12.35 -11.79
C ASP E 21 -30.58 -12.59 -12.78
N ILE E 22 -29.77 -13.60 -12.45
CA ILE E 22 -28.51 -13.89 -13.15
C ILE E 22 -28.70 -13.97 -14.67
N THR E 23 -29.77 -14.63 -15.12
CA THR E 23 -30.00 -14.78 -16.55
C THR E 23 -30.21 -13.46 -17.27
N LYS E 24 -30.84 -12.47 -16.61
CA LYS E 24 -31.04 -11.17 -17.25
C LYS E 24 -29.83 -10.28 -17.11
N LEU E 25 -29.10 -10.40 -16.01
CA LEU E 25 -27.89 -9.62 -15.81
C LEU E 25 -26.83 -9.93 -16.86
N GLN E 26 -26.84 -11.15 -17.42
CA GLN E 26 -25.92 -11.48 -18.50
C GLN E 26 -26.11 -10.57 -19.72
N HIS E 27 -27.32 -10.07 -19.95
CA HIS E 27 -27.58 -9.24 -21.12
C HIS E 27 -26.91 -7.88 -21.07
N VAL E 28 -26.34 -7.50 -19.92
CA VAL E 28 -25.55 -6.28 -19.81
C VAL E 28 -24.10 -6.61 -19.43
N GLY E 29 -23.69 -7.84 -19.70
CA GLY E 29 -22.35 -8.28 -19.38
C GLY E 29 -22.04 -8.44 -17.92
N VAL E 30 -23.04 -8.45 -17.05
CA VAL E 30 -22.84 -8.66 -15.63
C VAL E 30 -22.97 -10.16 -15.36
N LEU E 31 -21.86 -10.80 -15.00
CA LEU E 31 -21.76 -12.25 -14.88
C LEU E 31 -21.65 -12.65 -13.41
N VAL E 32 -22.81 -12.76 -12.76
CA VAL E 32 -22.87 -13.20 -11.37
C VAL E 32 -22.58 -14.70 -11.29
N ASN E 33 -21.60 -15.07 -10.46
CA ASN E 33 -21.05 -16.41 -10.55
C ASN E 33 -20.54 -16.84 -9.18
N SER E 34 -20.22 -18.13 -9.08
CA SER E 34 -19.57 -18.78 -7.94
C SER E 34 -20.22 -18.51 -6.59
N PRO E 35 -21.45 -18.97 -6.35
CA PRO E 35 -22.04 -18.81 -5.02
C PRO E 35 -21.28 -19.60 -3.97
N LYS E 36 -20.88 -18.93 -2.90
CA LYS E 36 -20.22 -19.58 -1.78
C LYS E 36 -20.91 -19.17 -0.49
N GLY E 37 -20.98 -20.09 0.46
CA GLY E 37 -21.54 -19.78 1.75
C GLY E 37 -20.61 -18.87 2.52
N MET E 38 -20.99 -18.54 3.74
CA MET E 38 -20.17 -17.66 4.56
C MET E 38 -20.09 -18.18 5.99
N LYS E 39 -18.89 -18.16 6.55
CA LYS E 39 -18.65 -18.63 7.90
C LYS E 39 -18.23 -17.45 8.76
N ILE E 40 -18.87 -17.32 9.92
CA ILE E 40 -18.55 -16.23 10.83
C ILE E 40 -18.20 -16.82 12.19
N PRO E 41 -17.18 -16.31 12.87
CA PRO E 41 -16.93 -16.75 14.24
C PRO E 41 -17.96 -16.18 15.18
N GLN E 42 -18.92 -17.01 15.55
CA GLN E 42 -19.93 -16.60 16.53
C GLN E 42 -19.30 -16.30 17.87
N ASN E 43 -18.17 -16.93 18.18
CA ASN E 43 -17.51 -16.73 19.46
C ASN E 43 -16.03 -17.01 19.27
N PHE E 44 -15.24 -16.57 20.25
CA PHE E 44 -13.80 -16.80 20.28
C PHE E 44 -13.41 -17.45 21.60
N GLU E 45 -12.66 -18.55 21.51
CA GLU E 45 -11.97 -19.10 22.66
C GLU E 45 -10.71 -18.29 22.93
N THR E 46 -10.59 -17.72 24.12
CA THR E 46 -9.39 -16.95 24.44
C THR E 46 -8.29 -17.82 25.01
N ARG E 47 -7.06 -17.42 24.71
CA ARG E 47 -5.84 -18.02 25.20
C ARG E 47 -4.84 -16.89 25.36
N TYR E 48 -3.88 -17.09 26.25
CA TYR E 48 -2.89 -16.06 26.54
C TYR E 48 -1.51 -16.49 26.10
N LEU E 49 -0.78 -15.53 25.55
CA LEU E 49 0.56 -15.75 25.01
C LEU E 49 1.44 -14.66 25.58
N ILE E 50 2.52 -15.04 26.23
CA ILE E 50 3.43 -14.09 26.85
C ILE E 50 4.75 -14.12 26.09
N LEU E 51 5.03 -13.03 25.39
CA LEU E 51 6.29 -12.82 24.68
C LEU E 51 7.31 -12.29 25.67
N SER E 52 8.20 -13.17 26.14
CA SER E 52 9.27 -12.76 27.06
C SER E 52 10.49 -12.42 26.22
N LEU E 53 10.73 -11.12 26.01
CA LEU E 53 11.58 -10.67 24.93
C LEU E 53 13.07 -10.83 25.22
N ILE E 54 13.46 -11.14 26.45
CA ILE E 54 14.87 -11.29 26.82
C ILE E 54 15.18 -12.77 26.96
N PRO E 55 16.16 -13.30 26.23
CA PRO E 55 16.59 -14.68 26.43
C PRO E 55 17.56 -14.81 27.59
N LYS E 56 17.45 -15.92 28.30
CA LYS E 56 18.38 -16.20 29.39
C LYS E 56 19.68 -16.77 28.82
N ILE E 57 20.80 -16.42 29.42
CA ILE E 57 22.10 -16.91 29.02
C ILE E 57 22.63 -17.82 30.12
N GLU E 58 23.52 -18.72 29.74
CA GLU E 58 24.08 -19.70 30.66
C GLU E 58 25.60 -19.67 30.71
N ASP E 59 26.22 -18.57 30.30
CA ASP E 59 27.67 -18.45 30.31
C ASP E 59 28.27 -18.49 31.71
N SER E 60 27.47 -18.25 32.74
CA SER E 60 27.89 -18.23 34.15
C SER E 60 28.92 -17.14 34.44
N ASN E 61 29.09 -16.18 33.53
CA ASN E 61 30.06 -15.11 33.75
C ASN E 61 29.59 -13.77 33.18
N SER E 62 28.35 -13.67 32.71
CA SER E 62 27.77 -12.44 32.15
C SER E 62 28.53 -11.95 30.91
N CYS E 63 28.95 -12.89 30.06
CA CYS E 63 29.59 -12.49 28.81
C CYS E 63 28.57 -11.87 27.86
N GLY E 64 27.39 -12.45 27.76
CA GLY E 64 26.36 -11.95 26.86
C GLY E 64 25.68 -10.67 27.29
N ASP E 65 25.90 -10.24 28.54
CA ASP E 65 25.25 -9.05 29.08
C ASP E 65 25.44 -7.81 28.21
N GLN E 66 26.61 -7.66 27.59
CA GLN E 66 26.87 -6.47 26.79
C GLN E 66 25.91 -6.37 25.59
N GLN E 67 25.61 -7.48 24.94
CA GLN E 67 24.69 -7.43 23.80
C GLN E 67 23.24 -7.41 24.27
N ILE E 68 22.98 -8.02 25.44
CA ILE E 68 21.66 -7.93 26.05
C ILE E 68 21.32 -6.50 26.40
N LYS E 69 22.26 -5.76 26.97
CA LYS E 69 22.01 -4.37 27.32
C LYS E 69 21.68 -3.52 26.10
N GLN E 70 22.46 -3.64 25.03
CA GLN E 70 22.14 -2.87 23.83
C GLN E 70 20.84 -3.32 23.18
N TYR E 71 20.50 -4.60 23.29
CA TYR E 71 19.23 -5.07 22.73
C TYR E 71 18.04 -4.54 23.54
N LYS E 72 18.17 -4.53 24.88
CA LYS E 72 17.22 -3.82 25.73
C LYS E 72 17.09 -2.36 25.33
N ARG E 73 18.22 -1.72 25.03
CA ARG E 73 18.23 -0.33 24.57
C ARG E 73 17.61 -0.18 23.18
N LEU E 74 17.50 -1.27 22.40
CA LEU E 74 16.69 -1.22 21.19
C LEU E 74 15.22 -1.48 21.45
N LEU E 75 14.90 -2.48 22.29
CA LEU E 75 13.51 -2.79 22.62
C LEU E 75 12.75 -1.57 23.12
N ASP E 76 13.41 -0.71 23.88
CA ASP E 76 12.83 0.56 24.31
C ASP E 76 12.16 1.30 23.15
N ARG E 77 12.75 1.24 21.95
CA ARG E 77 12.19 2.01 20.84
C ARG E 77 10.84 1.48 20.37
N LEU E 78 10.40 0.34 20.87
CA LEU E 78 9.13 -0.28 20.49
C LEU E 78 8.27 -0.57 21.70
N ILE E 79 8.89 -1.02 22.79
CA ILE E 79 8.14 -1.40 23.97
C ILE E 79 7.64 -0.18 24.71
N ILE E 80 8.40 0.91 24.74
CA ILE E 80 7.93 2.12 25.42
C ILE E 80 6.78 2.76 24.62
N PRO E 81 6.87 2.96 23.29
CA PRO E 81 5.66 3.37 22.56
C PRO E 81 4.49 2.44 22.72
N LEU E 82 4.71 1.12 22.78
CA LEU E 82 3.61 0.19 22.96
C LEU E 82 2.97 0.30 24.33
N TYR E 83 3.79 0.48 25.37
CA TYR E 83 3.27 0.67 26.72
C TYR E 83 2.51 1.98 26.85
N ASP E 84 3.08 3.06 26.33
CA ASP E 84 2.40 4.34 26.36
C ASP E 84 1.10 4.33 25.56
N GLY E 85 1.05 3.56 24.47
CA GLY E 85 -0.21 3.35 23.79
C GLY E 85 -1.23 2.57 24.60
N LEU E 86 -0.78 1.50 25.27
CA LEU E 86 -1.69 0.69 26.07
C LEU E 86 -2.25 1.45 27.26
N ARG E 87 -1.48 2.35 27.86
CA ARG E 87 -1.99 3.12 28.99
C ARG E 87 -3.16 4.03 28.60
N LEU E 88 -3.24 4.46 27.34
CA LEU E 88 -4.44 5.17 26.90
C LEU E 88 -5.68 4.30 26.92
N MET E 89 -5.54 2.99 26.80
CA MET E 89 -6.69 2.10 26.94
C MET E 89 -7.15 1.95 28.37
N LYS E 90 -6.45 2.53 29.34
CA LYS E 90 -7.00 2.74 30.66
C LYS E 90 -7.92 3.96 30.65
N ASP E 91 -9.03 3.84 29.91
CA ASP E 91 -10.07 4.85 29.85
C ASP E 91 -11.38 4.39 30.47
N VAL E 92 -11.40 3.21 31.07
CA VAL E 92 -12.42 2.78 32.02
C VAL E 92 -11.76 2.76 33.38
N ILE E 93 -12.34 3.47 34.34
CA ILE E 93 -11.72 3.67 35.65
C ILE E 93 -12.38 2.73 36.63
N VAL E 94 -11.57 1.96 37.34
CA VAL E 94 -12.06 1.11 38.43
C VAL E 94 -11.09 1.20 39.60
N THR E 107 -21.29 -3.86 40.88
CA THR E 107 -19.90 -3.56 40.57
C THR E 107 -19.34 -4.55 39.57
N GLU E 108 -18.09 -4.31 39.16
CA GLU E 108 -17.24 -5.37 38.61
C GLU E 108 -17.25 -6.57 39.54
N ARG E 109 -16.99 -7.76 38.98
CA ARG E 109 -17.04 -9.07 39.63
C ARG E 109 -18.45 -9.58 39.86
N PHE E 110 -19.47 -8.88 39.35
CA PHE E 110 -20.86 -9.34 39.44
C PHE E 110 -21.52 -9.30 38.07
N PHE E 111 -22.25 -10.35 37.76
CA PHE E 111 -22.88 -10.51 36.45
C PHE E 111 -23.93 -9.43 36.22
N GLY E 112 -23.75 -8.68 35.13
CA GLY E 112 -24.58 -7.51 34.88
C GLY E 112 -24.30 -6.34 35.79
N GLY E 113 -23.16 -6.36 36.48
CA GLY E 113 -22.74 -5.20 37.23
C GLY E 113 -21.99 -4.19 36.37
N VAL E 114 -21.68 -3.07 37.00
CA VAL E 114 -21.03 -1.96 36.31
C VAL E 114 -19.61 -2.35 35.93
N ILE E 115 -19.25 -2.14 34.67
CA ILE E 115 -17.89 -2.47 34.24
C ILE E 115 -16.89 -1.53 34.87
N GLY E 116 -17.19 -0.24 34.88
CA GLY E 116 -16.35 0.72 35.56
C GLY E 116 -16.87 2.12 35.31
N THR E 117 -16.17 3.08 35.86
CA THR E 117 -16.50 4.48 35.68
C THR E 117 -15.86 4.98 34.40
N ILE E 118 -16.56 5.88 33.71
CA ILE E 118 -16.02 6.47 32.50
C ILE E 118 -14.85 7.36 32.92
N ALA E 119 -14.06 7.82 31.97
CA ALA E 119 -12.93 8.69 32.25
C ALA E 119 -13.12 10.05 31.59
N LEU E 120 -12.40 11.04 32.12
CA LEU E 120 -12.36 12.37 31.54
C LEU E 120 -11.54 12.40 30.26
N GLY E 121 -12.21 12.14 29.14
CA GLY E 121 -11.59 12.28 27.85
C GLY E 121 -12.61 11.95 26.79
N VAL E 122 -12.15 11.65 25.59
CA VAL E 122 -13.01 11.09 24.56
C VAL E 122 -12.49 9.71 24.21
N ALA E 123 -13.39 8.73 24.18
CA ALA E 123 -13.07 7.39 23.71
C ALA E 123 -14.16 6.94 22.76
N THR E 124 -13.78 6.57 21.54
CA THR E 124 -14.75 6.08 20.58
C THR E 124 -15.13 4.64 20.89
N SER E 125 -16.17 4.16 20.22
CA SER E 125 -16.66 2.81 20.46
C SER E 125 -15.58 1.74 20.26
N ALA E 126 -14.66 1.95 19.33
CA ALA E 126 -13.54 1.02 19.19
C ALA E 126 -12.64 1.05 20.43
N GLN E 127 -12.33 2.24 20.94
CA GLN E 127 -11.55 2.34 22.15
C GLN E 127 -12.29 1.76 23.34
N ILE E 128 -13.60 2.00 23.44
CA ILE E 128 -14.38 1.44 24.53
C ILE E 128 -14.38 -0.07 24.47
N THR E 129 -14.55 -0.65 23.28
CA THR E 129 -14.50 -2.10 23.12
C THR E 129 -13.13 -2.65 23.52
N ALA E 130 -12.05 -1.95 23.18
CA ALA E 130 -10.73 -2.42 23.58
C ALA E 130 -10.51 -2.29 25.09
N ALA E 131 -11.00 -1.21 25.70
CA ALA E 131 -10.92 -1.07 27.14
C ALA E 131 -11.72 -2.13 27.88
N VAL E 132 -12.90 -2.47 27.35
CA VAL E 132 -13.70 -3.55 27.93
C VAL E 132 -12.99 -4.89 27.80
N ALA E 133 -12.33 -5.13 26.66
CA ALA E 133 -11.55 -6.35 26.53
C ALA E 133 -10.38 -6.38 27.50
N LEU E 134 -9.73 -5.23 27.73
CA LEU E 134 -8.66 -5.15 28.72
C LEU E 134 -9.15 -5.40 30.13
N VAL E 135 -10.32 -4.85 30.50
CA VAL E 135 -10.80 -5.07 31.86
C VAL E 135 -11.35 -6.48 32.03
N GLU E 136 -11.66 -7.16 30.93
CA GLU E 136 -11.97 -8.58 31.04
C GLU E 136 -10.74 -9.43 31.33
N ALA E 137 -9.64 -9.16 30.64
CA ALA E 137 -8.35 -9.81 30.84
C ALA E 137 -7.63 -9.41 32.13
N LYS E 138 -7.97 -8.27 32.74
CA LYS E 138 -7.24 -7.78 33.90
C LYS E 138 -7.16 -8.77 35.06
N GLN E 139 -8.13 -9.65 35.22
CA GLN E 139 -8.07 -10.69 36.24
C GLN E 139 -6.91 -11.68 36.07
N ALA E 140 -6.34 -11.77 34.87
CA ALA E 140 -5.15 -12.59 34.66
C ALA E 140 -3.94 -12.07 35.41
N ARG E 141 -3.94 -10.79 35.78
CA ARG E 141 -2.72 -10.13 36.21
C ARG E 141 -2.14 -10.73 37.48
N SER E 142 -2.98 -11.26 38.37
CA SER E 142 -2.44 -12.03 39.50
C SER E 142 -1.83 -13.35 39.07
N ASP E 143 -2.40 -14.00 38.04
CA ASP E 143 -1.76 -15.20 37.52
C ASP E 143 -0.53 -14.82 36.71
N ILE E 144 -0.53 -13.62 36.14
CA ILE E 144 0.66 -13.11 35.47
C ILE E 144 1.79 -12.97 36.47
N GLU E 145 1.50 -12.35 37.61
CA GLU E 145 2.48 -12.20 38.68
C GLU E 145 2.98 -13.56 39.17
N LYS E 146 2.10 -14.56 39.23
CA LYS E 146 2.52 -15.90 39.60
C LYS E 146 3.42 -16.54 38.55
N LEU E 147 3.08 -16.38 37.28
CA LEU E 147 3.83 -17.03 36.20
C LEU E 147 5.19 -16.38 35.95
N LYS E 148 5.26 -15.04 35.96
CA LYS E 148 6.54 -14.39 35.68
C LYS E 148 7.63 -14.84 36.64
N GLU E 149 7.27 -15.23 37.86
CA GLU E 149 8.25 -15.78 38.77
C GLU E 149 8.89 -17.05 38.18
N ALA E 150 8.13 -17.82 37.40
CA ALA E 150 8.71 -18.97 36.72
C ALA E 150 9.47 -18.55 35.47
N ILE E 151 8.81 -17.81 34.57
CA ILE E 151 9.42 -17.44 33.28
C ILE E 151 10.66 -16.56 33.41
N ARG E 152 10.80 -15.84 34.53
CA ARG E 152 12.06 -15.14 34.79
C ARG E 152 13.24 -16.09 34.92
N ASP E 153 13.01 -17.31 35.41
CA ASP E 153 14.09 -18.24 35.68
C ASP E 153 14.33 -19.25 34.57
N THR E 154 13.27 -19.72 33.90
CA THR E 154 13.42 -20.82 32.96
C THR E 154 14.20 -20.42 31.71
N ASN E 155 14.86 -21.41 31.12
CA ASN E 155 15.56 -21.30 29.85
C ASN E 155 14.74 -21.81 28.67
N LYS E 156 13.70 -22.60 28.91
CA LYS E 156 12.98 -23.27 27.84
C LYS E 156 12.23 -22.29 26.96
N ALA E 157 12.24 -22.56 25.65
CA ALA E 157 11.86 -21.55 24.68
C ALA E 157 10.35 -21.35 24.65
N VAL E 158 9.59 -22.43 24.66
CA VAL E 158 8.14 -22.39 24.73
C VAL E 158 7.69 -23.22 25.90
N GLN E 159 6.91 -22.62 26.78
CA GLN E 159 6.52 -23.20 28.05
C GLN E 159 5.05 -22.93 28.26
N SER E 160 4.34 -23.88 28.85
CA SER E 160 2.93 -23.68 29.21
C SER E 160 2.75 -23.92 30.70
N VAL E 161 1.92 -23.11 31.32
CA VAL E 161 1.65 -23.14 32.74
C VAL E 161 0.16 -23.30 32.95
N GLN E 162 -0.23 -24.25 33.81
CA GLN E 162 -1.63 -24.46 34.11
C GLN E 162 -2.06 -23.52 35.24
N SER E 163 -3.37 -23.40 35.43
CA SER E 163 -3.90 -22.55 36.48
C SER E 163 -5.24 -23.10 36.95
N SER E 164 -5.87 -22.39 37.87
CA SER E 164 -7.25 -22.69 38.24
C SER E 164 -8.24 -22.32 37.14
N VAL E 165 -7.91 -21.31 36.34
CA VAL E 165 -8.63 -21.06 35.09
C VAL E 165 -8.36 -22.20 34.11
N GLY E 166 -9.34 -22.45 33.25
CA GLY E 166 -9.37 -23.62 32.39
C GLY E 166 -8.16 -23.83 31.49
N PRO E 167 -7.84 -22.87 30.64
CA PRO E 167 -6.80 -23.12 29.63
C PRO E 167 -5.41 -22.90 30.19
N PRO E 168 -4.44 -23.67 29.72
CA PRO E 168 -3.03 -23.33 29.94
C PRO E 168 -2.66 -21.98 29.33
N ILE E 169 -1.80 -21.26 30.02
CA ILE E 169 -1.19 -20.04 29.52
C ILE E 169 0.24 -20.34 29.08
N VAL E 170 0.62 -19.83 27.91
CA VAL E 170 1.88 -20.20 27.28
C VAL E 170 2.80 -18.98 27.21
N ALA E 171 4.09 -19.22 27.36
CA ALA E 171 5.10 -18.18 27.33
C ALA E 171 6.18 -18.57 26.34
N ILE E 172 6.61 -17.60 25.53
CA ILE E 172 7.68 -17.80 24.57
C ILE E 172 8.85 -16.90 24.93
N LYS E 173 10.01 -17.50 25.18
CA LYS E 173 11.24 -16.79 25.50
C LYS E 173 12.02 -16.67 24.19
N SER E 174 12.19 -15.44 23.71
CA SER E 174 12.37 -15.11 22.30
C SER E 174 13.29 -16.03 21.50
N VAL E 175 14.57 -16.11 21.87
CA VAL E 175 15.54 -16.81 21.04
C VAL E 175 16.23 -17.96 21.77
N GLN E 176 15.54 -18.55 22.75
CA GLN E 176 16.19 -19.50 23.65
C GLN E 176 16.74 -20.73 22.93
N ASP E 177 16.04 -21.23 21.90
CA ASP E 177 16.59 -22.37 21.18
C ASP E 177 17.97 -22.04 20.60
N TYR E 178 18.07 -20.90 19.90
CA TYR E 178 19.35 -20.47 19.37
C TYR E 178 20.38 -20.24 20.47
N VAL E 179 19.98 -19.63 21.59
CA VAL E 179 20.91 -19.36 22.68
C VAL E 179 21.46 -20.65 23.31
N ASN E 180 20.58 -21.55 23.74
CA ASN E 180 21.05 -22.76 24.40
C ASN E 180 21.71 -23.75 23.45
N LYS E 181 21.22 -23.89 22.22
CA LYS E 181 21.80 -24.86 21.31
C LYS E 181 23.00 -24.34 20.52
N GLU E 182 23.18 -23.03 20.39
CA GLU E 182 24.29 -22.51 19.60
C GLU E 182 25.22 -21.61 20.39
N ILE E 183 24.67 -20.64 21.13
CA ILE E 183 25.49 -19.68 21.84
C ILE E 183 26.07 -20.28 23.11
N VAL E 184 25.31 -21.11 23.81
CA VAL E 184 25.85 -21.80 24.99
C VAL E 184 27.02 -22.70 24.61
N PRO E 185 27.00 -23.45 23.50
CA PRO E 185 28.23 -24.15 23.11
C PRO E 185 29.35 -23.20 22.67
N SER E 186 29.00 -22.19 21.88
CA SER E 186 30.00 -21.26 21.32
C SER E 186 30.75 -20.48 22.39
N ILE E 187 30.12 -20.16 23.53
CA ILE E 187 30.86 -19.43 24.56
C ILE E 187 32.07 -20.23 25.04
N ALA E 188 31.94 -21.56 25.08
CA ALA E 188 33.07 -22.40 25.45
C ALA E 188 34.00 -22.64 24.26
N ARG E 189 33.41 -22.98 23.10
CA ARG E 189 34.21 -23.33 21.92
C ARG E 189 34.91 -22.12 21.28
N LEU E 190 34.23 -20.98 21.19
CA LEU E 190 34.83 -19.81 20.53
C LEU E 190 35.10 -18.64 21.45
N GLY E 191 34.60 -18.66 22.68
CA GLY E 191 34.83 -17.58 23.62
C GLY E 191 33.83 -16.44 23.51
N CYS E 192 34.02 -15.50 24.45
CA CYS E 192 33.12 -14.35 24.60
C CYS E 192 33.03 -13.49 23.35
N GLU E 193 34.11 -13.38 22.57
CA GLU E 193 34.11 -12.53 21.37
C GLU E 193 33.10 -12.99 20.31
N ALA E 194 33.22 -14.24 19.86
CA ALA E 194 32.29 -14.74 18.86
C ALA E 194 30.89 -14.92 19.44
N ALA E 195 30.78 -15.43 20.66
CA ALA E 195 29.47 -15.58 21.28
C ALA E 195 28.76 -14.23 21.34
N GLY E 196 29.50 -13.20 21.72
CA GLY E 196 28.96 -11.86 21.75
C GLY E 196 28.49 -11.37 20.40
N LEU E 197 29.29 -11.60 19.35
CA LEU E 197 28.84 -11.16 18.03
C LEU E 197 27.60 -11.94 17.60
N GLN E 198 27.56 -13.25 17.90
CA GLN E 198 26.40 -14.06 17.54
C GLN E 198 25.14 -13.52 18.20
N LEU E 199 25.25 -13.17 19.50
CA LEU E 199 24.12 -12.55 20.19
C LEU E 199 23.74 -11.22 19.56
N GLY E 200 24.72 -10.36 19.31
CA GLY E 200 24.42 -9.08 18.70
C GLY E 200 23.64 -9.21 17.40
N ILE E 201 24.11 -10.08 16.51
CA ILE E 201 23.45 -10.28 15.23
C ILE E 201 22.04 -10.85 15.42
N ALA E 202 21.92 -11.93 16.20
CA ALA E 202 20.63 -12.59 16.35
C ALA E 202 19.61 -11.68 17.01
N LEU E 203 20.02 -10.97 18.06
CA LEU E 203 19.10 -10.09 18.77
C LEU E 203 18.72 -8.87 17.95
N THR E 204 19.65 -8.26 17.22
CA THR E 204 19.24 -7.12 16.39
C THR E 204 18.40 -7.56 15.20
N GLN E 205 18.60 -8.77 14.68
CA GLN E 205 17.65 -9.33 13.72
C GLN E 205 16.27 -9.48 14.35
N HIS E 206 16.22 -10.04 15.56
CA HIS E 206 14.96 -10.20 16.26
C HIS E 206 14.29 -8.86 16.52
N TYR E 207 15.09 -7.82 16.79
CA TYR E 207 14.56 -6.46 16.85
C TYR E 207 13.96 -6.01 15.53
N SER E 208 14.60 -6.32 14.40
CA SER E 208 13.98 -5.91 13.15
C SER E 208 12.67 -6.65 12.90
N GLU E 209 12.59 -7.92 13.31
CA GLU E 209 11.35 -8.66 13.20
C GLU E 209 10.26 -8.10 14.12
N LEU E 210 10.61 -7.88 15.38
CA LEU E 210 9.69 -7.25 16.32
C LEU E 210 9.23 -5.88 15.82
N THR E 211 10.14 -5.10 15.24
CA THR E 211 9.78 -3.79 14.71
C THR E 211 8.81 -3.92 13.54
N ASN E 212 8.99 -4.96 12.73
CA ASN E 212 8.04 -5.22 11.66
C ASN E 212 6.67 -5.62 12.20
N ILE E 213 6.62 -6.21 13.39
CA ILE E 213 5.34 -6.62 13.97
C ILE E 213 4.66 -5.49 14.75
N PHE E 214 5.41 -4.78 15.59
CA PHE E 214 4.88 -3.90 16.62
C PHE E 214 4.99 -2.41 16.31
N GLY E 215 5.74 -2.02 15.28
CA GLY E 215 6.11 -0.62 15.14
C GLY E 215 5.15 0.28 14.39
N ASP E 216 4.44 -0.26 13.41
CA ASP E 216 3.54 0.54 12.59
C ASP E 216 2.15 0.67 13.20
N ASN E 217 1.58 1.87 13.08
CA ASN E 217 0.18 2.14 13.44
C ASN E 217 -0.15 1.77 14.88
N ILE E 218 0.72 2.19 15.80
CA ILE E 218 0.74 1.68 17.17
C ILE E 218 -0.62 1.84 17.85
N GLY E 219 -1.30 2.97 17.64
CA GLY E 219 -2.62 3.12 18.22
C GLY E 219 -3.66 2.15 17.68
N SER E 220 -3.64 1.90 16.37
CA SER E 220 -4.51 0.88 15.81
C SER E 220 -4.10 -0.50 16.29
N LEU E 221 -2.80 -0.74 16.38
CA LEU E 221 -2.27 -2.01 16.86
C LEU E 221 -2.69 -2.29 18.30
N ILE E 222 -2.83 -1.24 19.12
CA ILE E 222 -3.35 -1.43 20.47
C ILE E 222 -4.87 -1.63 20.44
N GLU E 223 -5.56 -0.78 19.67
CA GLU E 223 -7.02 -0.83 19.60
C GLU E 223 -7.51 -2.14 18.97
N LYS E 224 -6.97 -2.49 17.80
CA LYS E 224 -7.48 -3.62 17.05
C LYS E 224 -6.66 -4.89 17.19
N GLY E 225 -5.42 -4.78 17.64
CA GLY E 225 -4.58 -5.94 17.83
C GLY E 225 -3.67 -6.24 16.66
N ILE E 226 -2.89 -7.29 16.85
CA ILE E 226 -1.89 -7.77 15.90
C ILE E 226 -2.34 -9.09 15.31
N LYS E 227 -2.16 -9.26 13.99
CA LYS E 227 -2.50 -10.52 13.35
C LYS E 227 -1.65 -11.65 13.92
N LEU E 228 -2.31 -12.75 14.29
CA LEU E 228 -1.61 -13.91 14.84
C LEU E 228 -0.61 -14.50 13.86
N GLN E 229 -0.88 -14.35 12.56
CA GLN E 229 0.04 -14.79 11.51
C GLN E 229 1.46 -14.28 11.74
N GLY E 230 1.60 -12.99 12.04
CA GLY E 230 2.93 -12.41 12.21
C GLY E 230 3.68 -12.95 13.42
N ILE E 231 3.01 -13.02 14.57
CA ILE E 231 3.65 -13.54 15.78
C ILE E 231 4.02 -15.01 15.61
N ALA E 232 3.16 -15.78 14.96
CA ALA E 232 3.52 -17.17 14.71
C ALA E 232 4.70 -17.25 13.76
N SER E 233 4.78 -16.35 12.78
CA SER E 233 5.96 -16.34 11.91
C SER E 233 7.20 -15.94 12.69
N LEU E 234 7.05 -15.08 13.71
CA LEU E 234 8.17 -14.77 14.59
C LEU E 234 8.67 -16.02 15.31
N TYR E 235 7.77 -16.93 15.66
CA TYR E 235 8.14 -17.92 16.67
C TYR E 235 7.74 -19.34 16.29
N ARG E 236 7.50 -19.59 14.99
CA ARG E 236 7.13 -20.88 14.42
C ARG E 236 6.07 -21.62 15.25
N THR E 237 5.18 -20.87 15.87
CA THR E 237 4.30 -21.42 16.90
C THR E 237 3.30 -22.38 16.27
N ASN E 238 3.31 -23.64 16.74
CA ASN E 238 2.30 -24.61 16.32
C ASN E 238 1.02 -24.34 17.08
N ILE E 239 0.26 -23.36 16.56
CA ILE E 239 -0.92 -22.82 17.21
C ILE E 239 -1.87 -23.92 17.67
N THR E 240 -2.14 -24.88 16.79
CA THR E 240 -3.05 -25.96 17.19
C THR E 240 -2.45 -26.81 18.29
N GLU E 241 -1.14 -27.01 18.27
CA GLU E 241 -0.48 -27.78 19.31
C GLU E 241 -0.35 -26.97 20.60
N ILE E 242 -0.13 -25.66 20.48
CA ILE E 242 0.05 -24.81 21.65
C ILE E 242 -1.27 -24.52 22.35
N PHE E 243 -2.35 -24.37 21.58
CA PHE E 243 -3.62 -23.88 22.12
C PHE E 243 -4.76 -24.89 22.10
N THR E 244 -4.69 -25.93 21.27
CA THR E 244 -5.76 -26.92 21.21
C THR E 244 -5.20 -28.34 21.14
N ASP E 252 -9.25 -27.89 9.10
CA ASP E 252 -9.04 -27.64 7.67
C ASP E 252 -8.05 -26.52 7.46
N ILE E 253 -7.38 -26.52 6.30
CA ILE E 253 -6.29 -25.59 6.07
C ILE E 253 -6.80 -24.15 6.06
N TYR E 254 -8.00 -23.95 5.50
CA TYR E 254 -8.58 -22.62 5.41
C TYR E 254 -9.03 -22.12 6.77
N ASP E 255 -9.49 -23.01 7.64
CA ASP E 255 -9.82 -22.60 9.01
C ASP E 255 -8.57 -22.17 9.74
N LEU E 256 -7.45 -22.84 9.49
CA LEU E 256 -6.18 -22.45 10.10
C LEU E 256 -5.70 -21.11 9.56
N LEU E 257 -5.84 -20.89 8.26
CA LEU E 257 -5.51 -19.60 7.67
C LEU E 257 -6.35 -18.49 8.29
N PHE E 258 -7.64 -18.74 8.51
CA PHE E 258 -8.49 -17.75 9.15
C PHE E 258 -8.06 -17.48 10.57
N THR E 259 -7.74 -18.54 11.32
CA THR E 259 -7.22 -18.37 12.67
C THR E 259 -5.93 -17.55 12.68
N GLU E 260 -5.12 -17.67 11.62
CA GLU E 260 -3.95 -16.80 11.51
C GLU E 260 -4.34 -15.36 11.21
N SER E 261 -5.40 -15.14 10.44
CA SER E 261 -5.75 -13.79 10.02
C SER E 261 -6.34 -12.93 11.12
N ILE E 262 -6.96 -13.52 12.13
CA ILE E 262 -7.57 -12.71 13.18
C ILE E 262 -6.52 -12.19 14.16
N LYS E 263 -6.88 -11.08 14.80
CA LYS E 263 -5.97 -10.22 15.55
C LYS E 263 -5.94 -10.54 17.04
N VAL E 264 -4.74 -10.76 17.56
CA VAL E 264 -4.52 -10.97 18.98
C VAL E 264 -4.32 -9.62 19.63
N ARG E 265 -4.97 -9.39 20.76
CA ARG E 265 -4.92 -8.09 21.41
C ARG E 265 -3.83 -8.07 22.47
N VAL E 266 -3.04 -7.00 22.48
CA VAL E 266 -2.07 -6.77 23.54
C VAL E 266 -2.82 -6.42 24.82
N ILE E 267 -2.58 -7.19 25.88
CA ILE E 267 -3.26 -6.95 27.14
C ILE E 267 -2.33 -6.41 28.22
N ASP E 268 -1.02 -6.62 28.10
CA ASP E 268 -0.08 -6.05 29.06
C ASP E 268 1.25 -5.86 28.34
N VAL E 269 2.05 -4.91 28.84
CA VAL E 269 3.42 -4.67 28.39
C VAL E 269 4.27 -4.35 29.61
N ASP E 270 5.18 -5.25 29.97
CA ASP E 270 6.06 -5.05 31.11
C ASP E 270 7.32 -4.32 30.68
N LEU E 271 7.44 -3.05 31.07
CA LEU E 271 8.63 -2.29 30.69
C LEU E 271 9.87 -2.73 31.43
N ASN E 272 9.73 -3.29 32.63
CA ASN E 272 10.92 -3.72 33.35
C ASN E 272 11.37 -5.12 32.96
N ASP E 273 10.45 -6.05 32.74
CA ASP E 273 10.83 -7.41 32.36
C ASP E 273 10.86 -7.61 30.86
N TYR E 274 10.56 -6.57 30.08
CA TYR E 274 10.51 -6.62 28.62
C TYR E 274 9.66 -7.79 28.14
N SER E 275 8.40 -7.76 28.56
CA SER E 275 7.45 -8.85 28.31
C SER E 275 6.15 -8.27 27.79
N ILE E 276 5.61 -8.88 26.74
CA ILE E 276 4.34 -8.49 26.15
C ILE E 276 3.36 -9.65 26.31
N THR E 277 2.21 -9.39 26.93
CA THR E 277 1.18 -10.40 27.13
C THR E 277 0.06 -10.20 26.12
N LEU E 278 -0.33 -11.27 25.45
CA LEU E 278 -1.22 -11.26 24.31
C LEU E 278 -2.44 -12.15 24.58
N GLN E 279 -3.59 -11.74 24.05
CA GLN E 279 -4.80 -12.55 24.08
C GLN E 279 -5.02 -13.14 22.70
N VAL E 280 -4.82 -14.44 22.57
CA VAL E 280 -5.13 -15.13 21.34
C VAL E 280 -6.59 -15.52 21.39
N ARG E 281 -7.25 -15.55 20.24
CA ARG E 281 -8.71 -15.59 20.15
C ARG E 281 -9.09 -16.71 19.20
N LEU E 282 -9.24 -17.92 19.70
CA LEU E 282 -9.53 -19.05 18.83
C LEU E 282 -10.98 -19.01 18.36
N PRO E 283 -11.25 -18.80 17.07
CA PRO E 283 -12.64 -18.63 16.62
C PRO E 283 -13.43 -19.93 16.67
N LEU E 284 -14.68 -19.82 17.11
CA LEU E 284 -15.70 -20.85 16.91
C LEU E 284 -16.52 -20.52 15.67
N LEU E 285 -16.14 -21.09 14.53
CA LEU E 285 -16.79 -20.83 13.25
C LEU E 285 -18.10 -21.59 13.11
N THR E 286 -19.14 -20.88 12.67
CA THR E 286 -20.39 -21.50 12.26
C THR E 286 -20.71 -21.14 10.82
N ARG E 287 -21.14 -22.13 10.03
CA ARG E 287 -21.72 -21.86 8.72
C ARG E 287 -23.02 -21.10 8.90
N LEU E 288 -23.07 -19.88 8.40
CA LEU E 288 -24.28 -19.09 8.46
C LEU E 288 -25.28 -19.61 7.43
N LEU E 289 -26.51 -19.85 7.86
CA LEU E 289 -27.55 -20.38 6.99
C LEU E 289 -28.11 -19.31 6.06
N ASN E 290 -28.60 -19.78 4.90
CA ASN E 290 -29.30 -18.96 3.92
C ASN E 290 -28.51 -17.73 3.50
N THR E 291 -27.20 -17.87 3.41
CA THR E 291 -26.39 -16.79 2.86
C THR E 291 -25.55 -17.36 1.74
N GLN E 292 -25.42 -16.57 0.69
CA GLN E 292 -24.52 -16.86 -0.42
C GLN E 292 -23.79 -15.58 -0.78
N ILE E 293 -22.50 -15.69 -1.05
CA ILE E 293 -21.73 -14.60 -1.62
C ILE E 293 -21.45 -14.96 -3.07
N TYR E 294 -21.80 -14.07 -3.98
CA TYR E 294 -21.58 -14.25 -5.40
C TYR E 294 -20.54 -13.28 -5.94
N LYS E 295 -19.68 -13.78 -6.81
CA LYS E 295 -18.76 -12.93 -7.53
C LYS E 295 -19.51 -12.33 -8.70
N VAL E 296 -19.21 -11.10 -9.04
CA VAL E 296 -19.82 -10.48 -10.22
C VAL E 296 -18.68 -9.90 -11.05
N ASP E 297 -18.61 -10.31 -12.30
CA ASP E 297 -17.64 -9.82 -13.25
C ASP E 297 -18.38 -9.10 -14.37
N SER E 298 -18.01 -7.85 -14.61
CA SER E 298 -18.64 -7.03 -15.63
C SER E 298 -17.74 -6.95 -16.86
N ILE E 299 -18.25 -7.44 -17.99
CA ILE E 299 -17.55 -7.34 -19.26
C ILE E 299 -17.97 -6.03 -19.92
N SER E 300 -17.24 -5.61 -20.94
CA SER E 300 -17.59 -4.39 -21.67
C SER E 300 -18.90 -4.56 -22.43
N TYR E 301 -19.70 -3.51 -22.42
CA TYR E 301 -21.00 -3.47 -23.05
C TYR E 301 -20.98 -2.36 -24.08
N ASN E 302 -21.30 -2.69 -25.32
CA ASN E 302 -21.27 -1.73 -26.42
C ASN E 302 -22.50 -0.83 -26.43
N ILE E 303 -22.27 0.48 -26.49
CA ILE E 303 -23.28 1.45 -26.91
C ILE E 303 -22.66 2.23 -28.07
N GLN E 304 -23.23 2.04 -29.27
CA GLN E 304 -22.87 2.77 -30.48
C GLN E 304 -21.36 2.79 -30.72
N ASN E 305 -20.76 1.60 -30.75
CA ASN E 305 -19.33 1.39 -30.94
C ASN E 305 -18.47 2.03 -29.86
N ARG E 306 -19.01 2.29 -28.68
CA ARG E 306 -18.20 2.70 -27.55
C ARG E 306 -18.41 1.71 -26.43
N GLU E 307 -17.36 1.45 -25.66
CA GLU E 307 -17.39 0.41 -24.62
C GLU E 307 -17.78 0.97 -23.26
N TRP E 308 -18.79 0.35 -22.66
CA TRP E 308 -19.29 0.71 -21.34
C TRP E 308 -19.37 -0.55 -20.48
N TYR E 309 -19.48 -0.37 -19.17
CA TYR E 309 -19.66 -1.50 -18.28
C TYR E 309 -20.44 -1.05 -17.07
N ILE E 310 -20.97 -2.02 -16.32
CA ILE E 310 -21.71 -1.76 -15.09
C ILE E 310 -20.72 -1.91 -13.92
N PRO E 311 -20.39 -0.83 -13.20
CA PRO E 311 -19.37 -0.87 -12.14
C PRO E 311 -19.86 -1.38 -10.79
N LEU E 312 -20.45 -2.57 -10.78
CA LEU E 312 -20.91 -3.22 -9.57
C LEU E 312 -19.73 -3.59 -8.66
N PRO E 313 -19.98 -3.75 -7.35
CA PRO E 313 -18.90 -4.17 -6.45
C PRO E 313 -18.46 -5.58 -6.81
N SER E 314 -17.22 -5.91 -6.47
CA SER E 314 -16.65 -7.20 -6.89
C SER E 314 -17.43 -8.39 -6.35
N HIS E 315 -18.06 -8.29 -5.18
CA HIS E 315 -18.85 -9.36 -4.61
C HIS E 315 -20.19 -8.86 -4.11
N ILE E 316 -21.19 -9.70 -4.22
CA ILE E 316 -22.53 -9.41 -3.72
C ILE E 316 -22.98 -10.59 -2.89
N MET E 317 -23.89 -10.35 -1.96
CA MET E 317 -24.34 -11.38 -1.04
C MET E 317 -25.85 -11.32 -0.89
N THR E 318 -26.45 -12.47 -0.63
CA THR E 318 -27.84 -12.55 -0.20
C THR E 318 -27.93 -13.09 1.21
N LYS E 319 -28.95 -12.63 1.92
CA LYS E 319 -29.33 -13.14 3.24
C LYS E 319 -30.85 -13.27 3.22
N GLY E 320 -31.33 -14.44 2.83
CA GLY E 320 -32.74 -14.60 2.55
C GLY E 320 -33.24 -13.63 1.50
N ALA E 321 -34.04 -12.66 1.93
CA ALA E 321 -34.53 -11.61 1.04
C ALA E 321 -33.52 -10.50 0.82
N PHE E 322 -32.50 -10.39 1.67
CA PHE E 322 -31.55 -9.30 1.55
C PHE E 322 -30.66 -9.48 0.33
N LEU E 323 -30.20 -8.35 -0.21
CA LEU E 323 -29.26 -8.34 -1.33
C LEU E 323 -28.37 -7.12 -1.18
N GLY E 324 -27.06 -7.34 -1.13
CA GLY E 324 -26.13 -6.24 -0.96
C GLY E 324 -24.75 -6.66 -1.40
N GLY E 325 -23.80 -5.75 -1.24
CA GLY E 325 -22.41 -6.08 -1.49
C GLY E 325 -21.79 -6.85 -0.35
N ALA E 326 -20.59 -7.37 -0.60
CA ALA E 326 -19.80 -8.05 0.41
C ALA E 326 -18.35 -7.61 0.33
N ASP E 327 -17.81 -7.08 1.42
CA ASP E 327 -16.41 -6.66 1.49
C ASP E 327 -15.53 -7.84 1.89
N VAL E 328 -15.41 -8.79 0.97
CA VAL E 328 -14.65 -10.02 1.18
C VAL E 328 -13.14 -9.82 1.30
N LYS E 329 -12.64 -8.60 1.09
CA LYS E 329 -11.20 -8.33 1.13
C LYS E 329 -10.51 -8.84 2.40
N GLU E 330 -11.18 -8.80 3.55
CA GLU E 330 -10.58 -9.28 4.80
C GLU E 330 -10.89 -10.75 5.09
N CYS E 331 -11.67 -11.42 4.25
CA CYS E 331 -12.09 -12.79 4.46
C CYS E 331 -11.13 -13.78 3.79
N ILE E 332 -11.26 -15.04 4.21
CA ILE E 332 -10.49 -16.14 3.64
C ILE E 332 -11.42 -16.89 2.71
N GLU E 333 -11.03 -16.97 1.44
CA GLU E 333 -11.83 -17.64 0.42
C GLU E 333 -11.53 -19.13 0.37
N ALA E 334 -12.28 -19.90 1.12
CA ALA E 334 -12.15 -21.34 1.06
C ALA E 334 -12.84 -21.80 -0.22
N PRO E 335 -12.66 -23.06 -0.65
CA PRO E 335 -13.30 -23.48 -1.90
C PRO E 335 -14.81 -23.54 -1.84
N SER E 336 -15.40 -23.74 -0.66
CA SER E 336 -16.85 -23.84 -0.54
C SER E 336 -17.50 -22.67 0.18
N SER E 337 -16.74 -21.86 0.91
CA SER E 337 -17.33 -20.77 1.67
C SER E 337 -16.27 -19.72 1.94
N TYR E 338 -16.73 -18.52 2.24
CA TYR E 338 -15.83 -17.44 2.63
C TYR E 338 -15.87 -17.38 4.14
N ILE E 339 -14.70 -17.43 4.77
CA ILE E 339 -14.61 -17.32 6.22
C ILE E 339 -14.31 -15.87 6.52
N CYS E 340 -15.22 -15.19 7.20
CA CYS E 340 -15.03 -13.77 7.45
C CYS E 340 -15.00 -13.47 8.92
N PRO E 341 -14.27 -12.45 9.36
CA PRO E 341 -14.25 -12.11 10.79
C PRO E 341 -15.58 -11.54 11.26
N SER E 342 -16.36 -10.97 10.35
CA SER E 342 -17.66 -10.39 10.64
C SER E 342 -18.40 -10.32 9.32
N ASP E 343 -19.72 -10.19 9.40
CA ASP E 343 -20.54 -10.08 8.20
C ASP E 343 -20.06 -8.92 7.33
N PRO E 344 -19.53 -9.20 6.14
CA PRO E 344 -18.95 -8.14 5.30
C PRO E 344 -19.98 -7.36 4.52
N GLY E 345 -21.27 -7.67 4.70
CA GLY E 345 -22.28 -7.10 3.84
C GLY E 345 -22.48 -5.61 4.10
N PHE E 346 -22.64 -4.87 3.01
CA PHE E 346 -23.02 -3.47 3.05
C PHE E 346 -24.13 -3.29 2.05
N VAL E 347 -25.18 -2.57 2.47
CA VAL E 347 -26.35 -2.37 1.63
C VAL E 347 -26.01 -1.52 0.43
N LEU E 348 -26.49 -1.95 -0.74
CA LEU E 348 -26.27 -1.19 -1.96
C LEU E 348 -27.20 0.01 -1.94
N ASN E 349 -26.60 1.20 -1.88
CA ASN E 349 -27.35 2.43 -1.74
C ASN E 349 -28.04 2.87 -3.02
N HIS E 350 -27.59 2.40 -4.16
CA HIS E 350 -28.09 2.94 -5.41
C HIS E 350 -29.17 2.04 -5.98
N GLU E 351 -29.55 2.33 -7.23
CA GLU E 351 -30.39 1.45 -8.03
C GLU E 351 -29.69 0.13 -8.35
N MET E 352 -28.44 -0.02 -7.87
CA MET E 352 -27.70 -1.25 -8.05
C MET E 352 -28.45 -2.44 -7.50
N GLU E 353 -29.21 -2.24 -6.42
CA GLU E 353 -30.02 -3.33 -5.90
C GLU E 353 -31.13 -3.68 -6.89
N SER E 354 -31.77 -2.66 -7.47
CA SER E 354 -32.80 -2.92 -8.48
C SER E 354 -32.17 -3.55 -9.71
N CYS E 355 -30.99 -3.07 -10.12
CA CYS E 355 -30.26 -3.67 -11.24
C CYS E 355 -30.03 -5.15 -11.01
N LEU E 356 -29.42 -5.50 -9.88
CA LEU E 356 -29.13 -6.89 -9.56
C LEU E 356 -30.40 -7.72 -9.40
N SER E 357 -31.50 -7.11 -8.97
CA SER E 357 -32.75 -7.84 -8.83
C SER E 357 -33.42 -8.12 -10.17
N GLY E 358 -32.82 -7.71 -11.28
CA GLY E 358 -33.35 -7.93 -12.61
C GLY E 358 -34.02 -6.75 -13.26
N ASN E 359 -34.06 -5.60 -12.61
CA ASN E 359 -34.62 -4.39 -13.23
C ASN E 359 -33.47 -3.75 -14.01
N ILE E 360 -33.07 -4.48 -15.05
CA ILE E 360 -31.89 -4.21 -15.87
C ILE E 360 -31.85 -2.77 -16.39
N SER E 361 -32.98 -2.17 -16.70
CA SER E 361 -32.98 -0.80 -17.22
C SER E 361 -32.36 0.23 -16.29
N GLN E 362 -32.24 -0.06 -15.00
CA GLN E 362 -31.63 0.86 -14.04
C GLN E 362 -30.14 0.64 -13.81
N CYS E 363 -29.51 -0.32 -14.48
CA CYS E 363 -28.09 -0.53 -14.25
C CYS E 363 -27.27 0.69 -14.67
N PRO E 364 -26.35 1.17 -13.82
CA PRO E 364 -25.49 2.32 -14.10
C PRO E 364 -24.36 2.01 -15.06
N ARG E 365 -24.35 2.71 -16.19
CA ARG E 365 -23.24 2.57 -17.13
C ARG E 365 -22.06 3.41 -16.72
N THR E 366 -20.87 2.96 -17.08
CA THR E 366 -19.66 3.76 -16.98
C THR E 366 -18.77 3.36 -18.13
N THR E 367 -17.89 4.26 -18.55
CA THR E 367 -17.04 3.95 -19.69
C THR E 367 -15.85 3.11 -19.28
N VAL E 368 -15.44 2.22 -20.18
CA VAL E 368 -14.24 1.42 -19.96
C VAL E 368 -13.04 2.35 -20.02
N THR E 369 -12.01 2.03 -19.21
CA THR E 369 -10.79 2.82 -19.21
C THR E 369 -9.59 2.08 -19.78
N SER E 370 -9.51 0.77 -19.60
CA SER E 370 -8.28 0.05 -19.93
C SER E 370 -8.61 -1.41 -20.15
N ASP E 371 -7.58 -2.23 -20.31
CA ASP E 371 -7.69 -3.67 -20.48
C ASP E 371 -8.11 -4.40 -19.20
N ILE E 372 -8.32 -3.69 -18.10
CA ILE E 372 -8.72 -4.35 -16.87
C ILE E 372 -10.15 -4.88 -16.96
N VAL E 373 -10.99 -4.21 -17.74
CA VAL E 373 -12.36 -4.69 -18.00
C VAL E 373 -12.33 -5.76 -19.08
N PRO E 374 -12.77 -6.98 -18.79
CA PRO E 374 -12.74 -8.05 -19.79
C PRO E 374 -13.70 -7.76 -20.93
N ARG E 375 -13.24 -8.03 -22.15
CA ARG E 375 -14.05 -7.84 -23.34
C ARG E 375 -14.92 -9.05 -23.65
N TYR E 376 -14.66 -10.19 -23.00
CA TYR E 376 -15.39 -11.42 -23.23
C TYR E 376 -15.23 -12.32 -22.03
N ALA E 377 -16.14 -13.29 -21.92
CA ALA E 377 -16.04 -14.28 -20.87
C ALA E 377 -16.76 -15.56 -21.28
N PHE E 378 -16.25 -16.68 -20.79
CA PHE E 378 -16.98 -17.93 -20.93
C PHE E 378 -18.08 -17.92 -19.88
N VAL E 379 -19.28 -18.34 -20.25
CA VAL E 379 -20.39 -18.33 -19.31
C VAL E 379 -21.25 -19.56 -19.56
N ASN E 380 -21.34 -20.44 -18.56
CA ASN E 380 -22.23 -21.60 -18.54
C ASN E 380 -22.12 -22.43 -19.80
N GLY E 381 -20.91 -22.60 -20.30
CA GLY E 381 -20.68 -23.41 -21.46
C GLY E 381 -20.73 -22.67 -22.78
N GLY E 382 -21.15 -21.42 -22.78
CA GLY E 382 -21.16 -20.61 -23.98
C GLY E 382 -20.31 -19.40 -23.76
N VAL E 383 -20.44 -18.37 -24.58
CA VAL E 383 -19.64 -17.16 -24.45
C VAL E 383 -20.54 -15.94 -24.46
N VAL E 384 -20.21 -14.98 -23.61
CA VAL E 384 -20.87 -13.68 -23.57
C VAL E 384 -19.79 -12.65 -23.86
N ALA E 385 -19.94 -11.93 -24.97
CA ALA E 385 -18.91 -11.00 -25.37
C ALA E 385 -19.49 -9.91 -26.24
N ASN E 386 -18.82 -8.76 -26.27
CA ASN E 386 -19.20 -7.71 -27.21
C ASN E 386 -18.28 -7.87 -28.42
N CYS E 387 -18.80 -8.46 -29.47
CA CYS E 387 -18.13 -8.80 -30.71
C CYS E 387 -17.75 -7.59 -31.55
N ILE E 388 -17.95 -6.37 -31.06
CA ILE E 388 -17.49 -5.19 -31.78
C ILE E 388 -16.00 -4.97 -31.55
N THR E 389 -15.51 -5.33 -30.36
CA THR E 389 -14.11 -5.20 -29.99
C THR E 389 -13.53 -6.57 -29.66
N THR E 390 -13.99 -7.59 -30.39
CA THR E 390 -13.55 -8.97 -30.22
C THR E 390 -13.98 -9.70 -31.48
N THR E 391 -13.04 -10.37 -32.13
CA THR E 391 -13.35 -11.12 -33.35
C THR E 391 -14.01 -12.43 -32.97
N CYS E 392 -15.34 -12.39 -32.85
CA CYS E 392 -16.13 -13.57 -32.52
C CYS E 392 -16.41 -14.31 -33.80
N THR E 393 -16.21 -15.62 -33.80
CA THR E 393 -16.45 -16.44 -34.99
C THR E 393 -17.27 -17.64 -34.56
N CYS E 394 -18.15 -18.13 -35.44
CA CYS E 394 -19.11 -19.15 -35.04
C CYS E 394 -18.64 -20.60 -35.22
N ASN E 395 -18.26 -20.97 -36.43
CA ASN E 395 -17.83 -22.34 -36.69
C ASN E 395 -16.49 -22.40 -37.42
N GLY E 396 -15.67 -21.35 -37.29
CA GLY E 396 -14.40 -21.26 -37.96
C GLY E 396 -13.99 -19.82 -38.02
N ILE E 397 -12.68 -19.58 -38.04
CA ILE E 397 -12.13 -18.24 -37.99
C ILE E 397 -12.57 -17.34 -39.15
N GLY E 398 -13.25 -17.88 -40.16
CA GLY E 398 -13.73 -17.06 -41.24
C GLY E 398 -15.17 -16.55 -41.11
N ASN E 399 -15.97 -17.18 -40.25
CA ASN E 399 -17.37 -16.81 -40.07
C ASN E 399 -17.54 -15.92 -38.85
N ARG E 400 -17.32 -14.61 -39.03
CA ARG E 400 -17.44 -13.67 -37.92
C ARG E 400 -18.88 -13.49 -37.46
N ILE E 401 -19.07 -13.52 -36.14
CA ILE E 401 -20.38 -13.30 -35.52
C ILE E 401 -20.54 -11.79 -35.32
N ASN E 402 -21.13 -11.13 -36.32
CA ASN E 402 -21.38 -9.70 -36.18
C ASN E 402 -22.57 -9.44 -35.29
N GLN E 403 -22.51 -8.35 -34.52
CA GLN E 403 -23.63 -7.94 -33.71
C GLN E 403 -24.05 -6.56 -34.17
N PRO E 404 -25.35 -6.25 -34.20
CA PRO E 404 -25.77 -4.93 -34.63
C PRO E 404 -25.28 -3.87 -33.66
N PRO E 405 -25.04 -2.65 -34.14
CA PRO E 405 -24.51 -1.60 -33.25
C PRO E 405 -25.38 -1.29 -32.05
N ASP E 406 -26.65 -1.69 -32.03
CA ASP E 406 -27.53 -1.38 -30.92
C ASP E 406 -27.62 -2.50 -29.90
N GLN E 407 -26.95 -3.63 -30.14
CA GLN E 407 -26.85 -4.72 -29.18
C GLN E 407 -25.53 -4.58 -28.44
N GLY E 408 -25.58 -4.69 -27.12
CA GLY E 408 -24.38 -4.48 -26.33
C GLY E 408 -23.45 -5.65 -26.12
N VAL E 409 -24.00 -6.85 -25.96
CA VAL E 409 -23.20 -8.06 -25.79
C VAL E 409 -23.83 -9.14 -26.66
N LYS E 410 -22.99 -10.05 -27.14
CA LYS E 410 -23.45 -11.18 -27.92
C LYS E 410 -23.34 -12.41 -27.06
N ILE E 411 -24.44 -13.13 -26.92
CA ILE E 411 -24.52 -14.35 -26.13
C ILE E 411 -24.57 -15.51 -27.10
N ILE E 412 -23.49 -16.29 -27.10
CA ILE E 412 -23.29 -17.37 -28.07
C ILE E 412 -23.43 -18.72 -27.41
N THR E 413 -24.63 -19.27 -27.48
CA THR E 413 -24.95 -20.58 -26.95
C THR E 413 -24.52 -21.68 -27.91
N HIS E 414 -24.36 -22.88 -27.35
CA HIS E 414 -24.03 -24.06 -28.14
C HIS E 414 -25.06 -24.38 -29.21
N LYS E 415 -26.29 -23.90 -29.07
CA LYS E 415 -27.27 -24.06 -30.14
C LYS E 415 -26.93 -23.21 -31.34
N GLU E 416 -26.32 -22.04 -31.10
CA GLU E 416 -25.90 -21.14 -32.16
C GLU E 416 -24.60 -21.59 -32.82
N CYS E 417 -23.56 -21.85 -32.04
CA CYS E 417 -22.24 -22.16 -32.55
C CYS E 417 -21.65 -23.38 -31.88
N ASN E 418 -21.15 -24.32 -32.69
CA ASN E 418 -20.51 -25.51 -32.15
C ASN E 418 -19.08 -25.23 -31.72
N THR E 419 -18.34 -24.41 -32.46
CA THR E 419 -16.94 -24.11 -32.14
C THR E 419 -16.64 -22.61 -32.24
N ILE E 420 -17.01 -21.87 -31.20
CA ILE E 420 -16.76 -20.43 -31.15
C ILE E 420 -15.28 -20.12 -31.07
N GLY E 421 -14.82 -19.23 -31.94
CA GLY E 421 -13.45 -18.74 -31.93
C GLY E 421 -13.43 -17.29 -31.49
N ILE E 422 -12.72 -16.96 -30.41
CA ILE E 422 -12.61 -15.58 -29.93
C ILE E 422 -11.17 -15.11 -30.05
N ASN E 423 -10.95 -14.08 -30.87
CA ASN E 423 -9.62 -13.57 -31.19
C ASN E 423 -8.70 -14.67 -31.69
N GLY E 424 -9.26 -15.55 -32.52
CA GLY E 424 -8.54 -16.68 -33.07
C GLY E 424 -8.53 -17.93 -32.23
N MET E 425 -8.78 -17.81 -30.93
CA MET E 425 -8.77 -18.94 -30.02
C MET E 425 -10.02 -19.77 -30.26
N LEU E 426 -9.88 -20.96 -30.85
CA LEU E 426 -11.03 -21.82 -31.08
C LEU E 426 -11.33 -22.67 -29.86
N PHE E 427 -12.58 -22.64 -29.43
CA PHE E 427 -13.11 -23.43 -28.34
C PHE E 427 -14.41 -24.07 -28.73
N ASN E 428 -14.63 -25.30 -28.31
CA ASN E 428 -15.93 -25.93 -28.47
C ASN E 428 -16.87 -25.41 -27.40
N THR E 429 -18.11 -25.15 -27.78
CA THR E 429 -19.10 -24.81 -26.77
C THR E 429 -19.59 -26.08 -26.11
N ASN E 430 -19.98 -25.96 -24.84
CA ASN E 430 -20.35 -27.13 -24.08
C ASN E 430 -21.77 -27.55 -24.40
N LYS E 431 -21.94 -28.78 -24.87
CA LYS E 431 -23.27 -29.30 -25.23
C LYS E 431 -24.20 -29.44 -24.04
N GLU E 432 -23.69 -29.48 -22.81
CA GLU E 432 -24.54 -29.48 -21.64
C GLU E 432 -24.55 -28.13 -20.95
N GLY E 433 -24.12 -27.08 -21.65
CA GLY E 433 -24.14 -25.75 -21.09
C GLY E 433 -25.55 -25.25 -20.91
N THR E 434 -25.76 -24.51 -19.83
CA THR E 434 -27.06 -23.95 -19.48
C THR E 434 -27.22 -22.49 -19.88
N LEU E 435 -26.33 -21.96 -20.72
CA LEU E 435 -26.40 -20.58 -21.15
C LEU E 435 -27.67 -20.35 -21.97
N ALA E 436 -28.64 -19.67 -21.37
CA ALA E 436 -29.91 -19.40 -22.03
C ALA E 436 -29.73 -18.55 -23.29
N PHE E 437 -30.43 -18.93 -24.35
CA PHE E 437 -30.45 -18.19 -25.61
C PHE E 437 -31.05 -16.80 -25.48
N TYR E 438 -30.37 -15.81 -26.06
CA TYR E 438 -30.75 -14.40 -25.99
C TYR E 438 -31.37 -13.87 -27.27
N THR E 439 -32.69 -13.65 -27.25
CA THR E 439 -33.39 -12.84 -28.22
C THR E 439 -33.18 -11.37 -27.91
N PRO E 440 -32.48 -10.62 -28.75
CA PRO E 440 -32.06 -9.27 -28.37
C PRO E 440 -33.24 -8.31 -28.28
N ASP E 441 -33.04 -7.26 -27.50
CA ASP E 441 -34.12 -6.35 -27.13
C ASP E 441 -33.56 -4.95 -26.99
N ASP E 442 -34.47 -3.96 -27.01
CA ASP E 442 -34.12 -2.55 -26.87
C ASP E 442 -33.79 -2.19 -25.42
N ILE E 443 -32.74 -2.79 -24.89
CA ILE E 443 -32.27 -2.47 -23.54
C ILE E 443 -31.64 -1.08 -23.57
N THR E 444 -32.32 -0.11 -22.96
CA THR E 444 -31.82 1.26 -22.87
C THR E 444 -31.39 1.52 -21.42
N LEU E 445 -30.13 1.91 -21.25
CA LEU E 445 -29.54 2.14 -19.94
C LEU E 445 -29.32 3.65 -19.77
N ASN E 446 -30.34 4.34 -19.27
CA ASN E 446 -30.27 5.79 -19.10
C ASN E 446 -29.33 6.25 -18.00
N ASN E 447 -29.01 5.40 -17.02
CA ASN E 447 -28.17 5.78 -15.89
C ASN E 447 -26.68 5.81 -16.22
N SER E 448 -26.32 6.76 -17.08
CA SER E 448 -24.91 6.97 -17.39
C SER E 448 -24.22 7.56 -16.16
N VAL E 449 -23.11 6.96 -15.75
CA VAL E 449 -22.42 7.33 -14.53
C VAL E 449 -20.92 7.40 -14.77
N ALA E 450 -20.25 8.31 -14.06
CA ALA E 450 -18.81 8.49 -14.16
C ALA E 450 -18.15 8.11 -12.85
N LEU E 451 -16.99 7.45 -12.95
CA LEU E 451 -16.16 7.11 -11.80
C LEU E 451 -15.06 8.10 -11.51
N ASN E 452 -14.81 9.04 -12.41
CA ASN E 452 -13.68 9.94 -12.27
C ASN E 452 -14.14 11.33 -11.87
N PRO E 453 -13.61 11.89 -10.78
CA PRO E 453 -13.95 13.27 -10.40
C PRO E 453 -13.79 14.29 -11.52
N ILE E 454 -12.85 14.08 -12.44
CA ILE E 454 -12.71 15.02 -13.56
C ILE E 454 -13.96 15.01 -14.42
N ASP E 455 -14.46 13.81 -14.76
CA ASP E 455 -15.66 13.72 -15.58
C ASP E 455 -16.85 14.40 -14.91
N ILE E 456 -17.02 14.15 -13.60
CA ILE E 456 -18.13 14.74 -12.86
C ILE E 456 -17.99 16.25 -12.82
N SER E 457 -16.78 16.75 -12.54
CA SER E 457 -16.56 18.19 -12.53
C SER E 457 -16.82 18.82 -13.89
N ILE E 458 -16.37 18.18 -14.96
CA ILE E 458 -16.57 18.70 -16.31
C ILE E 458 -18.05 18.79 -16.65
N GLU E 459 -18.80 17.72 -16.40
CA GLU E 459 -20.21 17.76 -16.75
C GLU E 459 -21.04 18.57 -15.76
N LEU E 460 -20.58 18.73 -14.53
CA LEU E 460 -21.20 19.68 -13.62
C LEU E 460 -20.94 21.12 -14.03
N ASN E 461 -19.75 21.43 -14.54
CA ASN E 461 -19.51 22.75 -15.11
C ASN E 461 -20.39 23.00 -16.32
N LYS E 462 -20.59 21.99 -17.16
CA LYS E 462 -21.53 22.14 -18.28
C LYS E 462 -22.96 22.35 -17.80
N ALA E 463 -23.39 21.61 -16.78
CA ALA E 463 -24.71 21.82 -16.17
C ALA E 463 -24.84 23.21 -15.59
N LYS E 464 -23.82 23.67 -14.86
CA LYS E 464 -23.86 25.02 -14.29
C LYS E 464 -23.91 26.09 -15.37
N SER E 465 -23.21 25.89 -16.49
CA SER E 465 -23.30 26.86 -17.58
C SER E 465 -24.69 26.87 -18.20
N ASP E 466 -25.30 25.69 -18.37
CA ASP E 466 -26.68 25.65 -18.84
C ASP E 466 -27.62 26.31 -17.85
N LEU E 467 -27.37 26.13 -16.56
CA LEU E 467 -28.18 26.77 -15.54
C LEU E 467 -28.06 28.29 -15.60
N GLU E 468 -26.86 28.79 -15.85
CA GLU E 468 -26.68 30.22 -16.04
C GLU E 468 -27.42 30.72 -17.26
N GLU E 469 -27.41 29.94 -18.35
CA GLU E 469 -28.20 30.31 -19.52
C GLU E 469 -29.68 30.37 -19.19
N VAL E 470 -30.17 29.40 -18.41
CA VAL E 470 -31.57 29.40 -18.01
C VAL E 470 -31.89 30.61 -17.15
N LYS E 471 -30.99 30.97 -16.24
CA LYS E 471 -31.23 32.14 -15.39
C LYS E 471 -31.25 33.42 -16.21
N GLU E 472 -30.38 33.52 -17.21
CA GLU E 472 -30.40 34.70 -18.07
C GLU E 472 -31.72 34.78 -18.82
N TRP E 473 -32.17 33.66 -19.38
CA TRP E 473 -33.47 33.64 -20.05
C TRP E 473 -34.56 34.09 -19.09
N ILE E 474 -34.51 33.62 -17.84
CA ILE E 474 -35.55 33.96 -16.86
C ILE E 474 -35.55 35.45 -16.57
N ARG E 475 -34.36 36.04 -16.41
CA ARG E 475 -34.30 37.48 -16.21
C ARG E 475 -34.88 38.24 -17.40
N ARG E 476 -34.54 37.82 -18.62
CA ARG E 476 -35.08 38.50 -19.80
C ARG E 476 -36.59 38.37 -19.89
N VAL E 477 -37.13 37.18 -19.62
CA VAL E 477 -38.58 36.99 -19.72
C VAL E 477 -39.29 37.78 -18.62
N ASN E 478 -38.70 37.83 -17.42
CA ASN E 478 -39.33 38.60 -16.35
C ASN E 478 -39.36 40.07 -16.72
N GLN E 479 -38.28 40.57 -17.32
CA GLN E 479 -38.27 41.96 -17.79
C GLN E 479 -39.35 42.18 -18.85
N LYS E 480 -39.50 41.23 -19.77
CA LYS E 480 -40.55 41.35 -20.77
C LYS E 480 -41.93 41.34 -20.12
N LEU E 481 -42.12 40.54 -19.08
CA LEU E 481 -43.40 40.52 -18.36
C LEU E 481 -43.65 41.88 -17.74
N ASP E 482 -42.62 42.50 -17.17
CA ASP E 482 -42.79 43.82 -16.59
C ASP E 482 -43.20 44.82 -17.66
N SER E 483 -42.55 44.75 -18.84
CA SER E 483 -42.88 45.67 -19.91
C SER E 483 -44.32 45.48 -20.40
N ILE E 484 -44.75 44.23 -20.57
CA ILE E 484 -46.12 43.98 -21.03
C ILE E 484 -47.13 44.46 -19.98
N GLY E 485 -46.84 44.23 -18.69
CA GLY E 485 -47.73 44.70 -17.65
C GLY E 485 -47.82 46.22 -17.62
N SER E 486 -46.69 46.91 -17.80
CA SER E 486 -46.71 48.37 -17.84
C SER E 486 -47.53 48.88 -19.01
N GLY E 487 -47.40 48.23 -20.17
CA GLY E 487 -48.14 48.62 -21.35
C GLY E 487 -49.64 48.39 -21.24
N GLU F 1 -11.10 -13.90 31.99
CA GLU F 1 -11.25 -15.25 32.53
C GLU F 1 -12.51 -15.35 33.35
N VAL F 2 -13.23 -16.45 33.23
CA VAL F 2 -14.39 -16.66 34.08
C VAL F 2 -14.29 -18.11 34.50
N GLN F 3 -14.29 -18.37 35.80
CA GLN F 3 -14.34 -19.76 36.23
C GLN F 3 -15.79 -20.19 36.21
N LEU F 4 -16.07 -21.27 35.51
CA LEU F 4 -17.40 -21.86 35.52
C LEU F 4 -17.26 -23.20 36.23
N VAL F 5 -18.16 -23.50 37.16
CA VAL F 5 -18.11 -24.77 37.88
C VAL F 5 -19.50 -25.40 37.80
N GLU F 6 -19.66 -26.37 36.91
CA GLU F 6 -20.92 -27.07 36.75
C GLU F 6 -21.16 -28.02 37.93
N SER F 7 -22.42 -28.30 38.22
CA SER F 7 -22.76 -29.24 39.27
C SER F 7 -24.21 -29.68 39.11
N GLY F 8 -24.54 -30.79 39.78
CA GLY F 8 -25.89 -31.31 39.80
C GLY F 8 -26.23 -32.38 38.80
N GLY F 9 -25.28 -32.87 38.01
CA GLY F 9 -25.55 -33.92 37.05
C GLY F 9 -25.66 -35.29 37.71
N GLY F 10 -25.41 -36.32 36.90
CA GLY F 10 -25.44 -37.71 37.33
C GLY F 10 -26.54 -38.49 36.63
N LEU F 11 -26.74 -39.72 37.13
CA LEU F 11 -27.84 -40.55 36.67
C LEU F 11 -29.16 -40.14 37.32
N VAL F 12 -30.24 -40.24 36.56
CA VAL F 12 -31.59 -39.96 37.05
C VAL F 12 -32.58 -40.82 36.31
N GLN F 13 -33.72 -41.09 36.94
CA GLN F 13 -34.76 -41.88 36.29
C GLN F 13 -35.38 -41.10 35.13
N PRO F 14 -35.75 -41.78 34.04
CA PRO F 14 -36.40 -41.09 32.92
C PRO F 14 -37.77 -40.55 33.28
N GLY F 15 -38.11 -39.41 32.66
CA GLY F 15 -39.27 -38.64 33.06
C GLY F 15 -39.09 -37.81 34.31
N GLY F 16 -37.92 -37.87 34.94
CA GLY F 16 -37.67 -37.14 36.16
C GLY F 16 -37.27 -35.70 35.90
N SER F 17 -37.01 -34.98 36.99
CA SER F 17 -36.61 -33.59 36.94
C SER F 17 -35.28 -33.43 37.66
N LEU F 18 -34.46 -32.51 37.16
CA LEU F 18 -33.14 -32.31 37.72
C LEU F 18 -32.80 -30.83 37.61
N ARG F 19 -31.96 -30.35 38.52
CA ARG F 19 -31.50 -28.97 38.49
C ARG F 19 -29.99 -28.92 38.42
N LEU F 20 -29.47 -28.26 37.39
CA LEU F 20 -28.05 -28.13 37.15
C LEU F 20 -27.67 -26.71 37.54
N SER F 21 -26.70 -26.57 38.45
CA SER F 21 -26.30 -25.28 38.97
C SER F 21 -24.84 -25.03 38.68
N CYS F 22 -24.59 -23.97 37.92
CA CYS F 22 -23.25 -23.54 37.54
C CYS F 22 -22.86 -22.33 38.36
N SER F 23 -21.70 -22.38 38.98
CA SER F 23 -21.17 -21.25 39.73
C SER F 23 -20.15 -20.53 38.87
N ALA F 24 -20.33 -19.23 38.71
CA ALA F 24 -19.44 -18.42 37.89
C ALA F 24 -18.70 -17.43 38.78
N SER F 25 -17.44 -17.17 38.44
CA SER F 25 -16.63 -16.21 39.18
C SER F 25 -15.63 -15.57 38.25
N GLY F 26 -15.18 -14.37 38.63
CA GLY F 26 -14.29 -13.58 37.81
C GLY F 26 -14.92 -12.26 37.41
N SER F 27 -14.46 -11.72 36.28
CA SER F 27 -14.93 -10.43 35.78
C SER F 27 -16.28 -10.55 35.07
N LEU F 28 -17.27 -11.04 35.82
CA LEU F 28 -18.63 -11.25 35.33
C LEU F 28 -19.34 -9.98 34.91
N SER F 29 -18.90 -8.81 35.36
CA SER F 29 -19.46 -7.57 34.84
C SER F 29 -19.23 -7.37 33.34
N THR F 30 -18.27 -8.06 32.77
CA THR F 30 -18.00 -8.02 31.34
C THR F 30 -18.73 -9.15 30.58
N ILE F 31 -19.45 -10.02 31.28
CA ILE F 31 -20.15 -11.14 30.66
C ILE F 31 -21.51 -10.72 30.10
N LYS F 32 -21.69 -10.91 28.79
CA LYS F 32 -22.96 -10.61 28.14
C LYS F 32 -24.05 -11.62 28.47
N ALA F 33 -23.73 -12.91 28.38
CA ALA F 33 -24.72 -13.94 28.65
C ALA F 33 -24.09 -15.14 29.35
N LEU F 34 -24.89 -15.76 30.20
CA LEU F 34 -24.56 -16.99 30.90
C LEU F 34 -25.59 -18.01 30.45
N GLY F 35 -25.19 -19.26 30.31
CA GLY F 35 -26.14 -20.26 29.88
C GLY F 35 -25.56 -21.64 29.86
N TRP F 36 -26.19 -22.53 29.10
CA TRP F 36 -25.74 -23.90 29.02
C TRP F 36 -25.71 -24.42 27.59
N TYR F 37 -24.70 -25.23 27.30
CA TYR F 37 -24.58 -25.97 26.05
C TYR F 37 -24.61 -27.45 26.38
N ARG F 38 -24.97 -28.27 25.39
CA ARG F 38 -24.92 -29.71 25.55
C ARG F 38 -24.20 -30.32 24.36
N ARG F 39 -23.52 -31.43 24.61
CA ARG F 39 -22.85 -32.20 23.57
C ARG F 39 -23.29 -33.66 23.68
N ALA F 40 -24.19 -34.07 22.80
CA ALA F 40 -24.55 -35.47 22.69
C ALA F 40 -23.50 -36.20 21.86
N PRO F 41 -23.41 -37.53 22.00
CA PRO F 41 -22.46 -38.29 21.19
C PRO F 41 -22.61 -38.05 19.69
N GLY F 42 -21.49 -37.85 19.03
CA GLY F 42 -21.43 -37.79 17.58
C GLY F 42 -21.96 -36.51 16.96
N ARG F 43 -22.19 -35.47 17.75
CA ARG F 43 -22.63 -34.19 17.21
C ARG F 43 -22.00 -33.06 18.01
N GLU F 44 -21.99 -31.88 17.40
CA GLU F 44 -21.36 -30.70 18.01
C GLU F 44 -22.17 -30.20 19.21
N ARG F 45 -21.56 -29.29 19.97
CA ARG F 45 -22.22 -28.65 21.10
C ARG F 45 -23.41 -27.80 20.69
N GLU F 46 -24.61 -28.28 21.02
CA GLU F 46 -25.83 -27.53 20.79
C GLU F 46 -26.12 -26.60 21.97
N LEU F 47 -26.65 -25.42 21.67
CA LEU F 47 -27.13 -24.53 22.70
C LEU F 47 -28.35 -25.10 23.41
N VAL F 48 -28.44 -24.88 24.71
CA VAL F 48 -29.56 -25.35 25.53
C VAL F 48 -30.40 -24.17 26.00
N ALA F 49 -29.79 -23.27 26.78
CA ALA F 49 -30.48 -22.10 27.28
C ALA F 49 -29.43 -21.04 27.56
N SER F 50 -29.85 -19.77 27.52
CA SER F 50 -28.96 -18.70 27.90
C SER F 50 -29.75 -17.56 28.50
N ILE F 51 -29.15 -16.87 29.46
CA ILE F 51 -29.72 -15.69 30.09
C ILE F 51 -28.79 -14.53 29.77
N THR F 52 -29.33 -13.50 29.13
CA THR F 52 -28.61 -12.24 29.05
C THR F 52 -28.76 -11.47 30.36
N SER F 53 -27.81 -10.57 30.61
CA SER F 53 -27.85 -9.74 31.81
C SER F 53 -29.13 -8.93 31.90
N ALA F 54 -29.76 -8.64 30.75
CA ALA F 54 -31.05 -7.97 30.73
C ALA F 54 -32.20 -8.86 31.16
N GLY F 55 -31.96 -10.15 31.37
CA GLY F 55 -33.01 -11.10 31.64
C GLY F 55 -33.55 -11.81 30.42
N GLU F 56 -33.35 -11.25 29.24
CA GLU F 56 -33.81 -11.87 28.01
C GLU F 56 -33.23 -13.28 27.87
N THR F 57 -34.09 -14.23 27.59
CA THR F 57 -33.72 -15.64 27.57
C THR F 57 -34.13 -16.24 26.23
N ASN F 58 -33.31 -17.16 25.72
CA ASN F 58 -33.66 -17.84 24.48
C ASN F 58 -33.30 -19.31 24.64
N TYR F 59 -33.88 -20.14 23.78
CA TYR F 59 -33.73 -21.59 23.81
C TYR F 59 -33.74 -22.12 22.38
N ALA F 60 -33.17 -23.31 22.21
CA ALA F 60 -33.27 -24.00 20.93
C ALA F 60 -34.66 -24.59 20.77
N ASP F 61 -35.01 -24.94 19.52
CA ASP F 61 -36.35 -25.48 19.26
C ASP F 61 -36.61 -26.75 20.03
N SER F 62 -35.56 -27.50 20.36
CA SER F 62 -35.69 -28.68 21.21
C SER F 62 -35.95 -28.31 22.66
N ALA F 63 -35.68 -27.06 23.04
CA ALA F 63 -35.76 -26.63 24.42
C ALA F 63 -36.81 -25.58 24.73
N LYS F 64 -37.36 -24.88 23.74
CA LYS F 64 -38.32 -23.81 23.96
C LYS F 64 -39.52 -24.27 24.79
N GLY F 65 -39.75 -23.58 25.91
CA GLY F 65 -40.84 -23.92 26.82
C GLY F 65 -40.62 -25.17 27.65
N ARG F 66 -39.90 -26.14 27.08
CA ARG F 66 -39.64 -27.40 27.75
C ARG F 66 -38.76 -27.22 28.98
N PHE F 67 -37.61 -26.55 28.82
CA PHE F 67 -36.68 -26.33 29.92
C PHE F 67 -36.88 -24.93 30.49
N THR F 68 -36.26 -24.70 31.65
CA THR F 68 -36.20 -23.34 32.18
C THR F 68 -34.83 -23.12 32.82
N VAL F 69 -34.33 -21.89 32.67
CA VAL F 69 -33.03 -21.48 33.18
C VAL F 69 -33.21 -20.30 34.14
N SER F 70 -32.33 -20.21 35.13
CA SER F 70 -32.48 -19.20 36.17
C SER F 70 -31.11 -18.82 36.70
N THR F 71 -31.06 -17.67 37.37
CA THR F 71 -29.85 -17.18 38.02
C THR F 71 -30.21 -16.68 39.42
N ASP F 72 -29.20 -16.63 40.28
CA ASP F 72 -29.28 -15.92 41.56
C ASP F 72 -28.09 -14.97 41.57
N ASN F 73 -28.31 -13.76 41.05
CA ASN F 73 -27.22 -12.85 40.75
C ASN F 73 -26.51 -12.35 42.01
N ALA F 74 -27.13 -12.51 43.18
CA ALA F 74 -26.45 -12.19 44.44
C ALA F 74 -25.26 -13.10 44.69
N LYS F 75 -25.19 -14.25 44.04
CA LYS F 75 -24.08 -15.18 44.24
C LYS F 75 -23.46 -15.65 42.93
N ASN F 76 -23.80 -15.02 41.81
CA ASN F 76 -23.28 -15.33 40.48
C ASN F 76 -23.51 -16.78 40.05
N THR F 77 -24.62 -17.38 40.43
CA THR F 77 -24.92 -18.74 40.02
C THR F 77 -25.96 -18.73 38.91
N VAL F 78 -25.78 -19.59 37.93
CA VAL F 78 -26.74 -19.76 36.84
C VAL F 78 -27.22 -21.20 36.90
N ASP F 79 -28.53 -21.38 37.05
CA ASP F 79 -29.13 -22.70 37.17
C ASP F 79 -30.06 -23.01 36.03
N LEU F 80 -29.90 -24.20 35.47
CA LEU F 80 -30.79 -24.74 34.44
C LEU F 80 -31.64 -25.78 35.13
N ARG F 81 -32.95 -25.68 35.01
CA ARG F 81 -33.84 -26.66 35.63
C ARG F 81 -34.32 -27.59 34.54
N MET F 82 -33.99 -28.86 34.69
CA MET F 82 -34.34 -29.89 33.72
C MET F 82 -35.62 -30.57 34.20
N ASN F 83 -36.52 -30.85 33.25
CA ASN F 83 -37.76 -31.57 33.54
C ASN F 83 -38.15 -32.47 32.37
N SER F 84 -38.98 -33.49 32.68
CA SER F 84 -39.46 -34.47 31.69
C SER F 84 -38.33 -35.11 30.88
N LEU F 85 -37.24 -35.45 31.57
CA LEU F 85 -36.04 -36.01 30.95
C LEU F 85 -36.33 -37.21 30.07
N LYS F 86 -35.76 -37.17 28.87
CA LYS F 86 -35.85 -38.17 27.82
C LYS F 86 -34.51 -38.84 27.59
N PRO F 87 -34.50 -40.05 27.04
CA PRO F 87 -33.24 -40.60 26.50
C PRO F 87 -32.55 -39.67 25.51
N GLU F 88 -33.31 -38.92 24.71
CA GLU F 88 -32.75 -37.95 23.79
C GLU F 88 -32.04 -36.78 24.47
N ASP F 89 -32.24 -36.57 25.77
CA ASP F 89 -31.57 -35.47 26.46
C ASP F 89 -30.23 -35.82 27.09
N THR F 90 -29.82 -37.09 27.09
CA THR F 90 -28.53 -37.42 27.69
C THR F 90 -27.38 -36.83 26.87
N ALA F 91 -26.52 -36.08 27.55
CA ALA F 91 -25.38 -35.41 26.95
C ALA F 91 -24.52 -34.84 28.07
N VAL F 92 -23.33 -34.38 27.70
CA VAL F 92 -22.52 -33.59 28.61
C VAL F 92 -22.98 -32.15 28.50
N TYR F 93 -23.45 -31.58 29.60
CA TYR F 93 -23.92 -30.20 29.60
C TYR F 93 -22.79 -29.28 30.02
N TYR F 94 -22.49 -28.30 29.18
CA TYR F 94 -21.40 -27.36 29.39
C TYR F 94 -21.98 -25.99 29.71
N CYS F 95 -21.67 -25.49 30.89
CA CYS F 95 -22.05 -24.13 31.23
C CYS F 95 -21.15 -23.17 30.45
N TYR F 96 -21.67 -22.00 30.10
CA TYR F 96 -20.84 -21.06 29.38
C TYR F 96 -21.13 -19.63 29.83
N ALA F 97 -20.13 -18.78 29.65
CA ALA F 97 -20.22 -17.35 29.86
C ALA F 97 -19.71 -16.68 28.60
N GLU F 98 -20.51 -15.80 28.01
CA GLU F 98 -20.12 -15.11 26.78
C GLU F 98 -19.92 -13.62 27.06
N SER F 99 -18.76 -13.12 26.69
CA SER F 99 -18.41 -11.72 26.86
C SER F 99 -19.10 -10.84 25.82
N PHE F 100 -19.20 -9.55 26.16
CA PHE F 100 -19.60 -8.53 25.18
C PHE F 100 -18.71 -8.49 23.94
N VAL F 101 -17.45 -8.88 24.07
CA VAL F 101 -16.53 -8.95 22.93
C VAL F 101 -16.58 -10.33 22.28
N LEU F 102 -17.59 -11.11 22.65
CA LEU F 102 -17.86 -12.46 22.12
C LEU F 102 -16.79 -13.48 22.47
N ASN F 103 -16.05 -13.30 23.55
CA ASN F 103 -15.24 -14.41 24.01
C ASN F 103 -16.17 -15.37 24.75
N ILE F 104 -15.87 -16.65 24.69
CA ILE F 104 -16.69 -17.65 25.35
C ILE F 104 -15.84 -18.44 26.33
N TYR F 105 -16.42 -18.75 27.49
CA TYR F 105 -15.77 -19.48 28.56
C TYR F 105 -16.63 -20.69 28.88
N TRP F 106 -16.00 -21.82 29.19
CA TRP F 106 -16.72 -23.07 29.41
C TRP F 106 -16.40 -23.72 30.73
N GLY F 107 -17.39 -24.38 31.30
CA GLY F 107 -17.18 -25.22 32.45
C GLY F 107 -16.58 -26.55 32.02
N GLN F 108 -16.28 -27.40 33.00
CA GLN F 108 -15.75 -28.71 32.67
C GLN F 108 -16.83 -29.64 32.12
N GLY F 109 -18.09 -29.31 32.36
CA GLY F 109 -19.21 -30.08 31.88
C GLY F 109 -19.57 -31.22 32.80
N THR F 110 -20.86 -31.47 32.94
CA THR F 110 -21.39 -32.52 33.80
C THR F 110 -22.12 -33.56 32.97
N GLN F 111 -21.88 -34.83 33.29
CA GLN F 111 -22.53 -35.91 32.57
C GLN F 111 -23.98 -36.03 33.05
N VAL F 112 -24.91 -36.06 32.09
CA VAL F 112 -26.33 -36.29 32.37
C VAL F 112 -26.76 -37.54 31.63
N THR F 113 -27.36 -38.48 32.36
CA THR F 113 -27.77 -39.76 31.80
C THR F 113 -29.05 -40.21 32.48
N VAL F 114 -29.78 -41.10 31.80
CA VAL F 114 -31.09 -41.55 32.24
C VAL F 114 -31.12 -43.07 32.16
N SER F 115 -31.88 -43.68 33.06
CA SER F 115 -32.00 -45.13 33.09
C SER F 115 -32.64 -45.64 31.80
N SER F 116 -32.27 -46.87 31.42
CA SER F 116 -32.86 -47.49 30.25
C SER F 116 -34.32 -47.88 30.47
N GLY F 117 -34.75 -48.03 31.71
CA GLY F 117 -36.13 -48.38 32.01
C GLY F 117 -36.39 -48.52 33.49
#